data_5IZQ
#
_entry.id   5IZQ
#
_cell.length_a   90.793
_cell.length_b   144.982
_cell.length_c   211.252
_cell.angle_alpha   90.00
_cell.angle_beta   90.00
_cell.angle_gamma   90.00
#
_symmetry.space_group_name_H-M   'P 21 21 21'
#
loop_
_entity.id
_entity.type
_entity.pdbx_description
1 polymer 'Folate receptor alpha'
2 non-polymer 'N-(4-{[2-(2-amino-4-oxo-4,7-dihydro-3H-pyrrolo[2,3-d]pyrimidin-6-yl)ethyl]amino}benzene-1-carbonyl)-L-glutamic acid'
#
_entity_poly.entity_id   1
_entity_poly.type   'polypeptide(L)'
_entity_poly.pdbx_seq_one_letter_code
;MAQRMTTQLLLLLVWVAVVGEAQTRIAWARTELLNVCMNAKHHKEKPGPEDKLHEQCRPWRKNACCSTNTSQEAHKDVSY
LYRFNWNHCGEMAPACKRHFIQDTCLYECSPNLGPWIQQVDQSWRKERVLNVPLCKEDCEQWWEDCRTSYTCKSNWHKGW
NWTSGFNKCAVGAACQPFHFYFPTPTVLCNEIWTHSYKVSNYSRGSGRCIQMWFDPAQGNPNEEVARFYAAAMSGTLV
;
_entity_poly.pdbx_strand_id   A,B,C,D,E,F,G,H
#
# COMPACT_ATOMS: atom_id res chain seq x y z
N ARG A 30 -15.76 8.47 -6.93
CA ARG A 30 -16.28 7.25 -7.52
C ARG A 30 -15.77 6.01 -6.77
N THR A 31 -16.47 5.62 -5.72
CA THR A 31 -16.07 4.47 -4.90
C THR A 31 -16.81 3.19 -5.32
N GLU A 32 -18.09 3.31 -5.67
CA GLU A 32 -18.84 2.15 -6.13
C GLU A 32 -19.08 2.24 -7.63
N LEU A 33 -18.70 1.18 -8.33
CA LEU A 33 -18.70 1.17 -9.79
C LEU A 33 -19.68 0.15 -10.37
N LEU A 34 -20.49 -0.44 -9.51
CA LEU A 34 -21.45 -1.45 -9.94
C LEU A 34 -22.86 -0.96 -9.69
N ASN A 35 -23.77 -1.27 -10.60
CA ASN A 35 -25.16 -0.84 -10.48
C ASN A 35 -25.26 0.67 -10.38
N VAL A 36 -24.56 1.36 -11.28
CA VAL A 36 -24.54 2.83 -11.29
C VAL A 36 -24.69 3.42 -12.68
N CYS A 37 -25.23 4.63 -12.75
CA CYS A 37 -25.40 5.32 -14.01
C CYS A 37 -24.40 6.46 -14.15
N MET A 38 -23.79 6.57 -15.32
CA MET A 38 -22.91 7.69 -15.62
C MET A 38 -23.74 8.96 -15.68
N ASN A 39 -23.08 10.12 -15.62
CA ASN A 39 -23.77 11.39 -15.71
C ASN A 39 -23.60 12.04 -17.09
N ALA A 40 -24.44 11.62 -18.04
CA ALA A 40 -24.47 12.20 -19.37
C ALA A 40 -25.77 12.94 -19.61
N LYS A 41 -26.07 13.20 -20.87
CA LYS A 41 -27.16 14.09 -21.24
C LYS A 41 -28.53 13.55 -20.83
N HIS A 42 -28.68 12.22 -20.76
CA HIS A 42 -30.01 11.66 -20.59
C HIS A 42 -30.20 10.66 -19.45
N HIS A 43 -29.11 10.08 -18.96
CA HIS A 43 -29.18 9.01 -17.95
C HIS A 43 -30.02 9.37 -16.75
N LYS A 44 -30.53 8.35 -16.05
CA LYS A 44 -31.17 8.57 -14.77
C LYS A 44 -30.07 8.69 -13.73
N GLU A 45 -30.45 9.07 -12.52
CA GLU A 45 -29.48 9.19 -11.43
C GLU A 45 -29.01 7.82 -10.98
N LYS A 46 -29.96 6.90 -10.91
CA LYS A 46 -29.71 5.56 -10.41
C LYS A 46 -30.42 4.52 -11.26
N PRO A 47 -29.86 3.31 -11.34
CA PRO A 47 -30.50 2.21 -12.07
C PRO A 47 -31.88 1.88 -11.53
N GLY A 48 -32.67 1.14 -12.31
CA GLY A 48 -34.01 0.79 -11.90
C GLY A 48 -34.81 0.12 -13.01
N PRO A 49 -35.73 -0.77 -12.62
CA PRO A 49 -36.61 -1.54 -13.51
C PRO A 49 -37.42 -0.66 -14.47
N GLU A 50 -37.59 -1.12 -15.71
CA GLU A 50 -38.25 -0.34 -16.75
C GLU A 50 -38.95 -1.23 -17.77
N ASP A 51 -40.01 -1.93 -17.38
CA ASP A 51 -40.64 -2.93 -18.25
C ASP A 51 -41.26 -2.38 -19.54
N LYS A 52 -41.04 -1.09 -19.81
CA LYS A 52 -41.61 -0.43 -20.98
C LYS A 52 -40.57 0.01 -22.02
N LEU A 53 -39.34 -0.48 -21.90
CA LEU A 53 -38.27 -0.14 -22.85
C LEU A 53 -38.58 -0.65 -24.24
N HIS A 54 -38.16 0.11 -25.25
CA HIS A 54 -38.44 -0.23 -26.64
C HIS A 54 -37.64 -1.42 -27.15
N GLU A 55 -37.96 -1.84 -28.38
CA GLU A 55 -37.49 -3.08 -28.99
C GLU A 55 -36.12 -3.72 -28.93
N GLN A 56 -35.07 -2.91 -28.97
CA GLN A 56 -33.71 -3.41 -28.99
C GLN A 56 -33.21 -3.15 -27.57
N CYS A 57 -33.77 -2.16 -26.86
CA CYS A 57 -33.26 -1.87 -25.53
C CYS A 57 -33.78 -2.88 -24.50
N ARG A 58 -34.77 -3.68 -24.93
CA ARG A 58 -35.43 -4.71 -24.12
C ARG A 58 -34.55 -5.53 -23.16
N PRO A 59 -33.30 -5.85 -23.55
CA PRO A 59 -32.56 -6.70 -22.60
C PRO A 59 -32.16 -6.01 -21.31
N TRP A 60 -32.46 -4.74 -21.17
CA TRP A 60 -32.13 -4.03 -19.93
C TRP A 60 -33.38 -3.69 -19.10
N ARG A 61 -34.52 -4.30 -19.42
CA ARG A 61 -35.78 -4.04 -18.72
C ARG A 61 -35.68 -4.34 -17.22
N LYS A 62 -34.82 -5.29 -16.86
CA LYS A 62 -34.62 -5.66 -15.45
C LYS A 62 -33.98 -4.53 -14.67
N ASN A 63 -33.03 -3.85 -15.30
CA ASN A 63 -32.25 -2.81 -14.62
C ASN A 63 -31.54 -1.86 -15.57
N ALA A 64 -32.12 -0.68 -15.77
CA ALA A 64 -31.63 0.22 -16.81
C ALA A 64 -31.35 1.63 -16.30
N CYS A 65 -30.51 2.33 -17.06
CA CYS A 65 -30.20 3.72 -16.78
C CYS A 65 -31.03 4.66 -17.64
N CYS A 66 -31.78 4.09 -18.58
CA CYS A 66 -32.54 4.90 -19.53
C CYS A 66 -34.02 4.93 -19.20
N SER A 67 -34.74 5.84 -19.85
CA SER A 67 -36.18 5.91 -19.67
C SER A 67 -36.85 5.31 -20.89
N THR A 68 -38.15 5.05 -20.78
CA THR A 68 -38.92 4.50 -21.88
C THR A 68 -38.73 5.37 -23.12
N ASN A 69 -38.75 6.69 -22.92
CA ASN A 69 -38.55 7.64 -24.01
C ASN A 69 -37.13 7.57 -24.60
N THR A 70 -36.12 7.50 -23.74
CA THR A 70 -34.74 7.41 -24.21
C THR A 70 -34.57 6.22 -25.14
N SER A 71 -34.96 5.05 -24.66
CA SER A 71 -34.89 3.81 -25.43
C SER A 71 -35.70 3.93 -26.70
N GLN A 72 -36.82 4.63 -26.62
CA GLN A 72 -37.67 4.82 -27.79
C GLN A 72 -36.95 5.67 -28.84
N GLU A 73 -36.30 6.74 -28.41
CA GLU A 73 -35.62 7.60 -29.38
C GLU A 73 -34.36 6.95 -29.94
N ALA A 74 -33.78 6.01 -29.19
CA ALA A 74 -32.63 5.23 -29.66
C ALA A 74 -32.86 4.76 -31.09
N HIS A 75 -34.03 4.17 -31.28
CA HIS A 75 -34.42 3.49 -32.49
C HIS A 75 -34.75 4.39 -33.65
N LYS A 76 -34.59 5.70 -33.50
CA LYS A 76 -35.11 6.57 -34.53
C LYS A 76 -34.03 7.42 -35.20
N ASP A 77 -34.37 7.90 -36.39
CA ASP A 77 -33.45 8.67 -37.21
C ASP A 77 -33.45 10.14 -36.81
N VAL A 78 -32.26 10.69 -36.60
CA VAL A 78 -32.11 12.05 -36.10
C VAL A 78 -32.94 12.18 -34.82
N SER A 79 -32.56 11.41 -33.80
CA SER A 79 -33.39 11.26 -32.61
C SER A 79 -33.46 12.51 -31.75
N TYR A 80 -34.34 12.49 -30.75
CA TYR A 80 -34.43 13.58 -29.81
C TYR A 80 -33.23 13.55 -28.86
N LEU A 81 -32.57 12.41 -28.82
CA LEU A 81 -31.40 12.22 -27.97
C LEU A 81 -30.25 13.15 -28.36
N TYR A 82 -29.85 13.10 -29.62
CA TYR A 82 -28.67 13.85 -30.06
C TYR A 82 -28.83 14.45 -31.45
N ARG A 83 -30.04 14.38 -31.98
CA ARG A 83 -30.35 14.81 -33.36
C ARG A 83 -29.34 14.20 -34.33
N PHE A 84 -28.86 13.00 -34.02
CA PHE A 84 -27.78 12.43 -34.82
C PHE A 84 -28.31 11.78 -36.08
N ASN A 85 -27.64 12.07 -37.20
CA ASN A 85 -28.05 11.59 -38.51
C ASN A 85 -27.22 10.40 -38.96
N TRP A 86 -27.82 9.21 -38.98
CA TRP A 86 -27.09 8.03 -39.42
C TRP A 86 -26.92 8.09 -40.93
N ASN A 87 -27.89 8.66 -41.63
CA ASN A 87 -27.88 8.61 -43.09
C ASN A 87 -27.17 9.78 -43.71
N HIS A 88 -26.09 10.23 -43.08
CA HIS A 88 -25.30 11.36 -43.56
C HIS A 88 -24.60 11.10 -44.88
N CYS A 89 -24.44 9.84 -45.24
CA CYS A 89 -23.87 9.46 -46.52
C CYS A 89 -24.81 8.50 -47.24
N GLY A 90 -25.92 9.03 -47.73
CA GLY A 90 -26.97 8.17 -48.29
C GLY A 90 -27.58 7.29 -47.20
N GLU A 91 -28.69 6.62 -47.52
CA GLU A 91 -29.37 5.83 -46.52
C GLU A 91 -28.48 4.73 -45.98
N MET A 92 -28.42 4.61 -44.65
CA MET A 92 -27.62 3.57 -44.02
C MET A 92 -28.40 2.27 -43.98
N ALA A 93 -27.75 1.20 -44.38
CA ALA A 93 -28.37 -0.11 -44.45
C ALA A 93 -28.89 -0.53 -43.08
N PRO A 94 -30.11 -1.08 -43.04
CA PRO A 94 -30.73 -1.57 -41.81
C PRO A 94 -29.80 -2.47 -41.01
N ALA A 95 -29.13 -3.38 -41.71
CA ALA A 95 -28.27 -4.37 -41.04
C ALA A 95 -27.11 -3.71 -40.30
N CYS A 96 -26.79 -2.48 -40.69
CA CYS A 96 -25.73 -1.74 -40.03
C CYS A 96 -26.29 -0.90 -38.88
N LYS A 97 -27.30 -0.09 -39.21
CA LYS A 97 -27.94 0.83 -38.28
C LYS A 97 -28.36 0.14 -36.99
N ARG A 98 -28.77 -1.11 -37.09
CA ARG A 98 -29.20 -1.88 -35.93
C ARG A 98 -28.11 -1.99 -34.88
N HIS A 99 -26.86 -2.08 -35.32
CA HIS A 99 -25.72 -2.14 -34.41
C HIS A 99 -25.56 -0.83 -33.64
N PHE A 100 -25.74 0.28 -34.34
CA PHE A 100 -25.67 1.59 -33.73
C PHE A 100 -26.80 1.75 -32.71
N ILE A 101 -27.95 1.17 -32.99
CA ILE A 101 -29.07 1.26 -32.07
C ILE A 101 -28.77 0.47 -30.80
N GLN A 102 -28.07 -0.64 -30.94
CA GLN A 102 -27.72 -1.45 -29.77
C GLN A 102 -26.70 -0.74 -28.93
N ASP A 103 -25.70 -0.16 -29.61
CA ASP A 103 -24.67 0.63 -28.94
C ASP A 103 -25.29 1.74 -28.11
N THR A 104 -26.14 2.53 -28.76
CA THR A 104 -26.95 3.55 -28.10
C THR A 104 -27.65 2.99 -26.88
N CYS A 105 -28.25 1.82 -27.03
CA CYS A 105 -28.90 1.20 -25.90
C CYS A 105 -27.89 0.94 -24.79
N LEU A 106 -26.82 0.22 -25.13
CA LEU A 106 -25.77 -0.10 -24.17
C LEU A 106 -25.25 1.12 -23.43
N TYR A 107 -25.00 2.18 -24.18
CA TYR A 107 -24.46 3.41 -23.60
C TYR A 107 -25.48 4.09 -22.71
N GLU A 108 -26.71 4.19 -23.19
CA GLU A 108 -27.76 4.90 -22.45
C GLU A 108 -28.45 4.08 -21.36
N CYS A 109 -28.27 2.76 -21.38
CA CYS A 109 -29.06 1.92 -20.48
C CYS A 109 -28.26 1.03 -19.54
N SER A 110 -27.03 0.68 -19.90
CA SER A 110 -26.30 -0.27 -19.08
C SER A 110 -25.97 0.29 -17.71
N PRO A 111 -26.24 -0.50 -16.67
CA PRO A 111 -25.82 -0.19 -15.31
C PRO A 111 -24.42 -0.75 -14.99
N ASN A 112 -23.81 -1.45 -15.94
CA ASN A 112 -22.58 -2.16 -15.63
C ASN A 112 -21.35 -1.57 -16.32
N LEU A 113 -21.35 -0.26 -16.50
CA LEU A 113 -20.25 0.37 -17.20
C LEU A 113 -19.38 1.18 -16.25
N GLY A 114 -19.73 1.17 -14.96
CA GLY A 114 -18.99 1.88 -13.94
C GLY A 114 -17.48 1.94 -14.10
N PRO A 115 -16.81 0.78 -14.06
CA PRO A 115 -15.34 0.65 -14.12
C PRO A 115 -14.66 1.38 -15.27
N TRP A 116 -15.42 2.04 -16.14
CA TRP A 116 -14.84 2.72 -17.28
C TRP A 116 -15.37 4.14 -17.37
N ILE A 117 -16.12 4.55 -16.35
CA ILE A 117 -16.66 5.89 -16.27
C ILE A 117 -15.57 6.88 -15.89
N GLN A 118 -15.54 8.03 -16.57
CA GLN A 118 -14.65 9.12 -16.16
C GLN A 118 -15.35 10.47 -16.29
N GLN A 119 -14.70 11.51 -15.76
CA GLN A 119 -15.18 12.88 -15.91
C GLN A 119 -14.51 13.50 -17.13
N VAL A 120 -15.25 14.35 -17.84
CA VAL A 120 -14.66 15.08 -18.97
C VAL A 120 -15.12 16.53 -18.99
N ASP A 121 -16.31 16.78 -18.45
CA ASP A 121 -16.87 18.13 -18.35
C ASP A 121 -17.00 18.82 -19.70
N GLN A 122 -17.99 18.42 -20.48
CA GLN A 122 -18.31 19.11 -21.73
C GLN A 122 -19.70 19.70 -21.67
N SER A 123 -20.09 20.38 -22.72
CA SER A 123 -21.32 21.16 -22.70
C SER A 123 -22.57 20.28 -22.60
N TRP A 124 -22.42 18.98 -22.76
CA TRP A 124 -23.59 18.10 -22.84
C TRP A 124 -23.49 16.85 -21.97
N ARG A 125 -22.31 16.58 -21.41
CA ARG A 125 -22.17 15.50 -20.42
C ARG A 125 -20.98 15.71 -19.50
N LYS A 126 -21.22 15.57 -18.20
CA LYS A 126 -20.17 15.74 -17.20
C LYS A 126 -19.28 14.52 -17.20
N GLU A 127 -19.89 13.36 -17.31
CA GLU A 127 -19.15 12.11 -17.36
C GLU A 127 -19.33 11.42 -18.70
N ARG A 128 -18.53 10.39 -18.93
CA ARG A 128 -18.69 9.48 -20.06
C ARG A 128 -17.87 8.21 -19.81
N VAL A 129 -17.98 7.24 -20.70
CA VAL A 129 -17.20 6.00 -20.58
C VAL A 129 -16.00 6.02 -21.52
N LEU A 130 -14.93 5.35 -21.11
CA LEU A 130 -13.71 5.29 -21.91
C LEU A 130 -13.03 3.94 -21.78
N ASN A 131 -12.61 3.40 -22.93
CA ASN A 131 -12.00 2.07 -23.03
C ASN A 131 -12.84 0.96 -22.43
N VAL A 132 -14.08 0.82 -22.92
CA VAL A 132 -14.91 -0.32 -22.58
C VAL A 132 -14.44 -1.48 -23.45
N PRO A 133 -14.17 -2.63 -22.83
CA PRO A 133 -13.63 -3.82 -23.51
C PRO A 133 -14.73 -4.60 -24.23
N LEU A 134 -15.08 -4.11 -25.41
CA LEU A 134 -16.11 -4.72 -26.25
C LEU A 134 -15.66 -6.10 -26.71
N CYS A 135 -16.56 -7.08 -26.65
CA CYS A 135 -16.22 -8.44 -27.03
C CYS A 135 -15.89 -8.54 -28.51
N LYS A 136 -14.74 -9.18 -28.79
CA LYS A 136 -14.18 -9.31 -30.14
C LYS A 136 -15.23 -9.43 -31.24
N GLU A 137 -16.20 -10.31 -31.02
CA GLU A 137 -17.20 -10.63 -32.02
C GLU A 137 -18.14 -9.47 -32.27
N ASP A 138 -18.70 -8.91 -31.20
CA ASP A 138 -19.57 -7.75 -31.30
C ASP A 138 -18.98 -6.72 -32.24
N CYS A 139 -17.68 -6.50 -32.08
CA CYS A 139 -16.94 -5.55 -32.89
C CYS A 139 -16.82 -6.01 -34.32
N GLU A 140 -16.41 -7.28 -34.51
CA GLU A 140 -16.26 -7.84 -35.84
C GLU A 140 -17.59 -7.82 -36.59
N GLN A 141 -18.66 -8.25 -35.92
CA GLN A 141 -19.95 -8.29 -36.56
C GLN A 141 -20.44 -6.90 -36.90
N TRP A 142 -20.29 -5.98 -35.96
CA TRP A 142 -20.62 -4.59 -36.19
C TRP A 142 -19.87 -4.08 -37.41
N TRP A 143 -18.57 -4.33 -37.42
CA TRP A 143 -17.72 -3.95 -38.55
C TRP A 143 -18.22 -4.57 -39.83
N GLU A 144 -18.62 -5.84 -39.72
CA GLU A 144 -19.00 -6.64 -40.87
C GLU A 144 -20.28 -6.15 -41.51
N ASP A 145 -21.26 -5.82 -40.68
CA ASP A 145 -22.59 -5.50 -41.14
C ASP A 145 -22.64 -4.11 -41.76
N CYS A 146 -21.57 -3.35 -41.59
CA CYS A 146 -21.55 -1.99 -42.09
C CYS A 146 -20.83 -1.85 -43.43
N ARG A 147 -20.15 -2.91 -43.86
CA ARG A 147 -19.38 -2.93 -45.10
C ARG A 147 -20.09 -2.22 -46.25
N THR A 148 -21.40 -2.47 -46.35
CA THR A 148 -22.20 -2.00 -47.47
C THR A 148 -22.62 -0.55 -47.33
N SER A 149 -22.50 -0.01 -46.13
CA SER A 149 -22.94 1.36 -45.83
C SER A 149 -21.84 2.38 -46.13
N TYR A 150 -22.12 3.67 -45.87
CA TYR A 150 -21.20 4.74 -46.23
C TYR A 150 -21.03 5.79 -45.12
N THR A 151 -19.85 6.39 -45.07
CA THR A 151 -19.60 7.47 -44.12
C THR A 151 -18.59 8.47 -44.68
N CYS A 152 -18.36 9.59 -43.98
CA CYS A 152 -17.42 10.61 -44.43
C CYS A 152 -16.40 10.99 -43.38
N LYS A 153 -16.58 10.49 -42.16
CA LYS A 153 -15.68 10.78 -41.07
C LYS A 153 -15.22 9.50 -40.35
N SER A 154 -14.11 9.57 -39.63
CA SER A 154 -13.66 8.41 -38.85
C SER A 154 -13.82 8.73 -37.37
N ASN A 155 -14.18 9.97 -37.08
CA ASN A 155 -14.54 10.40 -35.74
C ASN A 155 -15.93 11.02 -35.78
N TRP A 156 -16.90 10.36 -35.14
CA TRP A 156 -18.29 10.80 -35.20
C TRP A 156 -18.69 11.69 -34.02
N HIS A 157 -17.73 12.03 -33.17
CA HIS A 157 -18.00 12.90 -32.03
C HIS A 157 -17.70 14.37 -32.38
N LYS A 158 -16.63 14.62 -33.14
CA LYS A 158 -16.25 15.98 -33.46
C LYS A 158 -16.07 16.19 -34.97
N GLY A 159 -16.54 17.32 -35.49
CA GLY A 159 -16.28 17.71 -36.87
C GLY A 159 -17.47 17.96 -37.77
N TRP A 160 -18.67 17.71 -37.28
CA TRP A 160 -19.86 17.79 -38.13
C TRP A 160 -20.37 19.23 -38.33
N ASN A 161 -20.94 19.52 -39.49
CA ASN A 161 -21.61 20.79 -39.73
C ASN A 161 -23.08 20.69 -39.28
N TRP A 162 -23.35 21.25 -38.12
CA TRP A 162 -24.68 21.14 -37.49
C TRP A 162 -25.65 22.28 -37.84
N THR A 163 -25.26 23.13 -38.79
CA THR A 163 -26.09 24.24 -39.25
C THR A 163 -27.53 23.84 -39.54
N SER A 164 -27.66 22.78 -40.32
CA SER A 164 -28.95 22.30 -40.80
C SER A 164 -29.91 21.95 -39.68
N GLY A 165 -29.35 21.70 -38.50
CA GLY A 165 -30.13 21.28 -37.35
C GLY A 165 -29.67 19.92 -36.85
N PHE A 166 -29.04 19.19 -37.77
CA PHE A 166 -28.48 17.89 -37.46
C PHE A 166 -27.15 17.76 -38.18
N ASN A 167 -26.33 16.81 -37.75
CA ASN A 167 -24.99 16.69 -38.31
C ASN A 167 -25.00 16.33 -39.81
N LYS A 168 -24.34 17.16 -40.61
CA LYS A 168 -24.13 16.85 -42.03
C LYS A 168 -22.64 16.75 -42.31
N CYS A 169 -22.29 16.24 -43.48
CA CYS A 169 -20.90 15.99 -43.82
C CYS A 169 -20.08 17.29 -43.91
N ALA A 170 -18.86 17.26 -43.39
CA ALA A 170 -17.99 18.44 -43.39
C ALA A 170 -17.53 18.77 -44.81
N VAL A 171 -16.87 17.80 -45.44
CA VAL A 171 -16.55 17.89 -46.86
C VAL A 171 -17.54 17.00 -47.60
N GLY A 172 -18.56 17.62 -48.18
CA GLY A 172 -19.66 16.89 -48.79
C GLY A 172 -19.25 15.77 -49.73
N ALA A 173 -18.08 15.91 -50.34
CA ALA A 173 -17.59 14.92 -51.30
C ALA A 173 -16.71 13.86 -50.63
N ALA A 174 -16.68 13.85 -49.30
CA ALA A 174 -15.84 12.89 -48.58
C ALA A 174 -16.47 11.50 -48.47
N CYS A 175 -17.65 11.33 -49.08
CA CYS A 175 -18.43 10.11 -48.89
C CYS A 175 -17.80 8.89 -49.52
N GLN A 176 -17.34 7.99 -48.67
CA GLN A 176 -16.65 6.76 -49.07
C GLN A 176 -17.28 5.52 -48.41
N PRO A 177 -16.95 4.32 -48.95
CA PRO A 177 -17.37 3.07 -48.30
C PRO A 177 -16.99 3.03 -46.82
N PHE A 178 -17.80 2.36 -46.01
CA PHE A 178 -17.64 2.36 -44.56
C PHE A 178 -16.28 1.84 -44.12
N HIS A 179 -15.69 0.95 -44.92
CA HIS A 179 -14.45 0.32 -44.53
C HIS A 179 -13.23 1.14 -44.99
N PHE A 180 -13.53 2.23 -45.67
CA PHE A 180 -12.49 3.13 -46.14
C PHE A 180 -12.01 3.98 -44.97
N TYR A 181 -12.95 4.40 -44.13
CA TYR A 181 -12.61 5.20 -42.95
C TYR A 181 -12.40 4.31 -41.73
N PHE A 182 -13.02 3.13 -41.74
CA PHE A 182 -12.78 2.16 -40.68
C PHE A 182 -12.23 0.86 -41.28
N PRO A 183 -10.92 0.84 -41.53
CA PRO A 183 -10.24 -0.26 -42.23
C PRO A 183 -10.39 -1.62 -41.56
N THR A 184 -10.34 -1.66 -40.24
CA THR A 184 -10.50 -2.92 -39.53
C THR A 184 -11.57 -2.77 -38.47
N PRO A 185 -12.08 -3.90 -37.94
CA PRO A 185 -13.04 -3.85 -36.83
C PRO A 185 -12.56 -2.99 -35.68
N THR A 186 -11.34 -3.26 -35.23
CA THR A 186 -10.80 -2.56 -34.08
C THR A 186 -10.76 -1.06 -34.31
N VAL A 187 -10.49 -0.63 -35.54
CA VAL A 187 -10.55 0.79 -35.89
C VAL A 187 -11.97 1.35 -35.68
N LEU A 188 -12.96 0.66 -36.22
CA LEU A 188 -14.35 1.06 -36.10
C LEU A 188 -14.72 1.29 -34.65
N CYS A 189 -14.67 0.21 -33.88
CA CYS A 189 -15.19 0.23 -32.52
C CYS A 189 -14.43 1.18 -31.60
N ASN A 190 -13.15 1.39 -31.86
CA ASN A 190 -12.38 2.28 -31.02
C ASN A 190 -12.57 3.75 -31.38
N GLU A 191 -12.29 4.08 -32.64
CA GLU A 191 -12.23 5.48 -33.08
C GLU A 191 -13.58 6.18 -33.33
N ILE A 192 -14.63 5.43 -33.63
CA ILE A 192 -15.86 6.06 -34.09
C ILE A 192 -16.51 6.80 -32.95
N TRP A 193 -16.28 6.32 -31.73
CA TRP A 193 -16.79 7.00 -30.56
C TRP A 193 -15.67 7.47 -29.62
N THR A 194 -14.65 8.10 -30.22
CA THR A 194 -13.48 8.65 -29.53
C THR A 194 -13.04 7.86 -28.31
N HIS A 195 -12.86 6.55 -28.53
CA HIS A 195 -12.32 5.59 -27.56
C HIS A 195 -13.27 5.21 -26.41
N SER A 196 -14.58 5.33 -26.62
CA SER A 196 -15.53 4.78 -25.66
C SER A 196 -15.36 3.26 -25.55
N TYR A 197 -14.98 2.62 -26.65
CA TYR A 197 -14.66 1.19 -26.62
C TYR A 197 -13.15 0.95 -26.73
N LYS A 198 -12.74 -0.23 -26.28
CA LYS A 198 -11.37 -0.72 -26.40
C LYS A 198 -11.46 -2.21 -26.70
N VAL A 199 -11.44 -2.55 -27.98
CA VAL A 199 -11.84 -3.90 -28.37
C VAL A 199 -10.97 -4.95 -27.74
N SER A 200 -11.61 -5.80 -26.95
CA SER A 200 -10.90 -6.87 -26.25
C SER A 200 -10.48 -7.99 -27.21
N ASN A 201 -9.45 -8.73 -26.82
CA ASN A 201 -9.07 -9.94 -27.53
C ASN A 201 -10.00 -11.06 -27.10
N TYR A 202 -10.57 -10.89 -25.90
CA TYR A 202 -11.50 -11.85 -25.34
C TYR A 202 -12.78 -11.94 -26.16
N SER A 203 -13.34 -13.15 -26.23
CA SER A 203 -14.55 -13.38 -27.00
C SER A 203 -15.78 -13.39 -26.13
N ARG A 204 -16.95 -13.41 -26.76
CA ARG A 204 -18.23 -13.40 -26.03
C ARG A 204 -18.32 -14.57 -25.06
N GLY A 205 -18.58 -14.26 -23.79
CA GLY A 205 -18.74 -15.30 -22.79
C GLY A 205 -17.47 -15.62 -22.02
N SER A 206 -16.38 -14.92 -22.31
CA SER A 206 -15.13 -15.16 -21.59
C SER A 206 -15.19 -14.56 -20.19
N GLY A 207 -16.25 -13.78 -19.94
CA GLY A 207 -16.45 -13.13 -18.65
C GLY A 207 -15.54 -11.92 -18.49
N ARG A 208 -14.86 -11.56 -19.58
CA ARG A 208 -13.81 -10.56 -19.52
C ARG A 208 -14.04 -9.42 -20.50
N CYS A 209 -15.19 -9.40 -21.14
CA CYS A 209 -15.49 -8.32 -22.07
C CYS A 209 -16.96 -7.97 -22.06
N ILE A 210 -17.28 -6.77 -22.54
CA ILE A 210 -18.65 -6.32 -22.56
C ILE A 210 -19.32 -6.68 -23.87
N GLN A 211 -20.50 -7.30 -23.76
CA GLN A 211 -21.32 -7.59 -24.92
C GLN A 211 -22.38 -6.49 -25.07
N MET A 212 -22.48 -5.89 -26.25
CA MET A 212 -23.54 -4.92 -26.51
C MET A 212 -24.75 -5.65 -27.12
N TRP A 213 -24.53 -6.91 -27.51
CA TRP A 213 -25.60 -7.82 -27.89
C TRP A 213 -25.60 -9.01 -26.97
N PHE A 214 -26.77 -9.36 -26.43
CA PHE A 214 -26.88 -10.57 -25.63
C PHE A 214 -28.32 -10.97 -25.46
N ASP A 215 -28.55 -12.24 -25.16
CA ASP A 215 -29.88 -12.75 -24.86
C ASP A 215 -30.22 -12.53 -23.40
N PRO A 216 -31.20 -11.66 -23.12
CA PRO A 216 -31.65 -11.38 -21.76
C PRO A 216 -32.22 -12.61 -21.08
N ALA A 217 -32.74 -13.53 -21.88
CA ALA A 217 -33.26 -14.77 -21.36
C ALA A 217 -32.16 -15.62 -20.74
N GLN A 218 -30.93 -15.43 -21.19
CA GLN A 218 -29.80 -16.16 -20.63
C GLN A 218 -29.05 -15.34 -19.58
N GLY A 219 -29.68 -14.27 -19.11
CA GLY A 219 -29.07 -13.40 -18.10
C GLY A 219 -28.10 -12.36 -18.65
N ASN A 220 -27.94 -11.27 -17.89
CA ASN A 220 -27.06 -10.17 -18.28
C ASN A 220 -25.59 -10.51 -18.01
N PRO A 221 -24.80 -10.69 -19.07
CA PRO A 221 -23.45 -11.22 -18.95
C PRO A 221 -22.46 -10.14 -18.52
N ASN A 222 -22.86 -8.89 -18.66
CA ASN A 222 -22.00 -7.76 -18.27
C ASN A 222 -21.88 -7.61 -16.76
N GLU A 223 -22.91 -8.06 -16.04
CA GLU A 223 -22.94 -7.97 -14.57
C GLU A 223 -21.70 -8.60 -13.95
N GLU A 224 -21.29 -9.75 -14.49
CA GLU A 224 -20.08 -10.46 -14.05
C GLU A 224 -18.81 -9.81 -14.57
N VAL A 225 -18.90 -9.15 -15.72
CA VAL A 225 -17.74 -8.48 -16.30
C VAL A 225 -17.37 -7.22 -15.52
N ALA A 226 -18.36 -6.40 -15.20
CA ALA A 226 -18.15 -5.21 -14.39
C ALA A 226 -17.57 -5.57 -13.03
N ARG A 227 -18.18 -6.56 -12.39
CA ARG A 227 -17.73 -7.03 -11.09
C ARG A 227 -16.26 -7.43 -11.12
N PHE A 228 -15.85 -8.14 -12.18
CA PHE A 228 -14.47 -8.58 -12.33
C PHE A 228 -13.51 -7.42 -12.40
N TYR A 229 -13.81 -6.46 -13.26
CA TYR A 229 -12.89 -5.36 -13.52
C TYR A 229 -12.85 -4.34 -12.40
N ALA A 230 -13.94 -4.23 -11.65
CA ALA A 230 -13.98 -3.35 -10.49
C ALA A 230 -13.03 -3.86 -9.40
N ALA A 231 -12.73 -5.14 -9.44
CA ALA A 231 -11.83 -5.76 -8.47
C ALA A 231 -10.38 -5.64 -8.90
N ALA A 232 -10.14 -5.74 -10.21
CA ALA A 232 -8.77 -5.71 -10.74
C ALA A 232 -8.15 -4.32 -10.60
N MET A 233 -8.99 -3.29 -10.50
CA MET A 233 -8.52 -1.92 -10.38
C MET A 233 -8.84 -1.34 -9.01
N SER A 234 -9.32 -2.20 -8.11
CA SER A 234 -9.81 -1.80 -6.79
C SER A 234 -8.72 -1.19 -5.91
N GLY A 235 -9.14 -0.67 -4.75
CA GLY A 235 -8.23 -0.02 -3.83
C GLY A 235 -7.81 1.35 -4.34
N THR A 236 -6.52 1.52 -4.57
CA THR A 236 -5.99 2.74 -5.15
C THR A 236 -5.44 2.48 -6.55
N GLU B 32 14.93 18.37 -41.41
CA GLU B 32 15.19 18.58 -42.82
C GLU B 32 14.06 17.97 -43.67
N LEU B 33 13.60 16.79 -43.26
CA LEU B 33 12.57 16.07 -44.01
C LEU B 33 11.17 16.21 -43.39
N LEU B 34 11.10 16.84 -42.23
CA LEU B 34 9.84 16.96 -41.49
C LEU B 34 9.35 18.41 -41.46
N ASN B 35 8.04 18.58 -41.52
CA ASN B 35 7.39 19.89 -41.53
C ASN B 35 8.00 20.86 -42.56
N VAL B 36 8.23 20.37 -43.77
CA VAL B 36 8.83 21.20 -44.80
C VAL B 36 7.92 21.29 -46.03
N CYS B 37 8.18 22.28 -46.87
CA CYS B 37 7.49 22.41 -48.13
C CYS B 37 8.47 22.35 -49.29
N MET B 38 8.12 21.60 -50.32
CA MET B 38 8.95 21.52 -51.50
C MET B 38 9.01 22.87 -52.20
N ASN B 39 9.97 23.05 -53.09
CA ASN B 39 10.06 24.28 -53.87
C ASN B 39 9.37 24.10 -55.21
N ALA B 40 8.03 24.14 -55.19
CA ALA B 40 7.25 23.95 -56.39
C ALA B 40 6.60 25.25 -56.85
N LYS B 41 5.62 25.14 -57.74
CA LYS B 41 5.08 26.30 -58.42
C LYS B 41 4.26 27.21 -57.50
N HIS B 42 3.58 26.63 -56.51
CA HIS B 42 2.69 27.45 -55.69
C HIS B 42 2.86 27.26 -54.19
N HIS B 43 3.97 26.64 -53.78
CA HIS B 43 4.19 26.37 -52.36
C HIS B 43 4.73 27.58 -51.62
N LYS B 44 4.38 27.69 -50.34
CA LYS B 44 5.07 28.61 -49.45
C LYS B 44 6.42 28.00 -49.12
N GLU B 45 7.30 28.77 -48.50
CA GLU B 45 8.64 28.28 -48.20
C GLU B 45 8.63 27.42 -46.94
N LYS B 46 7.62 27.65 -46.12
CA LYS B 46 7.47 26.94 -44.85
C LYS B 46 5.99 26.81 -44.49
N PRO B 47 5.64 25.74 -43.76
CA PRO B 47 4.28 25.45 -43.27
C PRO B 47 3.64 26.60 -42.50
N GLY B 48 2.40 26.42 -42.09
CA GLY B 48 1.71 27.43 -41.31
C GLY B 48 0.20 27.38 -41.40
N PRO B 49 -0.47 27.54 -40.24
CA PRO B 49 -1.93 27.56 -40.09
C PRO B 49 -2.68 28.50 -41.04
N GLU B 50 -3.67 27.96 -41.76
CA GLU B 50 -4.50 28.75 -42.67
C GLU B 50 -5.97 28.37 -42.54
N ASP B 51 -6.66 28.95 -41.57
CA ASP B 51 -8.04 28.55 -41.32
C ASP B 51 -9.04 29.20 -42.28
N LYS B 52 -8.66 29.26 -43.56
CA LYS B 52 -9.55 29.79 -44.59
C LYS B 52 -9.53 28.93 -45.85
N LEU B 53 -8.88 27.78 -45.76
CA LEU B 53 -8.79 26.82 -46.86
C LEU B 53 -10.16 26.40 -47.36
N HIS B 54 -10.28 26.19 -48.66
CA HIS B 54 -11.56 25.79 -49.23
C HIS B 54 -11.98 24.37 -48.84
N GLU B 55 -13.23 24.05 -49.15
CA GLU B 55 -13.89 22.83 -48.69
C GLU B 55 -12.96 21.61 -48.59
N GLN B 56 -12.55 21.04 -49.73
CA GLN B 56 -11.81 19.78 -49.69
C GLN B 56 -10.41 19.87 -49.05
N CYS B 57 -9.85 21.07 -48.94
CA CYS B 57 -8.51 21.20 -48.38
C CYS B 57 -8.54 21.43 -46.88
N ARG B 58 -9.74 21.52 -46.34
CA ARG B 58 -9.96 21.74 -44.91
C ARG B 58 -9.10 20.90 -43.95
N PRO B 59 -8.82 19.61 -44.26
CA PRO B 59 -8.03 18.84 -43.30
C PRO B 59 -6.64 19.41 -42.96
N TRP B 60 -6.16 20.37 -43.74
CA TRP B 60 -4.85 20.93 -43.48
C TRP B 60 -4.93 22.37 -42.94
N ARG B 61 -6.08 22.77 -42.42
CA ARG B 61 -6.24 24.11 -41.84
C ARG B 61 -5.28 24.33 -40.67
N LYS B 62 -4.83 23.24 -40.07
CA LYS B 62 -3.96 23.31 -38.90
C LYS B 62 -2.51 23.64 -39.26
N ASN B 63 -2.07 23.15 -40.42
CA ASN B 63 -0.69 23.31 -40.86
C ASN B 63 -0.53 22.96 -42.34
N ALA B 64 -0.49 23.97 -43.20
CA ALA B 64 -0.49 23.72 -44.64
C ALA B 64 0.59 24.49 -45.41
N CYS B 65 0.84 24.03 -46.64
CA CYS B 65 1.79 24.68 -47.53
C CYS B 65 1.08 25.23 -48.76
N CYS B 66 -0.16 25.67 -48.55
CA CYS B 66 -0.93 26.30 -49.62
C CYS B 66 -1.70 27.49 -49.06
N SER B 67 -2.21 28.32 -49.96
CA SER B 67 -2.93 29.52 -49.57
C SER B 67 -4.41 29.37 -49.80
N THR B 68 -5.15 30.36 -49.35
CA THR B 68 -6.59 30.38 -49.54
C THR B 68 -6.95 30.47 -51.02
N ASN B 69 -6.08 31.07 -51.82
CA ASN B 69 -6.29 31.14 -53.27
C ASN B 69 -5.83 29.85 -53.93
N THR B 70 -4.80 29.21 -53.37
CA THR B 70 -4.35 27.91 -53.86
C THR B 70 -5.47 26.88 -53.70
N SER B 71 -5.94 26.72 -52.47
CA SER B 71 -6.99 25.75 -52.18
C SER B 71 -8.25 26.02 -52.99
N GLN B 72 -8.61 27.30 -53.15
CA GLN B 72 -9.84 27.65 -53.85
C GLN B 72 -9.77 27.40 -55.35
N GLU B 73 -8.57 27.38 -55.90
CA GLU B 73 -8.38 27.10 -57.33
C GLU B 73 -8.26 25.60 -57.56
N ALA B 74 -7.82 24.89 -56.53
CA ALA B 74 -7.77 23.43 -56.57
C ALA B 74 -9.13 22.87 -56.98
N HIS B 75 -10.19 23.59 -56.59
CA HIS B 75 -11.56 23.16 -56.79
C HIS B 75 -12.19 23.66 -58.09
N LYS B 76 -11.39 24.27 -58.96
CA LYS B 76 -11.95 24.84 -60.18
C LYS B 76 -11.40 24.15 -61.44
N ASP B 77 -12.24 24.05 -62.47
CA ASP B 77 -11.82 23.47 -63.73
C ASP B 77 -10.98 24.46 -64.53
N VAL B 78 -9.83 23.98 -65.01
CA VAL B 78 -8.84 24.79 -65.72
C VAL B 78 -8.47 25.98 -64.85
N SER B 79 -7.77 25.69 -63.77
CA SER B 79 -7.55 26.66 -62.69
C SER B 79 -6.36 27.59 -62.92
N TYR B 80 -6.19 28.54 -62.02
CA TYR B 80 -5.04 29.43 -62.04
C TYR B 80 -3.77 28.67 -61.67
N LEU B 81 -3.96 27.50 -61.07
CA LEU B 81 -2.83 26.71 -60.59
C LEU B 81 -1.98 26.14 -61.72
N TYR B 82 -2.58 25.35 -62.59
CA TYR B 82 -1.84 24.73 -63.69
C TYR B 82 -2.64 24.77 -65.00
N ARG B 83 -3.77 25.46 -64.95
CA ARG B 83 -4.67 25.62 -66.09
C ARG B 83 -5.11 24.26 -66.63
N PHE B 84 -5.16 23.27 -65.74
CA PHE B 84 -5.36 21.89 -66.15
C PHE B 84 -6.84 21.54 -66.36
N ASN B 85 -7.12 20.88 -67.48
CA ASN B 85 -8.49 20.53 -67.83
C ASN B 85 -8.83 19.08 -67.53
N TRP B 86 -9.53 18.86 -66.43
CA TRP B 86 -10.00 17.54 -66.06
C TRP B 86 -10.91 16.98 -67.15
N ASN B 87 -11.72 17.85 -67.74
CA ASN B 87 -12.73 17.42 -68.70
C ASN B 87 -12.22 17.36 -70.13
N HIS B 88 -10.98 16.91 -70.32
CA HIS B 88 -10.40 16.80 -71.66
C HIS B 88 -11.16 15.77 -72.50
N CYS B 89 -11.83 14.85 -71.82
CA CYS B 89 -12.63 13.82 -72.50
C CYS B 89 -14.07 13.83 -72.02
N GLY B 90 -14.76 14.95 -72.21
CA GLY B 90 -16.12 15.10 -71.74
C GLY B 90 -16.17 15.38 -70.25
N GLU B 91 -17.33 15.81 -69.77
CA GLU B 91 -17.53 16.13 -68.36
C GLU B 91 -17.09 14.98 -67.47
N MET B 92 -15.93 15.11 -66.84
CA MET B 92 -15.44 14.12 -65.90
C MET B 92 -16.38 14.02 -64.69
N ALA B 93 -16.83 12.80 -64.39
CA ALA B 93 -17.82 12.57 -63.34
C ALA B 93 -17.36 13.10 -61.99
N PRO B 94 -18.25 13.80 -61.28
CA PRO B 94 -17.96 14.45 -59.99
C PRO B 94 -17.33 13.48 -59.00
N ALA B 95 -17.90 12.28 -58.91
CA ALA B 95 -17.39 11.26 -58.00
C ALA B 95 -15.93 10.96 -58.29
N CYS B 96 -15.50 11.22 -59.52
CA CYS B 96 -14.12 11.03 -59.91
C CYS B 96 -13.28 12.27 -59.61
N LYS B 97 -13.77 13.43 -60.09
CA LYS B 97 -13.05 14.69 -60.00
C LYS B 97 -12.59 14.98 -58.58
N ARG B 98 -13.43 14.59 -57.61
CA ARG B 98 -13.17 14.88 -56.20
C ARG B 98 -11.88 14.26 -55.70
N HIS B 99 -11.42 13.22 -56.39
CA HIS B 99 -10.18 12.57 -56.01
C HIS B 99 -8.99 13.34 -56.56
N PHE B 100 -9.16 13.91 -57.75
CA PHE B 100 -8.12 14.73 -58.33
C PHE B 100 -7.98 16.02 -57.56
N ILE B 101 -9.10 16.52 -57.05
CA ILE B 101 -9.07 17.67 -56.17
C ILE B 101 -8.29 17.32 -54.90
N GLN B 102 -8.57 16.17 -54.31
CA GLN B 102 -7.90 15.77 -53.08
C GLN B 102 -6.43 15.44 -53.30
N ASP B 103 -6.08 14.96 -54.50
CA ASP B 103 -4.68 14.81 -54.83
C ASP B 103 -4.00 16.17 -54.84
N THR B 104 -4.65 17.14 -55.48
CA THR B 104 -4.16 18.51 -55.55
C THR B 104 -3.95 19.06 -54.14
N CYS B 105 -4.94 18.87 -53.27
CA CYS B 105 -4.87 19.33 -51.90
C CYS B 105 -3.70 18.72 -51.14
N LEU B 106 -3.39 17.47 -51.46
CA LEU B 106 -2.27 16.81 -50.78
C LEU B 106 -0.96 17.36 -51.30
N TYR B 107 -0.88 17.51 -52.61
CA TYR B 107 0.36 17.94 -53.25
C TYR B 107 0.71 19.38 -52.91
N GLU B 108 -0.29 20.23 -52.75
CA GLU B 108 -0.07 21.66 -52.56
C GLU B 108 -0.11 22.11 -51.10
N CYS B 109 -0.62 21.29 -50.18
CA CYS B 109 -0.81 21.71 -48.80
C CYS B 109 -0.05 20.87 -47.78
N SER B 110 0.20 19.60 -48.11
CA SER B 110 0.79 18.69 -47.13
C SER B 110 2.23 19.04 -46.80
N PRO B 111 2.51 19.18 -45.49
CA PRO B 111 3.87 19.40 -44.97
C PRO B 111 4.57 18.12 -44.53
N ASN B 112 4.12 16.97 -45.04
CA ASN B 112 4.66 15.71 -44.57
C ASN B 112 5.12 14.80 -45.71
N LEU B 113 5.32 15.41 -46.87
CA LEU B 113 5.79 14.67 -48.03
C LEU B 113 7.31 14.73 -48.12
N GLY B 114 7.92 15.37 -47.12
CA GLY B 114 9.37 15.56 -47.04
C GLY B 114 10.26 14.43 -47.55
N PRO B 115 10.22 13.26 -46.88
CA PRO B 115 11.08 12.12 -47.19
C PRO B 115 11.03 11.63 -48.64
N TRP B 116 10.22 12.27 -49.48
CA TRP B 116 10.09 11.86 -50.87
C TRP B 116 10.29 13.03 -51.82
N ILE B 117 10.74 14.17 -51.31
CA ILE B 117 11.01 15.30 -52.17
C ILE B 117 12.29 15.01 -52.95
N GLN B 118 12.31 15.42 -54.22
CA GLN B 118 13.51 15.34 -55.03
C GLN B 118 13.60 16.52 -55.98
N GLN B 119 14.82 16.94 -56.27
CA GLN B 119 15.05 18.05 -57.17
C GLN B 119 14.96 17.56 -58.62
N VAL B 120 14.32 18.37 -59.47
CA VAL B 120 14.16 18.00 -60.87
C VAL B 120 14.51 19.49 -60.80
N ASP B 121 14.82 20.07 -61.97
CA ASP B 121 14.97 21.52 -62.15
C ASP B 121 14.26 21.56 -63.50
N GLN B 122 13.02 22.04 -63.51
CA GLN B 122 12.30 22.20 -64.76
C GLN B 122 11.51 23.51 -64.76
N SER B 123 10.82 23.76 -65.88
CA SER B 123 10.17 25.03 -66.17
C SER B 123 9.34 25.61 -65.03
N TRP B 124 8.56 24.76 -64.36
CA TRP B 124 7.54 25.22 -63.42
C TRP B 124 7.80 24.79 -61.98
N ARG B 125 8.91 24.09 -61.75
CA ARG B 125 9.30 23.72 -60.40
C ARG B 125 10.74 23.27 -60.33
N LYS B 126 11.38 23.55 -59.21
CA LYS B 126 12.74 23.10 -58.94
C LYS B 126 12.81 21.95 -57.94
N GLU B 127 11.65 21.34 -57.71
CA GLU B 127 11.56 20.27 -56.73
C GLU B 127 10.24 19.57 -57.01
N ARG B 128 10.11 18.36 -56.47
CA ARG B 128 8.98 17.48 -56.74
C ARG B 128 8.97 16.37 -55.70
N VAL B 129 7.87 15.62 -55.62
CA VAL B 129 7.79 14.45 -54.77
C VAL B 129 7.74 13.17 -55.61
N LEU B 130 8.56 12.19 -55.27
CA LEU B 130 8.61 10.94 -56.02
C LEU B 130 8.46 9.72 -55.12
N ASN B 131 7.64 8.77 -55.58
CA ASN B 131 7.41 7.49 -54.91
C ASN B 131 6.74 7.59 -53.54
N VAL B 132 5.81 8.53 -53.39
CA VAL B 132 4.99 8.61 -52.19
C VAL B 132 4.19 7.33 -52.03
N PRO B 133 4.37 6.62 -50.90
CA PRO B 133 3.65 5.38 -50.60
C PRO B 133 2.18 5.65 -50.27
N LEU B 134 1.36 5.78 -51.31
CA LEU B 134 -0.07 6.04 -51.13
C LEU B 134 -0.76 4.80 -50.63
N CYS B 135 -1.64 4.97 -49.65
CA CYS B 135 -2.36 3.85 -49.06
C CYS B 135 -3.17 3.08 -50.11
N LYS B 136 -3.12 1.75 -50.01
CA LYS B 136 -3.79 0.87 -50.96
C LYS B 136 -5.24 1.30 -51.18
N GLU B 137 -5.95 1.62 -50.11
CA GLU B 137 -7.36 1.95 -50.18
C GLU B 137 -7.62 3.26 -50.91
N ASP B 138 -6.81 4.27 -50.61
CA ASP B 138 -6.96 5.56 -51.28
C ASP B 138 -6.78 5.38 -52.77
N CYS B 139 -5.83 4.53 -53.13
CA CYS B 139 -5.57 4.26 -54.55
C CYS B 139 -6.76 3.57 -55.19
N GLU B 140 -7.20 2.48 -54.55
CA GLU B 140 -8.35 1.70 -55.02
C GLU B 140 -9.58 2.58 -55.23
N GLN B 141 -10.06 3.18 -54.15
CA GLN B 141 -11.27 4.00 -54.20
C GLN B 141 -11.20 5.07 -55.27
N TRP B 142 -10.00 5.60 -55.50
CA TRP B 142 -9.75 6.55 -56.58
C TRP B 142 -10.00 5.87 -57.93
N TRP B 143 -9.37 4.71 -58.11
CA TRP B 143 -9.52 3.93 -59.34
C TRP B 143 -10.99 3.57 -59.57
N GLU B 144 -11.68 3.21 -58.49
CA GLU B 144 -13.05 2.75 -58.59
C GLU B 144 -13.99 3.87 -59.04
N ASP B 145 -13.89 5.01 -58.39
CA ASP B 145 -14.84 6.10 -58.63
C ASP B 145 -14.66 6.69 -60.01
N CYS B 146 -13.47 6.52 -60.58
CA CYS B 146 -13.15 7.08 -61.88
C CYS B 146 -13.60 6.24 -63.06
N ARG B 147 -14.10 5.03 -62.77
CA ARG B 147 -14.53 4.08 -63.80
C ARG B 147 -15.38 4.70 -64.91
N THR B 148 -16.38 5.48 -64.50
CA THR B 148 -17.37 6.04 -65.41
C THR B 148 -16.85 7.22 -66.25
N SER B 149 -15.59 7.60 -66.04
CA SER B 149 -15.03 8.78 -66.66
C SER B 149 -14.13 8.41 -67.83
N TYR B 150 -13.64 9.41 -68.57
CA TYR B 150 -12.86 9.14 -69.77
C TYR B 150 -11.58 9.97 -69.85
N THR B 151 -10.54 9.37 -70.41
CA THR B 151 -9.28 10.07 -70.65
C THR B 151 -8.64 9.65 -71.97
N CYS B 152 -7.45 10.16 -72.26
CA CYS B 152 -6.78 9.86 -73.52
C CYS B 152 -5.29 9.61 -73.32
N LYS B 153 -4.86 9.70 -72.06
CA LYS B 153 -3.44 9.56 -71.74
C LYS B 153 -3.25 8.80 -70.43
N SER B 154 -2.12 8.10 -70.32
CA SER B 154 -1.77 7.41 -69.09
C SER B 154 -0.66 8.18 -68.38
N ASN B 155 0.00 9.05 -69.15
CA ASN B 155 0.92 10.03 -68.61
C ASN B 155 0.28 11.40 -68.73
N TRP B 156 -0.11 11.99 -67.60
CA TRP B 156 -0.81 13.26 -67.60
C TRP B 156 0.13 14.47 -67.42
N HIS B 157 1.42 14.19 -67.26
CA HIS B 157 2.45 15.22 -67.09
C HIS B 157 3.09 15.71 -68.42
N LYS B 158 3.28 14.81 -69.38
CA LYS B 158 3.82 15.16 -70.71
C LYS B 158 2.85 14.81 -71.84
N GLY B 159 2.89 15.60 -72.91
CA GLY B 159 2.27 15.23 -74.17
C GLY B 159 0.97 15.91 -74.51
N TRP B 160 0.52 16.82 -73.65
CA TRP B 160 -0.73 17.53 -73.91
C TRP B 160 -0.56 18.61 -74.97
N ASN B 161 -1.64 18.97 -75.66
CA ASN B 161 -1.64 20.09 -76.60
C ASN B 161 -2.14 21.37 -75.93
N TRP B 162 -1.22 22.28 -75.62
CA TRP B 162 -1.56 23.49 -74.89
C TRP B 162 -1.75 24.72 -75.78
N THR B 163 -2.39 24.50 -76.93
CA THR B 163 -2.66 25.58 -77.87
C THR B 163 -3.76 26.51 -77.35
N SER B 164 -4.87 25.92 -76.95
CA SER B 164 -6.05 26.68 -76.52
C SER B 164 -5.88 27.33 -75.16
N GLY B 165 -4.66 27.29 -74.62
CA GLY B 165 -4.37 27.90 -73.34
C GLY B 165 -4.38 26.89 -72.22
N PHE B 166 -5.19 25.86 -72.38
CA PHE B 166 -5.19 24.72 -71.46
C PHE B 166 -4.90 23.45 -72.24
N ASN B 167 -4.87 22.32 -71.54
CA ASN B 167 -4.52 21.06 -72.18
C ASN B 167 -5.70 20.41 -72.90
N LYS B 168 -5.46 20.02 -74.15
CA LYS B 168 -6.40 19.20 -74.91
C LYS B 168 -5.68 17.96 -75.40
N CYS B 169 -6.43 17.03 -75.99
CA CYS B 169 -5.85 15.74 -76.36
C CYS B 169 -5.07 15.80 -77.66
N ALA B 170 -3.90 15.16 -77.66
CA ALA B 170 -3.02 15.13 -78.83
C ALA B 170 -3.67 14.45 -80.03
N VAL B 171 -4.34 13.33 -79.78
CA VAL B 171 -5.09 12.66 -80.83
C VAL B 171 -6.57 12.65 -80.48
N GLY B 172 -7.36 13.42 -81.23
CA GLY B 172 -8.77 13.61 -80.96
C GLY B 172 -9.59 12.36 -80.71
N ALA B 173 -9.11 11.24 -81.26
CA ALA B 173 -9.82 9.97 -81.16
C ALA B 173 -9.36 9.14 -79.96
N ALA B 174 -8.30 9.58 -79.29
CA ALA B 174 -7.67 8.80 -78.23
C ALA B 174 -8.55 8.60 -76.99
N CYS B 175 -9.75 9.19 -77.00
CA CYS B 175 -10.65 9.11 -75.84
C CYS B 175 -11.26 7.73 -75.65
N GLN B 176 -10.93 7.12 -74.51
CA GLN B 176 -11.42 5.80 -74.13
C GLN B 176 -11.96 5.83 -72.69
N PRO B 177 -12.57 4.73 -72.22
CA PRO B 177 -12.91 4.69 -70.79
C PRO B 177 -11.68 4.80 -69.89
N PHE B 178 -11.85 5.43 -68.73
CA PHE B 178 -10.74 5.77 -67.83
C PHE B 178 -9.87 4.56 -67.49
N HIS B 179 -10.49 3.40 -67.42
CA HIS B 179 -9.76 2.18 -67.07
C HIS B 179 -9.03 1.57 -68.28
N PHE B 180 -9.25 2.12 -69.46
CA PHE B 180 -8.60 1.62 -70.66
C PHE B 180 -7.13 2.00 -70.65
N TYR B 181 -6.85 3.21 -70.16
CA TYR B 181 -5.49 3.68 -70.01
C TYR B 181 -4.98 3.38 -68.61
N PHE B 182 -5.89 3.07 -67.70
CA PHE B 182 -5.51 2.70 -66.34
C PHE B 182 -6.19 1.39 -65.91
N PRO B 183 -5.64 0.24 -66.35
CA PRO B 183 -6.18 -1.12 -66.18
C PRO B 183 -6.30 -1.55 -64.74
N THR B 184 -5.38 -1.12 -63.89
CA THR B 184 -5.42 -1.48 -62.48
C THR B 184 -5.33 -0.20 -61.66
N PRO B 185 -5.59 -0.30 -60.34
CA PRO B 185 -5.34 0.80 -59.40
C PRO B 185 -3.90 1.29 -59.36
N THR B 186 -2.94 0.36 -59.34
CA THR B 186 -1.53 0.74 -59.23
C THR B 186 -1.07 1.57 -60.43
N VAL B 187 -1.52 1.19 -61.62
CA VAL B 187 -1.16 1.92 -62.83
C VAL B 187 -1.76 3.33 -62.82
N LEU B 188 -2.95 3.48 -62.24
CA LEU B 188 -3.56 4.79 -62.10
C LEU B 188 -2.67 5.67 -61.22
N CYS B 189 -2.46 5.22 -59.99
CA CYS B 189 -1.74 6.02 -59.00
C CYS B 189 -0.25 6.18 -59.33
N ASN B 190 0.36 5.18 -59.95
CA ASN B 190 1.79 5.26 -60.23
C ASN B 190 2.17 5.97 -61.52
N GLU B 191 1.28 5.97 -62.52
CA GLU B 191 1.64 6.48 -63.85
C GLU B 191 1.02 7.84 -64.21
N ILE B 192 -0.07 8.22 -63.55
CA ILE B 192 -0.79 9.40 -64.02
C ILE B 192 -0.02 10.66 -63.66
N TRP B 193 0.71 10.62 -62.55
CA TRP B 193 1.60 11.73 -62.22
C TRP B 193 3.05 11.24 -62.20
N THR B 194 3.40 10.51 -63.26
CA THR B 194 4.76 10.00 -63.50
C THR B 194 5.52 9.60 -62.24
N HIS B 195 5.05 8.55 -61.58
CA HIS B 195 5.69 7.98 -60.41
C HIS B 195 5.81 8.96 -59.22
N SER B 196 4.90 9.92 -59.10
CA SER B 196 4.86 10.78 -57.91
C SER B 196 4.25 9.98 -56.75
N TYR B 197 3.48 8.96 -57.09
CA TYR B 197 3.06 7.97 -56.11
C TYR B 197 3.69 6.63 -56.45
N LYS B 198 4.00 5.86 -55.41
CA LYS B 198 4.34 4.45 -55.55
C LYS B 198 3.48 3.65 -54.60
N VAL B 199 2.30 3.27 -55.08
CA VAL B 199 1.23 2.79 -54.22
C VAL B 199 1.67 1.68 -53.29
N SER B 200 1.53 1.93 -51.99
CA SER B 200 2.01 1.02 -50.98
C SER B 200 1.14 -0.22 -50.91
N ASN B 201 1.66 -1.28 -50.29
CA ASN B 201 0.90 -2.49 -50.06
C ASN B 201 0.12 -2.39 -48.75
N TYR B 202 0.63 -1.56 -47.83
CA TYR B 202 0.00 -1.35 -46.53
C TYR B 202 -1.35 -0.66 -46.65
N SER B 203 -2.23 -0.95 -45.71
CA SER B 203 -3.59 -0.41 -45.73
C SER B 203 -3.68 0.87 -44.90
N ARG B 204 -4.83 1.54 -44.97
CA ARG B 204 -5.03 2.80 -44.25
C ARG B 204 -4.90 2.64 -42.74
N GLY B 205 -4.18 3.57 -42.11
CA GLY B 205 -4.00 3.57 -40.66
C GLY B 205 -2.84 2.73 -40.16
N SER B 206 -2.20 2.00 -41.08
CA SER B 206 -1.09 1.13 -40.70
C SER B 206 0.14 1.94 -40.31
N GLY B 207 0.11 3.23 -40.65
CA GLY B 207 1.19 4.15 -40.30
C GLY B 207 2.40 3.98 -41.20
N ARG B 208 2.24 3.22 -42.27
CA ARG B 208 3.34 2.93 -43.19
C ARG B 208 3.09 3.50 -44.58
N CYS B 209 1.96 4.19 -44.74
CA CYS B 209 1.61 4.75 -46.03
C CYS B 209 0.90 6.10 -45.90
N ILE B 210 0.87 6.84 -47.01
CA ILE B 210 0.31 8.19 -47.00
C ILE B 210 -1.11 8.20 -47.52
N GLN B 211 -2.00 8.84 -46.77
CA GLN B 211 -3.41 8.98 -47.15
C GLN B 211 -3.70 10.37 -47.68
N MET B 212 -4.41 10.44 -48.81
CA MET B 212 -4.85 11.73 -49.31
C MET B 212 -6.29 12.01 -48.84
N TRP B 213 -6.93 11.01 -48.25
CA TRP B 213 -8.19 11.21 -47.54
C TRP B 213 -8.03 10.82 -46.07
N PHE B 214 -8.40 11.75 -45.19
CA PHE B 214 -8.51 11.43 -43.77
C PHE B 214 -9.49 12.35 -43.06
N ASP B 215 -9.73 12.06 -41.78
CA ASP B 215 -10.54 12.93 -40.94
C ASP B 215 -9.61 13.74 -40.07
N PRO B 216 -9.61 15.07 -40.26
CA PRO B 216 -8.84 16.00 -39.43
C PRO B 216 -9.22 15.89 -37.96
N ALA B 217 -10.50 15.61 -37.71
CA ALA B 217 -11.02 15.51 -36.35
C ALA B 217 -10.47 14.31 -35.59
N GLN B 218 -9.79 13.41 -36.28
CA GLN B 218 -9.11 12.32 -35.61
C GLN B 218 -7.63 12.63 -35.56
N GLY B 219 -7.21 13.55 -36.43
CA GLY B 219 -5.81 13.97 -36.50
C GLY B 219 -5.17 13.57 -37.81
N ASN B 220 -4.11 14.27 -38.19
CA ASN B 220 -3.40 13.96 -39.44
C ASN B 220 -2.50 12.74 -39.26
N PRO B 221 -2.84 11.64 -39.95
CA PRO B 221 -2.11 10.38 -39.82
C PRO B 221 -0.77 10.39 -40.55
N ASN B 222 -0.60 11.32 -41.48
CA ASN B 222 0.60 11.40 -42.31
C ASN B 222 1.81 11.94 -41.58
N GLU B 223 1.57 12.75 -40.56
CA GLU B 223 2.63 13.31 -39.75
C GLU B 223 3.49 12.19 -39.16
N GLU B 224 2.82 11.16 -38.64
CA GLU B 224 3.52 10.03 -38.05
C GLU B 224 4.16 9.14 -39.11
N VAL B 225 3.53 9.08 -40.29
CA VAL B 225 4.04 8.24 -41.38
C VAL B 225 5.32 8.83 -41.95
N ALA B 226 5.35 10.15 -42.09
CA ALA B 226 6.55 10.86 -42.50
C ALA B 226 7.66 10.56 -41.50
N ARG B 227 7.35 10.72 -40.22
CA ARG B 227 8.30 10.49 -39.13
C ARG B 227 8.93 9.10 -39.19
N PHE B 228 8.15 8.12 -39.64
CA PHE B 228 8.63 6.75 -39.69
C PHE B 228 9.65 6.57 -40.81
N TYR B 229 9.47 7.30 -41.90
CA TYR B 229 10.36 7.16 -43.05
C TYR B 229 11.55 8.11 -42.98
N ALA B 230 11.38 9.24 -42.31
CA ALA B 230 12.47 10.20 -42.11
C ALA B 230 13.55 9.61 -41.21
N ALA B 231 13.15 8.71 -40.32
CA ALA B 231 14.09 8.01 -39.46
C ALA B 231 14.66 6.77 -40.16
N ALA B 232 13.86 6.15 -41.02
CA ALA B 232 14.27 4.97 -41.78
C ALA B 232 15.30 5.33 -42.84
N MET B 233 15.49 6.64 -43.04
CA MET B 233 16.49 7.17 -43.96
C MET B 233 17.68 7.73 -43.18
N SER B 234 17.48 7.96 -41.88
CA SER B 234 18.52 8.47 -40.99
C SER B 234 19.13 9.76 -41.51
N THR C 31 -16.99 -17.19 -5.74
CA THR C 31 -18.18 -17.33 -6.56
C THR C 31 -19.42 -16.81 -5.84
N GLU C 32 -20.02 -17.67 -5.03
CA GLU C 32 -21.32 -17.38 -4.44
C GLU C 32 -21.25 -16.99 -2.96
N LEU C 33 -22.11 -16.05 -2.57
CA LEU C 33 -22.18 -15.55 -1.21
C LEU C 33 -23.38 -16.15 -0.47
N LEU C 34 -24.07 -17.08 -1.11
CA LEU C 34 -25.28 -17.66 -0.57
C LEU C 34 -25.11 -19.13 -0.23
N ASN C 35 -25.60 -19.54 0.94
CA ASN C 35 -25.56 -20.94 1.36
C ASN C 35 -24.15 -21.52 1.33
N VAL C 36 -23.19 -20.79 1.89
CA VAL C 36 -21.78 -21.18 1.81
C VAL C 36 -21.09 -21.23 3.17
N CYS C 37 -20.01 -21.99 3.25
CA CYS C 37 -19.26 -22.15 4.50
C CYS C 37 -17.81 -21.72 4.33
N MET C 38 -17.36 -20.86 5.23
CA MET C 38 -16.01 -20.32 5.18
C MET C 38 -14.97 -21.43 5.39
N ASN C 39 -13.74 -21.21 4.92
CA ASN C 39 -12.70 -22.18 5.14
C ASN C 39 -11.99 -21.96 6.47
N ALA C 40 -12.72 -22.15 7.57
CA ALA C 40 -12.14 -21.99 8.90
C ALA C 40 -11.76 -23.35 9.50
N LYS C 41 -11.67 -23.40 10.83
CA LYS C 41 -11.08 -24.57 11.48
C LYS C 41 -12.04 -25.76 11.63
N HIS C 42 -13.36 -25.53 11.60
CA HIS C 42 -14.30 -26.62 11.86
C HIS C 42 -15.53 -26.69 10.95
N HIS C 43 -15.62 -25.81 9.96
CA HIS C 43 -16.78 -25.81 9.07
C HIS C 43 -16.79 -27.02 8.15
N LYS C 44 -17.98 -27.53 7.84
CA LYS C 44 -18.14 -28.49 6.75
C LYS C 44 -17.91 -27.75 5.45
N GLU C 45 -17.56 -28.48 4.39
CA GLU C 45 -17.23 -27.84 3.12
C GLU C 45 -18.44 -27.16 2.50
N LYS C 46 -19.62 -27.73 2.72
CA LYS C 46 -20.86 -27.12 2.27
C LYS C 46 -21.96 -27.40 3.28
N PRO C 47 -22.99 -26.54 3.32
CA PRO C 47 -24.13 -26.72 4.23
C PRO C 47 -24.91 -28.02 4.04
N GLY C 48 -25.74 -28.35 5.02
CA GLY C 48 -26.54 -29.56 4.97
C GLY C 48 -27.15 -29.87 6.32
N PRO C 49 -28.42 -30.30 6.33
CA PRO C 49 -29.21 -30.65 7.52
C PRO C 49 -28.45 -31.45 8.58
N GLU C 50 -28.64 -31.09 9.85
CA GLU C 50 -28.00 -31.78 10.97
C GLU C 50 -28.96 -31.85 12.15
N ASP C 51 -29.88 -32.80 12.13
CA ASP C 51 -30.93 -32.85 13.15
C ASP C 51 -30.45 -33.36 14.52
N LYS C 52 -29.15 -33.35 14.77
CA LYS C 52 -28.61 -33.80 16.05
C LYS C 52 -27.76 -32.73 16.76
N LEU C 53 -27.96 -31.48 16.37
CA LEU C 53 -27.29 -30.34 17.01
C LEU C 53 -27.73 -30.15 18.47
N HIS C 54 -26.84 -29.61 19.28
CA HIS C 54 -27.13 -29.44 20.71
C HIS C 54 -27.97 -28.19 21.05
N GLU C 55 -28.33 -28.05 22.33
CA GLU C 55 -29.26 -27.02 22.80
C GLU C 55 -29.40 -25.65 22.21
N GLN C 56 -28.29 -24.93 22.12
CA GLN C 56 -28.31 -23.51 21.72
C GLN C 56 -28.06 -23.49 20.21
N CYS C 57 -27.64 -24.60 19.62
CA CYS C 57 -27.40 -24.64 18.18
C CYS C 57 -28.61 -25.18 17.43
N ARG C 58 -29.62 -25.61 18.19
CA ARG C 58 -30.88 -26.17 17.67
C ARG C 58 -31.59 -25.41 16.55
N PRO C 59 -31.53 -24.07 16.54
CA PRO C 59 -32.20 -23.38 15.42
C PRO C 59 -31.55 -23.60 14.04
N TRP C 60 -30.35 -24.15 13.99
CA TRP C 60 -29.70 -24.39 12.70
C TRP C 60 -29.80 -25.85 12.27
N ARG C 61 -30.80 -26.55 12.80
CA ARG C 61 -31.00 -27.95 12.46
C ARG C 61 -31.40 -28.10 10.99
N LYS C 62 -32.13 -27.11 10.48
CA LYS C 62 -32.60 -27.14 9.10
C LYS C 62 -31.42 -27.11 8.11
N ASN C 63 -30.37 -26.37 8.44
CA ASN C 63 -29.24 -26.20 7.54
C ASN C 63 -28.04 -25.55 8.21
N ALA C 64 -26.93 -26.29 8.33
CA ALA C 64 -25.79 -25.79 9.08
C ALA C 64 -24.45 -26.09 8.43
N CYS C 65 -23.41 -25.44 8.94
CA CYS C 65 -22.04 -25.67 8.49
C CYS C 65 -21.23 -26.40 9.55
N CYS C 66 -21.81 -26.50 10.75
CA CYS C 66 -21.15 -27.17 11.86
C CYS C 66 -21.59 -28.63 11.95
N SER C 67 -20.79 -29.42 12.65
CA SER C 67 -21.13 -30.82 12.90
C SER C 67 -21.85 -30.98 14.24
N THR C 68 -22.31 -32.19 14.51
CA THR C 68 -22.94 -32.46 15.80
C THR C 68 -21.92 -32.33 16.92
N ASN C 69 -20.73 -32.92 16.72
CA ASN C 69 -19.65 -32.82 17.69
C ASN C 69 -19.21 -31.38 17.93
N THR C 70 -19.25 -30.58 16.87
CA THR C 70 -18.91 -29.17 16.96
C THR C 70 -19.90 -28.44 17.88
N SER C 71 -21.19 -28.67 17.64
CA SER C 71 -22.25 -27.98 18.40
C SER C 71 -22.27 -28.41 19.86
N GLN C 72 -21.95 -29.67 20.11
CA GLN C 72 -21.94 -30.20 21.47
C GLN C 72 -20.75 -29.67 22.26
N GLU C 73 -19.69 -29.30 21.56
CA GLU C 73 -18.49 -28.75 22.21
C GLU C 73 -18.66 -27.27 22.54
N ALA C 74 -19.45 -26.56 21.73
CA ALA C 74 -19.68 -25.14 21.92
C ALA C 74 -20.21 -24.82 23.31
N HIS C 75 -20.88 -25.79 23.92
CA HIS C 75 -21.48 -25.58 25.24
C HIS C 75 -20.54 -25.94 26.38
N LYS C 76 -19.34 -26.39 26.04
CA LYS C 76 -18.38 -26.85 27.05
C LYS C 76 -17.31 -25.80 27.37
N ASP C 77 -16.93 -25.74 28.64
CA ASP C 77 -15.81 -24.88 29.04
C ASP C 77 -14.51 -25.42 28.47
N VAL C 78 -13.70 -24.51 27.91
CA VAL C 78 -12.38 -24.84 27.35
C VAL C 78 -12.50 -26.01 26.38
N SER C 79 -13.39 -25.86 25.41
CA SER C 79 -13.83 -26.96 24.55
C SER C 79 -12.78 -27.47 23.55
N TYR C 80 -13.08 -28.61 22.92
CA TYR C 80 -12.22 -29.17 21.87
C TYR C 80 -12.00 -28.16 20.75
N LEU C 81 -12.98 -27.30 20.52
CA LEU C 81 -13.01 -26.38 19.39
C LEU C 81 -11.78 -25.47 19.30
N TYR C 82 -11.63 -24.57 20.26
CA TYR C 82 -10.52 -23.62 20.24
C TYR C 82 -9.81 -23.61 21.58
N ARG C 83 -10.27 -24.49 22.46
CA ARG C 83 -9.77 -24.60 23.83
C ARG C 83 -9.82 -23.24 24.50
N PHE C 84 -10.95 -22.56 24.37
CA PHE C 84 -11.07 -21.21 24.89
C PHE C 84 -11.69 -21.17 26.28
N ASN C 85 -11.00 -20.49 27.17
CA ASN C 85 -11.40 -20.39 28.57
C ASN C 85 -12.23 -19.14 28.81
N TRP C 86 -13.55 -19.30 28.90
CA TRP C 86 -14.44 -18.18 29.21
C TRP C 86 -14.14 -17.62 30.60
N ASN C 87 -13.70 -18.50 31.51
CA ASN C 87 -13.54 -18.13 32.91
C ASN C 87 -12.14 -17.66 33.25
N HIS C 88 -11.53 -16.88 32.36
CA HIS C 88 -10.14 -16.45 32.58
C HIS C 88 -10.02 -15.43 33.70
N CYS C 89 -11.14 -14.84 34.09
CA CYS C 89 -11.17 -13.96 35.25
C CYS C 89 -12.18 -14.46 36.27
N GLY C 90 -11.93 -15.66 36.80
CA GLY C 90 -12.90 -16.30 37.67
C GLY C 90 -14.07 -16.74 36.84
N GLU C 91 -15.09 -17.29 37.49
CA GLU C 91 -16.18 -17.90 36.75
C GLU C 91 -17.12 -16.86 36.13
N MET C 92 -17.38 -17.02 34.83
CA MET C 92 -18.28 -16.15 34.08
C MET C 92 -19.75 -16.56 34.28
N ALA C 93 -20.58 -15.55 34.58
CA ALA C 93 -21.99 -15.77 34.86
C ALA C 93 -22.69 -16.50 33.72
N PRO C 94 -23.74 -17.27 34.06
CA PRO C 94 -24.55 -17.99 33.07
C PRO C 94 -25.25 -17.09 32.06
N ALA C 95 -25.87 -16.01 32.52
CA ALA C 95 -26.58 -15.11 31.61
C ALA C 95 -25.62 -14.45 30.60
N CYS C 96 -24.33 -14.45 30.93
CA CYS C 96 -23.31 -13.91 30.04
C CYS C 96 -22.74 -14.98 29.11
N LYS C 97 -22.33 -16.11 29.69
CA LYS C 97 -21.70 -17.19 28.94
C LYS C 97 -22.61 -17.71 27.81
N ARG C 98 -23.91 -17.64 28.01
CA ARG C 98 -24.88 -18.13 27.04
C ARG C 98 -24.78 -17.38 25.71
N HIS C 99 -24.41 -16.10 25.77
CA HIS C 99 -24.28 -15.31 24.56
C HIS C 99 -23.06 -15.77 23.77
N PHE C 100 -21.97 -16.06 24.48
CA PHE C 100 -20.75 -16.52 23.84
C PHE C 100 -20.91 -17.90 23.18
N ILE C 101 -21.84 -18.69 23.71
CA ILE C 101 -22.18 -19.98 23.13
C ILE C 101 -22.92 -19.80 21.81
N GLN C 102 -23.93 -18.92 21.82
CA GLN C 102 -24.71 -18.60 20.63
C GLN C 102 -23.82 -18.04 19.53
N ASP C 103 -22.87 -17.20 19.92
CA ASP C 103 -21.89 -16.64 18.99
C ASP C 103 -21.14 -17.76 18.29
N THR C 104 -20.79 -18.79 19.06
CA THR C 104 -20.10 -19.96 18.53
C THR C 104 -21.01 -20.76 17.60
N CYS C 105 -22.29 -20.83 17.95
CA CYS C 105 -23.25 -21.51 17.09
C CYS C 105 -23.48 -20.74 15.79
N LEU C 106 -23.47 -19.42 15.87
CA LEU C 106 -23.63 -18.61 14.67
C LEU C 106 -22.36 -18.65 13.80
N TYR C 107 -21.21 -18.45 14.45
CA TYR C 107 -19.95 -18.45 13.72
C TYR C 107 -19.67 -19.80 13.06
N GLU C 108 -20.06 -20.88 13.73
CA GLU C 108 -19.82 -22.23 13.22
C GLU C 108 -20.92 -22.74 12.29
N CYS C 109 -22.17 -22.46 12.62
CA CYS C 109 -23.28 -23.12 11.91
C CYS C 109 -23.93 -22.28 10.82
N SER C 110 -23.83 -20.95 10.90
CA SER C 110 -24.57 -20.11 9.97
C SER C 110 -24.10 -20.27 8.53
N PRO C 111 -25.03 -20.63 7.63
CA PRO C 111 -24.81 -20.73 6.20
C PRO C 111 -25.09 -19.41 5.49
N ASN C 112 -25.36 -18.37 6.26
CA ASN C 112 -25.75 -17.09 5.68
C ASN C 112 -24.78 -15.97 6.03
N LEU C 113 -23.51 -16.30 6.18
CA LEU C 113 -22.50 -15.29 6.49
C LEU C 113 -21.63 -15.02 5.28
N GLY C 114 -21.98 -15.66 4.16
CA GLY C 114 -21.29 -15.52 2.90
C GLY C 114 -20.83 -14.12 2.52
N PRO C 115 -21.78 -13.17 2.40
CA PRO C 115 -21.46 -11.81 1.95
C PRO C 115 -20.38 -11.11 2.79
N TRP C 116 -20.03 -11.69 3.94
CA TRP C 116 -19.04 -11.08 4.82
C TRP C 116 -17.80 -11.97 4.98
N ILE C 117 -17.75 -13.10 4.28
CA ILE C 117 -16.60 -13.99 4.32
C ILE C 117 -15.41 -13.42 3.57
N GLN C 118 -14.25 -13.40 4.22
CA GLN C 118 -13.02 -12.94 3.58
C GLN C 118 -11.82 -13.81 3.94
N GLN C 119 -10.85 -13.85 3.05
CA GLN C 119 -9.63 -14.62 3.29
C GLN C 119 -8.69 -13.83 4.17
N VAL C 120 -7.95 -14.52 5.03
CA VAL C 120 -6.98 -13.89 5.90
C VAL C 120 -5.67 -14.66 5.90
N ASP C 121 -5.78 -15.96 5.67
CA ASP C 121 -4.63 -16.86 5.67
C ASP C 121 -3.81 -16.74 6.96
N GLN C 122 -4.40 -17.19 8.05
CA GLN C 122 -3.67 -17.38 9.29
C GLN C 122 -3.67 -18.86 9.63
N SER C 123 -2.66 -19.28 10.38
CA SER C 123 -2.38 -20.69 10.67
C SER C 123 -3.57 -21.65 10.82
N TRP C 124 -4.64 -21.22 11.48
CA TRP C 124 -5.73 -22.13 11.81
C TRP C 124 -6.96 -22.00 10.91
N ARG C 125 -6.97 -20.98 10.06
CA ARG C 125 -8.07 -20.78 9.12
C ARG C 125 -7.66 -19.94 7.92
N LYS C 126 -8.21 -20.28 6.76
CA LYS C 126 -7.92 -19.54 5.54
C LYS C 126 -8.87 -18.35 5.41
N GLU C 127 -10.15 -18.61 5.65
CA GLU C 127 -11.17 -17.57 5.60
C GLU C 127 -11.77 -17.32 6.99
N ARG C 128 -12.38 -16.15 7.16
CA ARG C 128 -13.18 -15.86 8.34
C ARG C 128 -14.30 -14.91 7.97
N VAL C 129 -14.99 -14.38 8.96
CA VAL C 129 -16.02 -13.39 8.72
C VAL C 129 -15.57 -12.04 9.25
N LEU C 130 -15.89 -10.98 8.51
CA LEU C 130 -15.57 -9.63 8.93
C LEU C 130 -16.76 -8.71 8.74
N ASN C 131 -17.00 -7.88 9.75
CA ASN C 131 -18.00 -6.82 9.69
C ASN C 131 -19.43 -7.32 9.49
N VAL C 132 -19.80 -8.36 10.24
CA VAL C 132 -21.17 -8.85 10.23
C VAL C 132 -22.08 -7.86 10.96
N PRO C 133 -23.12 -7.35 10.28
CA PRO C 133 -24.08 -6.39 10.84
C PRO C 133 -25.02 -7.08 11.84
N LEU C 134 -24.55 -7.20 13.08
CA LEU C 134 -25.35 -7.79 14.13
C LEU C 134 -26.44 -6.81 14.57
N CYS C 135 -27.67 -7.32 14.70
CA CYS C 135 -28.79 -6.49 15.14
C CYS C 135 -28.45 -5.73 16.43
N LYS C 136 -28.95 -4.50 16.51
CA LYS C 136 -28.62 -3.63 17.64
C LYS C 136 -28.98 -4.31 18.95
N GLU C 137 -30.19 -4.88 19.00
CA GLU C 137 -30.71 -5.44 20.25
C GLU C 137 -29.89 -6.63 20.74
N ASP C 138 -29.50 -7.52 19.83
CA ASP C 138 -28.66 -8.66 20.19
C ASP C 138 -27.37 -8.20 20.83
N CYS C 139 -26.78 -7.16 20.23
CA CYS C 139 -25.51 -6.64 20.68
C CYS C 139 -25.64 -5.98 22.04
N GLU C 140 -26.71 -5.22 22.22
CA GLU C 140 -27.00 -4.60 23.51
C GLU C 140 -27.22 -5.66 24.59
N GLN C 141 -28.12 -6.59 24.31
CA GLN C 141 -28.51 -7.62 25.28
C GLN C 141 -27.32 -8.46 25.73
N TRP C 142 -26.44 -8.76 24.79
CA TRP C 142 -25.19 -9.44 25.09
C TRP C 142 -24.37 -8.61 26.07
N TRP C 143 -24.26 -7.33 25.75
CA TRP C 143 -23.50 -6.38 26.54
C TRP C 143 -24.12 -6.22 27.93
N GLU C 144 -25.45 -6.19 27.99
CA GLU C 144 -26.16 -6.01 29.25
C GLU C 144 -26.05 -7.24 30.17
N ASP C 145 -26.11 -8.43 29.59
CA ASP C 145 -26.09 -9.67 30.35
C ASP C 145 -24.69 -10.03 30.84
N CYS C 146 -23.69 -9.45 30.19
CA CYS C 146 -22.30 -9.67 30.58
C CYS C 146 -21.86 -8.72 31.69
N ARG C 147 -22.79 -7.88 32.16
CA ARG C 147 -22.48 -6.82 33.11
C ARG C 147 -21.71 -7.32 34.34
N THR C 148 -22.18 -8.42 34.91
CA THR C 148 -21.68 -8.93 36.18
C THR C 148 -20.35 -9.67 36.07
N SER C 149 -19.89 -9.90 34.84
CA SER C 149 -18.73 -10.74 34.59
C SER C 149 -17.42 -9.96 34.59
N TYR C 150 -16.32 -10.64 34.28
CA TYR C 150 -14.99 -10.03 34.31
C TYR C 150 -14.10 -10.52 33.17
N THR C 151 -13.05 -9.75 32.87
CA THR C 151 -12.10 -10.11 31.81
C THR C 151 -10.84 -9.26 31.95
N CYS C 152 -9.83 -9.53 31.12
CA CYS C 152 -8.57 -8.80 31.20
C CYS C 152 -8.06 -8.31 29.84
N LYS C 153 -8.90 -8.44 28.82
CA LYS C 153 -8.53 -8.04 27.46
C LYS C 153 -9.74 -7.58 26.64
N SER C 154 -9.48 -6.74 25.65
CA SER C 154 -10.53 -6.29 24.73
C SER C 154 -10.43 -7.04 23.40
N ASN C 155 -9.26 -7.62 23.14
CA ASN C 155 -8.99 -8.40 21.93
C ASN C 155 -8.82 -9.87 22.28
N TRP C 156 -9.86 -10.67 22.09
CA TRP C 156 -9.84 -12.07 22.51
C TRP C 156 -9.27 -13.03 21.47
N HIS C 157 -8.57 -12.48 20.46
CA HIS C 157 -7.96 -13.29 19.42
C HIS C 157 -6.43 -13.35 19.56
N LYS C 158 -5.83 -12.25 19.99
CA LYS C 158 -4.38 -12.16 20.17
C LYS C 158 -3.98 -11.73 21.58
N GLY C 159 -2.84 -12.23 22.06
CA GLY C 159 -2.28 -11.77 23.32
C GLY C 159 -2.40 -12.69 24.53
N TRP C 160 -2.94 -13.89 24.33
CA TRP C 160 -3.14 -14.82 25.45
C TRP C 160 -1.91 -15.65 25.76
N ASN C 161 -1.77 -16.02 27.04
CA ASN C 161 -0.72 -16.93 27.51
C ASN C 161 -1.23 -18.39 27.48
N TRP C 162 -0.88 -19.11 26.41
CA TRP C 162 -1.38 -20.47 26.21
C TRP C 162 -0.46 -21.55 26.75
N THR C 163 0.31 -21.21 27.78
CA THR C 163 1.25 -22.14 28.40
C THR C 163 0.52 -23.34 29.03
N SER C 164 -0.58 -23.04 29.72
CA SER C 164 -1.30 -24.07 30.47
C SER C 164 -2.09 -25.00 29.56
N GLY C 165 -2.13 -24.71 28.27
CA GLY C 165 -2.89 -25.50 27.32
C GLY C 165 -4.20 -24.83 26.96
N PHE C 166 -4.55 -23.78 27.70
CA PHE C 166 -5.67 -22.91 27.37
C PHE C 166 -5.31 -21.47 27.70
N ASN C 167 -6.10 -20.53 27.20
CA ASN C 167 -5.78 -19.12 27.38
C ASN C 167 -5.90 -18.68 28.82
N LYS C 168 -4.86 -18.01 29.30
CA LYS C 168 -4.88 -17.37 30.59
C LYS C 168 -4.49 -15.90 30.45
N CYS C 169 -4.80 -15.10 31.46
CA CYS C 169 -4.54 -13.67 31.40
C CYS C 169 -3.05 -13.36 31.27
N ALA C 170 -2.69 -12.63 30.23
CA ALA C 170 -1.31 -12.22 30.01
C ALA C 170 -0.78 -11.43 31.21
N VAL C 171 -1.66 -10.64 31.82
CA VAL C 171 -1.36 -9.99 33.09
C VAL C 171 -2.47 -10.34 34.09
N GLY C 172 -2.11 -11.11 35.11
CA GLY C 172 -3.09 -11.58 36.08
C GLY C 172 -3.77 -10.49 36.87
N ALA C 173 -3.10 -9.34 36.97
CA ALA C 173 -3.65 -8.23 37.73
C ALA C 173 -4.55 -7.33 36.87
N ALA C 174 -4.95 -7.83 35.70
CA ALA C 174 -5.71 -7.02 34.75
C ALA C 174 -7.22 -7.28 34.80
N CYS C 175 -7.65 -8.12 35.74
CA CYS C 175 -9.07 -8.45 35.87
C CYS C 175 -9.92 -7.26 36.30
N GLN C 176 -10.85 -6.85 35.42
CA GLN C 176 -11.76 -5.76 35.70
C GLN C 176 -13.16 -6.14 35.22
N PRO C 177 -14.20 -5.47 35.75
CA PRO C 177 -15.58 -5.72 35.32
C PRO C 177 -15.72 -5.67 33.81
N PHE C 178 -16.72 -6.37 33.27
CA PHE C 178 -16.78 -6.61 31.83
C PHE C 178 -16.91 -5.33 31.04
N HIS C 179 -17.58 -4.34 31.63
CA HIS C 179 -17.81 -3.09 30.93
C HIS C 179 -16.61 -2.13 31.05
N PHE C 180 -15.56 -2.57 31.74
CA PHE C 180 -14.34 -1.79 31.82
C PHE C 180 -13.59 -1.84 30.51
N TYR C 181 -13.43 -3.04 29.97
CA TYR C 181 -12.76 -3.23 28.69
C TYR C 181 -13.75 -3.12 27.53
N PHE C 182 -15.05 -3.15 27.85
CA PHE C 182 -16.08 -2.94 26.85
C PHE C 182 -17.14 -1.96 27.34
N PRO C 183 -16.81 -0.65 27.32
CA PRO C 183 -17.66 0.44 27.82
C PRO C 183 -19.04 0.50 27.18
N THR C 184 -19.13 0.22 25.88
CA THR C 184 -20.41 0.25 25.20
C THR C 184 -20.64 -1.05 24.44
N PRO C 185 -21.90 -1.35 24.12
CA PRO C 185 -22.24 -2.50 23.28
C PRO C 185 -21.39 -2.60 22.02
N THR C 186 -21.24 -1.49 21.31
CA THR C 186 -20.53 -1.51 20.03
C THR C 186 -19.05 -1.88 20.21
N VAL C 187 -18.44 -1.42 21.30
CA VAL C 187 -17.06 -1.77 21.57
C VAL C 187 -16.98 -3.25 21.94
N LEU C 188 -18.01 -3.76 22.61
CA LEU C 188 -18.02 -5.16 23.01
C LEU C 188 -18.11 -6.10 21.81
N CYS C 189 -19.01 -5.81 20.89
CA CYS C 189 -19.29 -6.71 19.77
C CYS C 189 -18.23 -6.59 18.66
N ASN C 190 -17.73 -5.39 18.44
CA ASN C 190 -16.76 -5.15 17.38
C ASN C 190 -15.33 -5.57 17.75
N GLU C 191 -14.90 -5.28 18.97
CA GLU C 191 -13.51 -5.48 19.35
C GLU C 191 -13.19 -6.85 19.96
N ILE C 192 -14.22 -7.56 20.44
CA ILE C 192 -13.97 -8.82 21.13
C ILE C 192 -13.39 -9.86 20.18
N TRP C 193 -13.88 -9.87 18.94
CA TRP C 193 -13.42 -10.83 17.93
C TRP C 193 -12.77 -10.12 16.74
N THR C 194 -12.00 -9.07 17.03
CA THR C 194 -11.28 -8.27 16.03
C THR C 194 -12.13 -7.92 14.80
N HIS C 195 -13.20 -7.18 15.03
CA HIS C 195 -14.11 -6.72 13.96
C HIS C 195 -14.78 -7.88 13.23
N SER C 196 -15.01 -9.00 13.91
CA SER C 196 -15.78 -10.06 13.30
C SER C 196 -17.21 -9.58 13.12
N TYR C 197 -17.64 -8.72 14.04
CA TYR C 197 -18.92 -8.04 13.90
C TYR C 197 -18.72 -6.54 13.63
N LYS C 198 -19.75 -5.94 13.05
CA LYS C 198 -19.86 -4.49 12.88
C LYS C 198 -21.31 -4.15 13.21
N VAL C 199 -21.53 -3.74 14.46
CA VAL C 199 -22.88 -3.61 14.99
C VAL C 199 -23.75 -2.72 14.13
N SER C 200 -24.99 -3.12 13.90
CA SER C 200 -25.87 -2.37 13.01
C SER C 200 -26.71 -1.32 13.73
N ASN C 201 -27.16 -0.32 12.98
CA ASN C 201 -28.14 0.64 13.48
C ASN C 201 -29.55 0.05 13.35
N TYR C 202 -29.68 -0.95 12.49
CA TYR C 202 -30.97 -1.60 12.28
C TYR C 202 -31.37 -2.52 13.44
N SER C 203 -32.68 -2.68 13.65
CA SER C 203 -33.20 -3.52 14.72
C SER C 203 -33.55 -4.92 14.25
N ARG C 204 -33.83 -5.81 15.20
CA ARG C 204 -34.29 -7.16 14.89
C ARG C 204 -35.57 -7.12 14.07
N GLY C 205 -35.64 -7.90 13.00
CA GLY C 205 -36.84 -7.95 12.19
C GLY C 205 -36.89 -6.87 11.12
N SER C 206 -35.77 -6.18 10.95
CA SER C 206 -35.67 -5.19 9.89
C SER C 206 -35.22 -5.84 8.60
N GLY C 207 -34.53 -6.97 8.72
CA GLY C 207 -34.05 -7.71 7.57
C GLY C 207 -32.82 -7.08 6.97
N ARG C 208 -32.20 -6.20 7.75
CA ARG C 208 -30.99 -5.52 7.31
C ARG C 208 -29.82 -5.86 8.23
N CYS C 209 -30.08 -6.74 9.20
CA CYS C 209 -29.05 -7.13 10.14
C CYS C 209 -29.14 -8.61 10.52
N ILE C 210 -28.02 -9.15 10.97
CA ILE C 210 -27.94 -10.55 11.36
C ILE C 210 -28.35 -10.73 12.81
N GLN C 211 -29.30 -11.64 13.05
CA GLN C 211 -29.68 -12.00 14.41
C GLN C 211 -28.99 -13.28 14.83
N MET C 212 -28.22 -13.22 15.92
CA MET C 212 -27.58 -14.43 16.42
C MET C 212 -28.56 -15.19 17.34
N TRP C 213 -29.56 -14.48 17.85
CA TRP C 213 -30.67 -15.13 18.54
C TRP C 213 -31.92 -15.10 17.68
N PHE C 214 -32.50 -16.25 17.39
CA PHE C 214 -33.84 -16.27 16.82
C PHE C 214 -34.63 -17.52 17.21
N ASP C 215 -35.93 -17.46 16.96
CA ASP C 215 -36.81 -18.61 17.08
C ASP C 215 -36.95 -19.26 15.71
N PRO C 216 -36.41 -20.49 15.57
CA PRO C 216 -36.47 -21.20 14.30
C PRO C 216 -37.91 -21.49 13.90
N ALA C 217 -38.79 -21.58 14.88
CA ALA C 217 -40.20 -21.88 14.63
C ALA C 217 -40.90 -20.76 13.87
N GLN C 218 -40.23 -19.62 13.76
CA GLN C 218 -40.72 -18.51 12.97
C GLN C 218 -39.93 -18.37 11.68
N GLY C 219 -38.81 -19.09 11.61
CA GLY C 219 -37.95 -19.10 10.44
C GLY C 219 -36.60 -18.45 10.70
N ASN C 220 -35.61 -18.83 9.90
CA ASN C 220 -34.29 -18.21 9.95
C ASN C 220 -34.31 -16.88 9.18
N PRO C 221 -34.25 -15.75 9.91
CA PRO C 221 -34.38 -14.41 9.33
C PRO C 221 -33.14 -13.93 8.58
N ASN C 222 -31.99 -14.55 8.85
CA ASN C 222 -30.74 -14.16 8.21
C ASN C 222 -30.63 -14.58 6.74
N GLU C 223 -31.45 -15.55 6.33
CA GLU C 223 -31.47 -16.01 4.94
C GLU C 223 -31.84 -14.86 4.01
N GLU C 224 -32.85 -14.11 4.42
CA GLU C 224 -33.29 -12.90 3.72
C GLU C 224 -32.22 -11.80 3.79
N VAL C 225 -31.52 -11.75 4.92
CA VAL C 225 -30.50 -10.72 5.17
C VAL C 225 -29.23 -10.99 4.36
N ALA C 226 -28.86 -12.26 4.25
CA ALA C 226 -27.70 -12.63 3.45
C ALA C 226 -27.98 -12.41 1.97
N ARG C 227 -29.17 -12.83 1.53
CA ARG C 227 -29.60 -12.66 0.14
C ARG C 227 -29.60 -11.18 -0.26
N PHE C 228 -29.94 -10.33 0.71
CA PHE C 228 -29.97 -8.89 0.50
C PHE C 228 -28.58 -8.33 0.24
N TYR C 229 -27.72 -8.39 1.25
CA TYR C 229 -26.38 -7.83 1.15
C TYR C 229 -25.53 -8.49 0.06
N ALA C 230 -25.82 -9.75 -0.25
CA ALA C 230 -25.13 -10.45 -1.32
C ALA C 230 -25.38 -9.74 -2.64
N ALA C 231 -26.64 -9.44 -2.91
CA ALA C 231 -27.01 -8.78 -4.16
C ALA C 231 -26.54 -7.33 -4.17
N ALA C 232 -26.36 -6.76 -2.99
CA ALA C 232 -25.91 -5.38 -2.86
C ALA C 232 -24.44 -5.23 -3.30
N MET C 233 -23.61 -6.20 -2.94
CA MET C 233 -22.19 -6.12 -3.26
C MET C 233 -21.83 -6.82 -4.57
N SER C 234 -22.82 -7.47 -5.19
CA SER C 234 -22.57 -8.14 -6.46
C SER C 234 -23.22 -7.38 -7.63
N GLY C 235 -23.85 -6.25 -7.31
CA GLY C 235 -24.43 -5.39 -8.32
C GLY C 235 -25.86 -5.73 -8.67
N THR C 236 -26.19 -7.02 -8.61
CA THR C 236 -27.52 -7.49 -9.01
C THR C 236 -28.59 -7.03 -8.02
N LEU C 237 -29.83 -7.47 -8.23
CA LEU C 237 -30.92 -7.16 -7.32
C LEU C 237 -31.49 -8.43 -6.67
N VAL C 238 -32.10 -8.25 -5.49
CA VAL C 238 -32.57 -9.35 -4.66
C VAL C 238 -33.43 -10.35 -5.43
N ALA D 27 45.55 -15.20 21.29
CA ALA D 27 44.49 -14.92 20.33
C ALA D 27 43.28 -14.30 21.02
N TRP D 28 42.30 -15.13 21.36
CA TRP D 28 41.08 -14.68 22.02
C TRP D 28 40.38 -15.85 22.72
N ALA D 29 40.21 -15.73 24.04
CA ALA D 29 39.59 -16.78 24.84
C ALA D 29 38.15 -16.42 25.17
N ARG D 30 37.38 -17.40 25.65
CA ARG D 30 35.98 -17.16 25.99
C ARG D 30 35.51 -18.09 27.13
N THR D 31 35.12 -17.50 28.26
CA THR D 31 34.74 -18.25 29.46
C THR D 31 33.27 -18.70 29.43
N GLU D 32 32.39 -17.82 28.96
CA GLU D 32 30.98 -18.17 28.82
C GLU D 32 30.72 -18.95 27.53
N LEU D 33 30.59 -20.26 27.66
CA LEU D 33 30.44 -21.14 26.51
C LEU D 33 29.02 -21.73 26.38
N LEU D 34 28.49 -22.19 27.51
CA LEU D 34 27.21 -22.89 27.52
C LEU D 34 26.03 -21.95 27.74
N ASN D 35 24.97 -22.16 26.97
CA ASN D 35 23.77 -21.33 27.03
C ASN D 35 24.08 -19.85 26.82
N VAL D 36 24.63 -19.51 25.65
CA VAL D 36 24.95 -18.13 25.32
C VAL D 36 24.48 -17.77 23.92
N CYS D 37 24.52 -16.48 23.60
CA CYS D 37 24.18 -16.00 22.27
C CYS D 37 25.32 -15.17 21.70
N MET D 38 25.71 -15.49 20.47
CA MET D 38 26.82 -14.80 19.81
C MET D 38 26.45 -13.35 19.49
N ASN D 39 27.44 -12.53 19.19
CA ASN D 39 27.19 -11.14 18.81
C ASN D 39 27.06 -10.99 17.30
N ALA D 40 25.91 -11.37 16.76
CA ALA D 40 25.66 -11.32 15.33
C ALA D 40 24.55 -10.31 15.03
N LYS D 41 24.14 -10.26 13.76
CA LYS D 41 23.22 -9.23 13.29
C LYS D 41 21.78 -9.15 13.83
N HIS D 42 21.29 -10.25 14.42
CA HIS D 42 19.91 -10.26 14.90
C HIS D 42 19.76 -10.93 16.26
N HIS D 43 20.86 -11.53 16.74
CA HIS D 43 20.82 -12.28 18.00
C HIS D 43 20.47 -11.42 19.19
N LYS D 44 19.70 -12.00 20.11
CA LYS D 44 19.44 -11.36 21.40
C LYS D 44 20.71 -11.41 22.26
N GLU D 45 20.64 -10.85 23.46
CA GLU D 45 21.80 -10.83 24.34
C GLU D 45 22.00 -12.17 25.04
N LYS D 46 20.90 -12.86 25.32
CA LYS D 46 20.95 -14.14 26.01
C LYS D 46 19.74 -15.02 25.65
N PRO D 47 19.86 -16.34 25.83
CA PRO D 47 18.76 -17.28 25.57
C PRO D 47 17.50 -16.99 26.38
N GLY D 48 16.37 -17.51 25.91
CA GLY D 48 15.10 -17.34 26.61
C GLY D 48 13.96 -17.93 25.80
N PRO D 49 12.99 -18.56 26.48
CA PRO D 49 11.83 -19.20 25.83
C PRO D 49 11.08 -18.29 24.84
N GLU D 50 10.81 -18.83 23.66
CA GLU D 50 10.09 -18.12 22.61
C GLU D 50 9.00 -19.02 22.03
N ASP D 51 7.87 -19.10 22.74
CA ASP D 51 6.81 -20.04 22.39
C ASP D 51 6.01 -19.66 21.15
N LYS D 52 6.53 -18.71 20.37
CA LYS D 52 5.86 -18.25 19.16
C LYS D 52 6.76 -18.34 17.92
N LEU D 53 7.78 -19.19 17.98
CA LEU D 53 8.67 -19.42 16.85
C LEU D 53 7.94 -20.08 15.69
N HIS D 54 8.44 -19.91 14.47
CA HIS D 54 7.71 -20.40 13.30
C HIS D 54 7.99 -21.88 13.02
N GLU D 55 7.42 -22.37 11.92
CA GLU D 55 7.25 -23.80 11.69
C GLU D 55 8.57 -24.56 11.90
N GLN D 56 9.60 -24.26 11.10
CA GLN D 56 10.83 -25.02 11.19
C GLN D 56 11.73 -24.64 12.39
N CYS D 57 11.45 -23.53 13.06
CA CYS D 57 12.30 -23.15 14.20
C CYS D 57 11.69 -23.64 15.51
N ARG D 58 10.53 -24.28 15.38
CA ARG D 58 9.80 -24.87 16.50
C ARG D 58 10.64 -25.63 17.53
N PRO D 59 11.66 -26.40 17.10
CA PRO D 59 12.38 -27.13 18.15
C PRO D 59 13.21 -26.29 19.13
N TRP D 60 13.20 -24.97 18.99
CA TRP D 60 13.96 -24.14 19.92
C TRP D 60 13.08 -23.25 20.79
N ARG D 61 11.78 -23.52 20.83
CA ARG D 61 10.85 -22.75 21.66
C ARG D 61 11.22 -22.81 23.13
N LYS D 62 11.83 -23.93 23.53
CA LYS D 62 12.28 -24.14 24.90
C LYS D 62 13.33 -23.10 25.32
N ASN D 63 14.23 -22.79 24.40
CA ASN D 63 15.33 -21.86 24.69
C ASN D 63 16.02 -21.42 23.39
N ALA D 64 15.69 -20.22 22.91
CA ALA D 64 16.21 -19.72 21.64
C ALA D 64 16.93 -18.37 21.76
N CYS D 65 17.82 -18.10 20.80
CA CYS D 65 18.50 -16.82 20.72
C CYS D 65 17.82 -15.94 19.67
N CYS D 66 16.92 -16.55 18.91
CA CYS D 66 16.19 -15.84 17.87
C CYS D 66 14.84 -15.36 18.38
N SER D 67 14.19 -14.54 17.57
CA SER D 67 12.91 -13.95 17.96
C SER D 67 11.78 -14.46 17.10
N THR D 68 10.55 -14.13 17.50
CA THR D 68 9.36 -14.52 16.77
C THR D 68 9.35 -13.90 15.38
N ASN D 69 9.97 -12.72 15.23
CA ASN D 69 10.10 -12.11 13.92
C ASN D 69 11.20 -12.79 13.12
N THR D 70 12.29 -13.14 13.78
CA THR D 70 13.42 -13.76 13.09
C THR D 70 13.01 -15.10 12.46
N SER D 71 12.24 -15.88 13.21
CA SER D 71 11.85 -17.22 12.77
C SER D 71 10.87 -17.17 11.59
N GLN D 72 9.97 -16.19 11.59
CA GLN D 72 9.03 -16.02 10.49
C GLN D 72 9.74 -15.59 9.21
N GLU D 73 10.93 -15.01 9.37
CA GLU D 73 11.72 -14.56 8.23
C GLU D 73 12.65 -15.64 7.70
N ALA D 74 12.97 -16.61 8.54
CA ALA D 74 13.82 -17.73 8.14
C ALA D 74 13.13 -18.59 7.06
N HIS D 75 11.82 -18.41 6.91
CA HIS D 75 11.04 -19.17 5.95
C HIS D 75 10.61 -18.33 4.76
N LYS D 76 11.33 -17.25 4.48
CA LYS D 76 10.93 -16.38 3.38
C LYS D 76 12.03 -16.22 2.33
N ASP D 77 11.62 -16.07 1.07
CA ASP D 77 12.55 -15.77 -0.01
C ASP D 77 12.95 -14.31 0.05
N VAL D 78 14.26 -14.04 0.00
CA VAL D 78 14.78 -12.68 0.10
C VAL D 78 14.23 -12.03 1.38
N SER D 79 14.50 -12.67 2.51
CA SER D 79 13.93 -12.27 3.78
C SER D 79 14.47 -10.95 4.31
N TYR D 80 13.90 -10.49 5.42
CA TYR D 80 14.37 -9.28 6.08
C TYR D 80 15.72 -9.52 6.73
N LEU D 81 16.05 -10.80 6.98
CA LEU D 81 17.26 -11.14 7.72
C LEU D 81 18.54 -10.74 6.99
N TYR D 82 18.73 -11.25 5.78
CA TYR D 82 19.95 -10.94 5.02
C TYR D 82 19.63 -10.63 3.57
N ARG D 83 18.34 -10.47 3.27
CA ARG D 83 17.88 -10.20 1.91
C ARG D 83 18.53 -11.16 0.92
N PHE D 84 18.70 -12.41 1.35
CA PHE D 84 19.39 -13.43 0.57
C PHE D 84 18.42 -14.14 -0.36
N ASN D 85 18.83 -14.26 -1.61
CA ASN D 85 18.03 -14.89 -2.64
C ASN D 85 18.41 -16.36 -2.83
N TRP D 86 17.57 -17.27 -2.33
CA TRP D 86 17.86 -18.69 -2.48
C TRP D 86 17.77 -19.12 -3.95
N ASN D 87 16.91 -18.44 -4.71
CA ASN D 87 16.64 -18.82 -6.10
C ASN D 87 17.52 -18.09 -7.12
N HIS D 88 18.80 -17.95 -6.80
CA HIS D 88 19.73 -17.21 -7.67
C HIS D 88 19.96 -17.93 -9.00
N CYS D 89 19.62 -19.20 -9.06
CA CYS D 89 19.79 -19.96 -10.30
C CYS D 89 18.52 -20.71 -10.68
N GLY D 90 17.44 -19.97 -10.94
CA GLY D 90 16.15 -20.59 -11.14
C GLY D 90 15.59 -21.03 -9.79
N GLU D 91 14.38 -21.56 -9.79
CA GLU D 91 13.72 -21.96 -8.56
C GLU D 91 14.46 -23.09 -7.84
N MET D 92 14.84 -22.84 -6.59
CA MET D 92 15.45 -23.88 -5.77
C MET D 92 14.38 -24.82 -5.21
N ALA D 93 14.56 -26.11 -5.44
CA ALA D 93 13.62 -27.13 -4.99
C ALA D 93 13.42 -27.10 -3.47
N PRO D 94 12.18 -27.28 -3.02
CA PRO D 94 11.77 -27.23 -1.62
C PRO D 94 12.39 -28.32 -0.74
N ALA D 95 12.81 -29.43 -1.32
CA ALA D 95 13.51 -30.44 -0.56
C ALA D 95 14.90 -29.90 -0.21
N CYS D 96 15.35 -28.95 -1.00
CA CYS D 96 16.66 -28.32 -0.79
C CYS D 96 16.56 -27.11 0.11
N LYS D 97 15.57 -26.26 -0.14
CA LYS D 97 15.39 -25.02 0.62
C LYS D 97 15.16 -25.27 2.10
N ARG D 98 14.50 -26.39 2.41
CA ARG D 98 14.12 -26.72 3.78
C ARG D 98 15.34 -26.95 4.67
N HIS D 99 16.46 -27.30 4.05
CA HIS D 99 17.70 -27.46 4.78
C HIS D 99 18.34 -26.10 5.06
N PHE D 100 18.26 -25.22 4.08
CA PHE D 100 18.76 -23.86 4.21
C PHE D 100 17.97 -23.06 5.23
N ILE D 101 16.70 -23.45 5.40
CA ILE D 101 15.85 -22.84 6.39
C ILE D 101 16.18 -23.36 7.79
N GLN D 102 16.38 -24.68 7.90
CA GLN D 102 16.78 -25.28 9.17
C GLN D 102 18.16 -24.82 9.58
N ASP D 103 19.04 -24.63 8.61
CA ASP D 103 20.37 -24.08 8.87
C ASP D 103 20.23 -22.70 9.51
N THR D 104 19.39 -21.88 8.90
CA THR D 104 19.09 -20.54 9.40
C THR D 104 18.58 -20.60 10.84
N CYS D 105 17.65 -21.49 11.10
CA CYS D 105 17.10 -21.62 12.45
C CYS D 105 18.16 -22.08 13.46
N LEU D 106 19.08 -22.94 13.04
CA LEU D 106 20.16 -23.35 13.92
C LEU D 106 21.08 -22.16 14.21
N TYR D 107 21.42 -21.41 13.16
CA TYR D 107 22.34 -20.28 13.30
C TYR D 107 21.75 -19.18 14.18
N GLU D 108 20.47 -18.87 13.97
CA GLU D 108 19.85 -17.75 14.65
C GLU D 108 19.26 -18.12 16.01
N CYS D 109 18.99 -19.40 16.24
CA CYS D 109 18.29 -19.79 17.47
C CYS D 109 19.07 -20.64 18.47
N SER D 110 20.07 -21.38 18.01
CA SER D 110 20.73 -22.34 18.89
C SER D 110 21.52 -21.69 20.02
N PRO D 111 21.14 -22.00 21.26
CA PRO D 111 21.87 -21.52 22.44
C PRO D 111 23.08 -22.41 22.74
N ASN D 112 23.34 -23.38 21.87
CA ASN D 112 24.37 -24.37 22.15
C ASN D 112 25.50 -24.30 21.15
N LEU D 113 25.78 -23.11 20.63
CA LEU D 113 26.87 -22.91 19.68
C LEU D 113 28.10 -22.29 20.32
N GLY D 114 28.00 -21.99 21.61
CA GLY D 114 29.06 -21.32 22.35
C GLY D 114 30.51 -21.68 22.04
N PRO D 115 30.89 -22.94 22.29
CA PRO D 115 32.28 -23.41 22.10
C PRO D 115 32.86 -23.16 20.70
N TRP D 116 32.04 -22.77 19.73
CA TRP D 116 32.52 -22.57 18.38
C TRP D 116 32.38 -21.12 17.93
N ILE D 117 31.93 -20.26 18.84
CA ILE D 117 31.85 -18.83 18.56
C ILE D 117 33.24 -18.20 18.50
N GLN D 118 33.47 -17.35 17.50
CA GLN D 118 34.74 -16.65 17.37
C GLN D 118 34.57 -15.23 16.88
N GLN D 119 35.27 -14.31 17.53
CA GLN D 119 35.24 -12.88 17.19
C GLN D 119 35.96 -12.60 15.88
N VAL D 120 35.21 -12.14 14.89
CA VAL D 120 35.77 -11.94 13.55
C VAL D 120 35.74 -10.48 13.15
N ASP D 121 34.91 -9.69 13.83
CA ASP D 121 34.86 -8.23 13.66
C ASP D 121 34.63 -7.77 12.22
N GLN D 122 33.42 -7.98 11.72
CA GLN D 122 33.06 -7.50 10.40
C GLN D 122 31.79 -6.66 10.49
N SER D 123 31.50 -5.92 9.41
CA SER D 123 30.49 -4.87 9.42
C SER D 123 29.09 -5.26 9.94
N TRP D 124 28.75 -6.55 9.88
CA TRP D 124 27.41 -6.96 10.28
C TRP D 124 27.38 -7.94 11.45
N ARG D 125 28.55 -8.36 11.93
CA ARG D 125 28.63 -9.17 13.14
C ARG D 125 30.01 -9.07 13.76
N LYS D 126 30.03 -8.91 15.08
CA LYS D 126 31.29 -8.92 15.81
C LYS D 126 31.79 -10.35 15.89
N GLU D 127 30.87 -11.27 16.16
CA GLU D 127 31.20 -12.67 16.30
C GLU D 127 30.45 -13.53 15.29
N ARG D 128 30.93 -14.75 15.10
CA ARG D 128 30.23 -15.75 14.30
C ARG D 128 30.57 -17.12 14.85
N VAL D 129 30.18 -18.17 14.13
CA VAL D 129 30.58 -19.53 14.49
C VAL D 129 31.54 -20.07 13.45
N LEU D 130 32.46 -20.91 13.91
CA LEU D 130 33.44 -21.52 13.03
C LEU D 130 33.70 -22.98 13.42
N ASN D 131 33.80 -23.84 12.42
CA ASN D 131 34.11 -25.25 12.60
C ASN D 131 33.12 -25.96 13.53
N VAL D 132 31.84 -25.71 13.32
CA VAL D 132 30.79 -26.44 14.01
C VAL D 132 30.78 -27.87 13.49
N PRO D 133 30.97 -28.86 14.39
CA PRO D 133 31.01 -30.27 14.01
C PRO D 133 29.61 -30.81 13.63
N LEU D 134 29.18 -30.51 12.42
CA LEU D 134 27.89 -30.97 11.93
C LEU D 134 27.94 -32.47 11.79
N CYS D 135 26.87 -33.15 12.20
CA CYS D 135 26.81 -34.60 12.11
C CYS D 135 26.93 -35.05 10.66
N LYS D 136 27.56 -36.19 10.46
CA LYS D 136 27.81 -36.75 9.13
C LYS D 136 26.53 -36.83 8.29
N GLU D 137 25.50 -37.42 8.87
CA GLU D 137 24.24 -37.67 8.17
C GLU D 137 23.50 -36.37 7.83
N ASP D 138 23.43 -35.45 8.80
CA ASP D 138 22.81 -34.14 8.58
C ASP D 138 23.33 -33.48 7.32
N CYS D 139 24.64 -33.57 7.13
CA CYS D 139 25.34 -32.96 6.01
C CYS D 139 25.03 -33.68 4.70
N GLU D 140 25.26 -34.99 4.68
CA GLU D 140 25.03 -35.81 3.50
C GLU D 140 23.60 -35.68 2.97
N GLN D 141 22.62 -35.74 3.88
CA GLN D 141 21.22 -35.57 3.51
C GLN D 141 20.92 -34.20 2.92
N TRP D 142 21.57 -33.18 3.50
CA TRP D 142 21.49 -31.84 2.96
C TRP D 142 22.07 -31.84 1.55
N TRP D 143 23.27 -32.43 1.42
CA TRP D 143 23.94 -32.53 0.14
C TRP D 143 23.11 -33.29 -0.88
N GLU D 144 22.37 -34.28 -0.39
CA GLU D 144 21.55 -35.14 -1.24
C GLU D 144 20.39 -34.36 -1.82
N ASP D 145 19.58 -33.78 -0.94
CA ASP D 145 18.35 -33.11 -1.32
C ASP D 145 18.57 -31.91 -2.24
N CYS D 146 19.83 -31.48 -2.36
CA CYS D 146 20.11 -30.31 -3.18
C CYS D 146 20.60 -30.66 -4.57
N ARG D 147 20.83 -31.95 -4.81
CA ARG D 147 21.29 -32.45 -6.11
C ARG D 147 20.53 -31.82 -7.28
N THR D 148 19.22 -31.70 -7.11
CA THR D 148 18.33 -31.19 -8.14
C THR D 148 18.50 -29.70 -8.38
N SER D 149 18.80 -28.96 -7.32
CA SER D 149 18.86 -27.50 -7.39
C SER D 149 20.15 -26.98 -8.02
N TYR D 150 20.23 -25.66 -8.19
CA TYR D 150 21.33 -25.05 -8.91
C TYR D 150 22.00 -23.92 -8.13
N THR D 151 23.13 -23.45 -8.64
CA THR D 151 23.84 -22.33 -8.04
C THR D 151 24.95 -21.88 -9.00
N CYS D 152 25.74 -20.89 -8.56
CA CYS D 152 26.80 -20.33 -9.40
C CYS D 152 28.09 -20.09 -8.62
N LYS D 153 28.06 -20.33 -7.32
CA LYS D 153 29.20 -20.07 -6.45
C LYS D 153 29.35 -21.12 -5.34
N SER D 154 30.60 -21.36 -4.94
CA SER D 154 30.89 -22.27 -3.83
C SER D 154 31.14 -21.49 -2.52
N ASN D 155 31.34 -20.18 -2.66
CA ASN D 155 31.35 -19.26 -1.52
C ASN D 155 30.09 -18.42 -1.54
N TRP D 156 29.19 -18.66 -0.59
CA TRP D 156 27.93 -17.94 -0.53
C TRP D 156 27.97 -16.78 0.49
N HIS D 157 29.17 -16.47 0.96
CA HIS D 157 29.33 -15.39 1.94
C HIS D 157 29.98 -14.14 1.33
N LYS D 158 30.86 -14.32 0.35
CA LYS D 158 31.58 -13.21 -0.27
C LYS D 158 31.46 -13.27 -1.79
N GLY D 159 31.47 -12.11 -2.45
CA GLY D 159 31.54 -12.07 -3.90
C GLY D 159 30.22 -12.02 -4.66
N TRP D 160 29.13 -11.79 -3.95
CA TRP D 160 27.82 -11.69 -4.58
C TRP D 160 27.57 -10.30 -5.16
N ASN D 161 26.86 -10.25 -6.29
CA ASN D 161 26.39 -8.99 -6.87
C ASN D 161 25.07 -8.53 -6.21
N TRP D 162 25.19 -7.65 -5.22
CA TRP D 162 24.03 -7.16 -4.47
C TRP D 162 23.41 -5.89 -5.05
N THR D 163 23.57 -5.69 -6.36
CA THR D 163 23.15 -4.45 -7.01
C THR D 163 21.65 -4.18 -6.90
N SER D 164 20.84 -5.23 -7.05
CA SER D 164 19.40 -5.07 -7.03
C SER D 164 18.83 -5.02 -5.61
N GLY D 165 19.69 -5.24 -4.62
CA GLY D 165 19.24 -5.28 -3.23
C GLY D 165 19.40 -6.67 -2.66
N PHE D 166 19.13 -7.68 -3.49
CA PHE D 166 19.37 -9.07 -3.11
C PHE D 166 20.56 -9.60 -3.90
N ASN D 167 21.01 -10.81 -3.57
CA ASN D 167 22.20 -11.36 -4.24
C ASN D 167 21.88 -11.96 -5.60
N LYS D 168 22.68 -11.58 -6.59
CA LYS D 168 22.61 -12.17 -7.92
C LYS D 168 23.96 -12.75 -8.29
N CYS D 169 23.99 -13.54 -9.36
CA CYS D 169 25.21 -14.20 -9.78
C CYS D 169 26.21 -13.17 -10.30
N ALA D 170 27.46 -13.30 -9.85
CA ALA D 170 28.53 -12.42 -10.31
C ALA D 170 28.74 -12.63 -11.79
N VAL D 171 28.58 -13.88 -12.23
CA VAL D 171 28.54 -14.19 -13.65
C VAL D 171 27.23 -14.93 -13.91
N GLY D 172 26.38 -14.34 -14.76
CA GLY D 172 25.07 -14.90 -15.03
C GLY D 172 25.09 -16.28 -15.66
N ALA D 173 26.20 -16.58 -16.35
CA ALA D 173 26.33 -17.85 -17.06
C ALA D 173 26.96 -18.94 -16.19
N ALA D 174 27.12 -18.67 -14.90
CA ALA D 174 27.79 -19.61 -14.00
C ALA D 174 26.83 -20.61 -13.37
N CYS D 175 25.56 -20.52 -13.74
CA CYS D 175 24.55 -21.45 -13.24
C CYS D 175 24.80 -22.90 -13.70
N GLN D 176 25.06 -23.77 -12.74
CA GLN D 176 25.30 -25.20 -13.01
C GLN D 176 24.59 -26.02 -11.93
N PRO D 177 24.51 -27.35 -12.12
CA PRO D 177 23.95 -28.17 -11.03
C PRO D 177 24.64 -27.92 -9.70
N PHE D 178 23.90 -28.07 -8.61
CA PHE D 178 24.41 -27.83 -7.27
C PHE D 178 25.72 -28.55 -6.98
N HIS D 179 25.78 -29.81 -7.41
CA HIS D 179 26.90 -30.67 -7.09
C HIS D 179 28.12 -30.35 -7.96
N PHE D 180 27.93 -29.44 -8.92
CA PHE D 180 29.04 -28.95 -9.74
C PHE D 180 29.98 -28.12 -8.88
N TYR D 181 29.39 -27.36 -7.97
CA TYR D 181 30.18 -26.50 -7.11
C TYR D 181 30.44 -27.19 -5.78
N PHE D 182 29.65 -28.21 -5.48
CA PHE D 182 29.85 -28.97 -4.25
C PHE D 182 29.92 -30.48 -4.50
N PRO D 183 31.03 -30.93 -5.08
CA PRO D 183 31.26 -32.32 -5.47
C PRO D 183 31.05 -33.32 -4.35
N THR D 184 31.35 -32.96 -3.11
CA THR D 184 31.17 -33.86 -1.98
C THR D 184 30.22 -33.24 -0.97
N PRO D 185 29.64 -34.05 -0.07
CA PRO D 185 28.82 -33.46 0.99
C PRO D 185 29.64 -32.57 1.91
N THR D 186 30.84 -33.03 2.22
CA THR D 186 31.73 -32.31 3.14
C THR D 186 32.13 -30.94 2.59
N VAL D 187 32.42 -30.86 1.29
CA VAL D 187 32.76 -29.60 0.65
C VAL D 187 31.54 -28.67 0.64
N LEU D 188 30.35 -29.23 0.54
CA LEU D 188 29.13 -28.43 0.62
C LEU D 188 29.06 -27.67 1.94
N CYS D 189 28.88 -28.40 3.03
CA CYS D 189 28.70 -27.80 4.35
C CYS D 189 29.89 -26.95 4.81
N ASN D 190 31.10 -27.37 4.44
CA ASN D 190 32.30 -26.66 4.88
C ASN D 190 32.54 -25.34 4.16
N GLU D 191 32.23 -25.29 2.87
CA GLU D 191 32.59 -24.14 2.04
C GLU D 191 31.45 -23.16 1.77
N ILE D 192 30.22 -23.62 1.93
CA ILE D 192 29.08 -22.79 1.56
C ILE D 192 28.99 -21.58 2.47
N TRP D 193 29.34 -21.77 3.74
CA TRP D 193 29.36 -20.67 4.69
C TRP D 193 30.75 -20.47 5.26
N THR D 194 31.76 -20.44 4.37
CA THR D 194 33.17 -20.22 4.70
C THR D 194 33.63 -20.81 6.03
N HIS D 195 33.50 -22.13 6.15
CA HIS D 195 33.94 -22.90 7.32
C HIS D 195 33.15 -22.59 8.59
N SER D 196 31.88 -22.21 8.39
CA SER D 196 30.91 -22.14 9.49
C SER D 196 30.73 -23.54 10.07
N TYR D 197 30.74 -24.53 9.18
CA TYR D 197 30.66 -25.93 9.59
C TYR D 197 31.98 -26.65 9.35
N LYS D 198 32.28 -27.64 10.20
CA LYS D 198 33.33 -28.60 9.92
C LYS D 198 32.79 -29.99 10.19
N VAL D 199 32.29 -30.63 9.14
CA VAL D 199 31.56 -31.89 9.27
C VAL D 199 32.35 -32.95 10.00
N SER D 200 31.70 -33.57 10.99
CA SER D 200 32.33 -34.60 11.79
C SER D 200 32.02 -35.98 11.20
N ASN D 201 32.92 -36.94 11.38
CA ASN D 201 32.65 -38.32 10.99
C ASN D 201 31.65 -38.95 11.95
N TYR D 202 31.49 -38.29 13.10
CA TYR D 202 30.56 -38.74 14.13
C TYR D 202 29.11 -38.69 13.63
N SER D 203 28.33 -39.69 14.03
CA SER D 203 26.96 -39.82 13.57
C SER D 203 25.97 -39.14 14.51
N ARG D 204 24.74 -38.97 14.02
CA ARG D 204 23.66 -38.45 14.85
C ARG D 204 23.45 -39.37 16.06
N GLY D 205 23.31 -38.78 17.25
CA GLY D 205 23.09 -39.55 18.46
C GLY D 205 24.36 -39.91 19.21
N SER D 206 25.51 -39.63 18.59
CA SER D 206 26.79 -39.90 19.24
C SER D 206 27.04 -38.90 20.36
N GLY D 207 26.49 -37.70 20.21
CA GLY D 207 26.65 -36.65 21.20
C GLY D 207 28.01 -35.99 21.06
N ARG D 208 28.53 -36.01 19.83
CA ARG D 208 29.86 -35.51 19.53
C ARG D 208 29.80 -34.67 18.27
N CYS D 209 28.60 -34.30 17.88
CA CYS D 209 28.39 -33.51 16.68
C CYS D 209 27.02 -32.83 16.72
N ILE D 210 26.96 -31.60 16.20
CA ILE D 210 25.74 -30.79 16.22
C ILE D 210 24.75 -31.21 15.12
N GLN D 211 23.49 -31.38 15.50
CA GLN D 211 22.43 -31.76 14.57
C GLN D 211 21.53 -30.58 14.24
N MET D 212 21.50 -30.18 12.97
CA MET D 212 20.63 -29.09 12.53
C MET D 212 19.22 -29.61 12.26
N TRP D 213 19.02 -30.90 12.55
CA TRP D 213 17.70 -31.53 12.48
C TRP D 213 17.49 -32.42 13.71
N PHE D 214 16.40 -32.17 14.44
CA PHE D 214 16.03 -33.06 15.54
C PHE D 214 14.57 -32.90 15.94
N ASP D 215 14.08 -33.88 16.70
CA ASP D 215 12.73 -33.81 17.23
C ASP D 215 12.76 -33.18 18.62
N PRO D 216 12.06 -32.06 18.77
CA PRO D 216 11.89 -31.37 20.05
C PRO D 216 11.10 -32.22 21.05
N ALA D 217 10.20 -33.06 20.54
CA ALA D 217 9.37 -33.91 21.37
C ALA D 217 10.20 -35.00 22.08
N GLN D 218 11.47 -35.12 21.69
CA GLN D 218 12.39 -36.05 22.32
C GLN D 218 13.47 -35.30 23.09
N GLY D 219 13.66 -34.02 22.74
CA GLY D 219 14.64 -33.19 23.41
C GLY D 219 15.78 -32.74 22.50
N ASN D 220 16.49 -31.70 22.92
CA ASN D 220 17.58 -31.13 22.15
C ASN D 220 18.88 -31.90 22.41
N PRO D 221 19.50 -32.43 21.36
CA PRO D 221 20.74 -33.22 21.50
C PRO D 221 21.97 -32.35 21.61
N ASN D 222 21.92 -31.14 21.06
CA ASN D 222 23.04 -30.22 21.09
C ASN D 222 23.47 -29.78 22.49
N GLU D 223 22.56 -29.85 23.45
CA GLU D 223 22.85 -29.46 24.82
C GLU D 223 23.99 -30.29 25.39
N GLU D 224 23.86 -31.61 25.29
CA GLU D 224 24.91 -32.53 25.73
C GLU D 224 26.17 -32.40 24.87
N VAL D 225 26.00 -31.99 23.61
CA VAL D 225 27.13 -31.80 22.70
C VAL D 225 27.94 -30.54 23.04
N ALA D 226 27.23 -29.46 23.33
CA ALA D 226 27.88 -28.22 23.75
C ALA D 226 28.60 -28.40 25.09
N ARG D 227 27.95 -29.10 26.01
CA ARG D 227 28.52 -29.42 27.32
C ARG D 227 29.84 -30.17 27.21
N PHE D 228 29.89 -31.13 26.28
CA PHE D 228 31.09 -31.93 26.06
C PHE D 228 32.23 -31.09 25.48
N TYR D 229 31.98 -30.44 24.34
CA TYR D 229 33.01 -29.70 23.63
C TYR D 229 33.44 -28.42 24.34
N ALA D 230 32.77 -28.10 25.44
CA ALA D 230 33.15 -26.96 26.26
C ALA D 230 34.11 -27.39 27.36
N ALA D 231 33.90 -28.61 27.88
CA ALA D 231 34.74 -29.15 28.94
C ALA D 231 36.10 -29.59 28.38
N ALA D 232 36.16 -29.86 27.08
CA ALA D 232 37.40 -30.25 26.44
C ALA D 232 38.32 -29.04 26.24
N MET D 233 37.71 -27.87 26.05
CA MET D 233 38.46 -26.63 25.86
C MET D 233 38.99 -26.09 27.18
N SER D 234 38.19 -26.21 28.24
CA SER D 234 38.54 -25.65 29.54
C SER D 234 38.05 -26.51 30.70
N GLY D 235 38.97 -27.22 31.34
CA GLY D 235 38.62 -28.04 32.49
C GLY D 235 39.03 -29.49 32.33
N ALA E 29 14.53 -0.25 -0.29
CA ALA E 29 15.74 0.53 -0.03
C ALA E 29 16.57 0.69 -1.31
N ARG E 30 17.80 1.18 -1.15
CA ARG E 30 18.72 1.32 -2.27
C ARG E 30 20.13 0.97 -1.78
N THR E 31 21.02 0.61 -2.70
CA THR E 31 22.38 0.25 -2.30
C THR E 31 23.47 0.83 -3.19
N GLU E 32 23.32 0.73 -4.51
CA GLU E 32 24.34 1.31 -5.37
C GLU E 32 24.25 2.84 -5.39
N LEU E 33 25.29 3.47 -4.87
CA LEU E 33 25.31 4.93 -4.77
C LEU E 33 26.16 5.56 -5.86
N LEU E 34 27.46 5.32 -5.82
CA LEU E 34 28.40 5.89 -6.77
C LEU E 34 27.99 5.63 -8.22
N ASN E 35 28.24 6.63 -9.07
CA ASN E 35 28.04 6.54 -10.52
C ASN E 35 26.69 5.97 -10.97
N VAL E 36 25.60 6.62 -10.58
CA VAL E 36 24.26 6.18 -10.97
C VAL E 36 23.38 7.30 -11.54
N CYS E 37 22.22 6.91 -12.06
CA CYS E 37 21.20 7.88 -12.47
C CYS E 37 19.90 7.64 -11.70
N MET E 38 19.38 8.69 -11.10
CA MET E 38 18.12 8.61 -10.37
C MET E 38 16.97 8.28 -11.32
N ASN E 39 15.84 7.87 -10.77
CA ASN E 39 14.67 7.55 -11.58
C ASN E 39 13.73 8.75 -11.68
N ALA E 40 14.02 9.67 -12.59
CA ALA E 40 13.23 10.89 -12.72
C ALA E 40 12.47 10.93 -14.04
N LYS E 41 12.29 12.14 -14.56
CA LYS E 41 11.51 12.36 -15.77
C LYS E 41 12.37 12.39 -17.03
N HIS E 42 13.63 12.80 -16.89
CA HIS E 42 14.51 12.95 -18.05
C HIS E 42 15.93 12.46 -17.81
N HIS E 43 16.08 11.45 -16.95
CA HIS E 43 17.37 10.81 -16.74
C HIS E 43 17.50 9.57 -17.61
N LYS E 44 18.70 9.31 -18.11
CA LYS E 44 19.01 8.03 -18.72
C LYS E 44 19.01 6.98 -17.61
N GLU E 45 19.18 5.73 -17.97
CA GLU E 45 19.17 4.68 -16.96
C GLU E 45 20.54 4.54 -16.31
N LYS E 46 21.59 4.76 -17.10
CA LYS E 46 22.94 4.66 -16.57
C LYS E 46 23.85 5.80 -17.07
N PRO E 47 24.82 6.19 -16.22
CA PRO E 47 25.84 7.19 -16.53
C PRO E 47 26.59 6.90 -17.83
N GLY E 48 26.15 7.50 -18.93
CA GLY E 48 26.81 7.30 -20.20
C GLY E 48 27.49 8.55 -20.72
N PRO E 49 28.80 8.44 -21.04
CA PRO E 49 29.58 9.54 -21.64
C PRO E 49 28.89 10.17 -22.86
N GLU E 50 28.58 11.46 -22.75
CA GLU E 50 27.95 12.22 -23.83
C GLU E 50 28.88 13.32 -24.33
N ASP E 51 29.64 13.04 -25.38
CA ASP E 51 30.69 13.97 -25.81
C ASP E 51 30.14 15.09 -26.68
N LYS E 52 28.82 15.29 -26.66
CA LYS E 52 28.23 16.43 -27.35
C LYS E 52 27.05 17.05 -26.58
N LEU E 53 27.31 17.44 -25.34
CA LEU E 53 26.33 18.17 -24.56
C LEU E 53 26.35 19.65 -24.94
N HIS E 54 25.33 20.40 -24.51
CA HIS E 54 25.26 21.83 -24.84
C HIS E 54 26.26 22.64 -23.99
N GLU E 55 26.18 23.96 -24.06
CA GLU E 55 27.22 24.81 -23.50
C GLU E 55 27.40 24.70 -21.98
N GLN E 56 26.43 25.16 -21.21
CA GLN E 56 26.60 25.15 -19.75
C GLN E 56 26.67 23.74 -19.17
N CYS E 57 26.25 22.75 -19.95
CA CYS E 57 26.25 21.36 -19.51
C CYS E 57 27.58 20.67 -19.82
N ARG E 58 28.43 21.36 -20.57
CA ARG E 58 29.73 20.83 -21.01
C ARG E 58 30.59 20.09 -19.97
N PRO E 59 30.61 20.55 -18.69
CA PRO E 59 31.44 19.82 -17.74
C PRO E 59 31.05 18.35 -17.49
N TRP E 60 29.93 17.90 -18.04
CA TRP E 60 29.51 16.51 -17.87
C TRP E 60 29.59 15.70 -19.16
N ARG E 61 30.56 16.00 -20.02
CA ARG E 61 30.71 15.25 -21.26
C ARG E 61 31.37 13.89 -21.03
N LYS E 62 32.33 13.85 -20.10
CA LYS E 62 33.01 12.62 -19.72
C LYS E 62 32.07 11.57 -19.13
N ASN E 63 30.96 12.05 -18.54
CA ASN E 63 29.98 11.17 -17.90
C ASN E 63 28.72 11.89 -17.43
N ALA E 64 27.60 11.56 -18.05
CA ALA E 64 26.36 12.30 -17.81
C ALA E 64 25.10 11.44 -17.72
N CYS E 65 24.03 12.04 -17.22
CA CYS E 65 22.73 11.38 -17.12
C CYS E 65 21.66 12.09 -17.95
N CYS E 66 22.08 13.01 -18.81
CA CYS E 66 21.13 13.77 -19.61
C CYS E 66 21.44 13.67 -21.10
N SER E 67 20.39 13.60 -21.91
CA SER E 67 20.55 13.50 -23.35
C SER E 67 21.04 14.82 -23.93
N THR E 68 21.23 14.83 -25.25
CA THR E 68 21.68 16.02 -25.94
C THR E 68 20.49 16.98 -26.11
N ASN E 69 19.28 16.43 -26.09
CA ASN E 69 18.06 17.24 -26.13
C ASN E 69 17.82 17.90 -24.78
N THR E 70 18.04 17.14 -23.71
CA THR E 70 17.89 17.67 -22.35
C THR E 70 18.80 18.88 -22.15
N SER E 71 20.09 18.70 -22.45
CA SER E 71 21.08 19.74 -22.25
C SER E 71 20.78 20.99 -23.04
N GLN E 72 20.06 20.84 -24.15
CA GLN E 72 19.75 21.98 -25.01
C GLN E 72 18.49 22.70 -24.55
N GLU E 73 17.62 21.98 -23.83
CA GLU E 73 16.38 22.57 -23.33
C GLU E 73 16.60 23.26 -21.98
N ALA E 74 17.60 22.80 -21.24
CA ALA E 74 18.01 23.44 -20.00
C ALA E 74 18.20 24.94 -20.22
N HIS E 75 18.77 25.26 -21.37
CA HIS E 75 19.11 26.63 -21.71
C HIS E 75 17.93 27.43 -22.28
N LYS E 76 16.71 26.89 -22.21
CA LYS E 76 15.60 27.54 -22.89
C LYS E 76 14.45 27.93 -21.97
N ASP E 77 13.80 29.04 -22.33
CA ASP E 77 12.65 29.55 -21.59
C ASP E 77 11.42 28.72 -21.88
N VAL E 78 10.78 28.23 -20.82
CA VAL E 78 9.58 27.40 -20.93
C VAL E 78 9.86 26.19 -21.83
N SER E 79 10.94 25.49 -21.48
CA SER E 79 11.47 24.38 -22.27
C SER E 79 10.54 23.17 -22.32
N TYR E 80 11.01 22.10 -22.95
CA TYR E 80 10.27 20.84 -23.01
C TYR E 80 10.39 20.07 -21.71
N LEU E 81 11.50 20.28 -21.00
CA LEU E 81 11.81 19.57 -19.77
C LEU E 81 10.65 19.58 -18.78
N TYR E 82 10.27 20.78 -18.33
CA TYR E 82 9.18 20.90 -17.36
C TYR E 82 8.27 22.07 -17.68
N ARG E 83 8.53 22.71 -18.83
CA ARG E 83 7.75 23.85 -19.31
C ARG E 83 7.72 24.94 -18.26
N PHE E 84 8.85 25.13 -17.59
CA PHE E 84 8.92 26.05 -16.46
C PHE E 84 9.21 27.46 -16.91
N ASN E 85 8.44 28.41 -16.38
CA ASN E 85 8.60 29.83 -16.69
C ASN E 85 9.58 30.53 -15.76
N TRP E 86 10.76 30.84 -16.27
CA TRP E 86 11.74 31.59 -15.50
C TRP E 86 11.29 33.04 -15.33
N ASN E 87 10.55 33.54 -16.31
CA ASN E 87 10.15 34.95 -16.33
C ASN E 87 8.75 35.18 -15.78
N HIS E 88 8.44 34.59 -14.63
CA HIS E 88 7.08 34.73 -14.09
C HIS E 88 6.84 36.13 -13.54
N CYS E 89 7.90 36.93 -13.41
CA CYS E 89 7.78 38.30 -12.95
C CYS E 89 8.54 39.25 -13.87
N GLY E 90 8.34 39.08 -15.18
CA GLY E 90 9.10 39.81 -16.17
C GLY E 90 10.46 39.18 -16.37
N GLU E 91 11.28 39.79 -17.21
CA GLU E 91 12.59 39.23 -17.55
C GLU E 91 13.50 39.02 -16.34
N MET E 92 13.85 37.75 -16.10
CA MET E 92 14.84 37.41 -15.10
C MET E 92 16.21 37.67 -15.67
N ALA E 93 17.05 38.33 -14.89
CA ALA E 93 18.37 38.74 -15.35
C ALA E 93 19.21 37.55 -15.81
N PRO E 94 19.93 37.73 -16.93
CA PRO E 94 20.86 36.72 -17.46
C PRO E 94 21.89 36.30 -16.43
N ALA E 95 22.23 37.19 -15.50
CA ALA E 95 23.19 36.84 -14.46
C ALA E 95 22.56 35.91 -13.42
N CYS E 96 21.23 35.89 -13.40
CA CYS E 96 20.51 35.03 -12.46
C CYS E 96 20.04 33.76 -13.12
N LYS E 97 19.54 33.86 -14.35
CA LYS E 97 19.06 32.68 -15.08
C LYS E 97 20.17 31.64 -15.22
N ARG E 98 21.37 32.09 -15.55
CA ARG E 98 22.53 31.21 -15.74
C ARG E 98 22.73 30.23 -14.59
N HIS E 99 22.32 30.63 -13.39
CA HIS E 99 22.42 29.77 -12.23
C HIS E 99 21.33 28.71 -12.21
N PHE E 100 20.15 29.07 -12.68
CA PHE E 100 19.04 28.12 -12.78
C PHE E 100 19.26 27.16 -13.94
N ILE E 101 20.09 27.58 -14.89
CA ILE E 101 20.47 26.70 -15.98
C ILE E 101 21.47 25.67 -15.48
N GLN E 102 22.54 26.15 -14.83
CA GLN E 102 23.56 25.26 -14.30
C GLN E 102 23.00 24.39 -13.18
N ASP E 103 21.97 24.87 -12.50
CA ASP E 103 21.26 24.02 -11.55
C ASP E 103 20.60 22.88 -12.31
N THR E 104 19.99 23.20 -13.45
CA THR E 104 19.35 22.18 -14.28
C THR E 104 20.35 21.10 -14.67
N CYS E 105 21.46 21.54 -15.26
CA CYS E 105 22.50 20.63 -15.71
C CYS E 105 23.08 19.76 -14.60
N LEU E 106 23.00 20.20 -13.35
CA LEU E 106 23.45 19.35 -12.26
C LEU E 106 22.41 18.29 -11.94
N TYR E 107 21.14 18.71 -11.92
CA TYR E 107 20.05 17.81 -11.57
C TYR E 107 19.79 16.78 -12.65
N GLU E 108 20.12 17.14 -13.89
CA GLU E 108 19.83 16.26 -15.02
C GLU E 108 21.02 15.40 -15.43
N CYS E 109 22.23 15.81 -15.05
CA CYS E 109 23.41 15.15 -15.59
C CYS E 109 24.30 14.44 -14.58
N SER E 110 24.50 15.03 -13.40
CA SER E 110 25.47 14.52 -12.44
C SER E 110 25.16 13.10 -11.96
N PRO E 111 26.12 12.19 -12.17
CA PRO E 111 26.04 10.79 -11.73
C PRO E 111 26.58 10.60 -10.31
N ASN E 112 26.84 11.70 -9.61
CA ASN E 112 27.43 11.59 -8.29
C ASN E 112 26.44 12.00 -7.19
N LEU E 113 25.15 11.91 -7.50
CA LEU E 113 24.11 12.36 -6.58
C LEU E 113 23.51 11.20 -5.80
N GLY E 114 23.99 9.99 -6.08
CA GLY E 114 23.54 8.78 -5.41
C GLY E 114 23.15 8.87 -3.94
N PRO E 115 24.12 9.19 -3.05
CA PRO E 115 23.93 9.16 -1.60
C PRO E 115 22.78 10.01 -1.06
N TRP E 116 22.18 10.84 -1.92
CA TRP E 116 21.10 11.72 -1.48
C TRP E 116 19.81 11.42 -2.24
N ILE E 117 19.89 10.46 -3.16
CA ILE E 117 18.70 10.05 -3.89
C ILE E 117 17.75 9.35 -2.93
N GLN E 118 16.50 9.80 -2.92
CA GLN E 118 15.48 9.20 -2.08
C GLN E 118 14.21 8.99 -2.89
N GLN E 119 13.40 8.03 -2.45
CA GLN E 119 12.19 7.69 -3.18
C GLN E 119 11.01 8.52 -2.69
N VAL E 120 10.26 9.05 -3.66
CA VAL E 120 9.18 9.98 -3.34
C VAL E 120 7.85 9.53 -3.92
N ASP E 121 7.91 8.85 -5.07
CA ASP E 121 6.73 8.35 -5.76
C ASP E 121 5.69 9.44 -5.98
N GLN E 122 6.05 10.42 -6.80
CA GLN E 122 5.11 11.46 -7.20
C GLN E 122 4.86 11.39 -8.71
N SER E 123 3.79 12.05 -9.13
CA SER E 123 3.27 12.00 -10.50
C SER E 123 4.29 12.05 -11.64
N TRP E 124 5.45 12.65 -11.42
CA TRP E 124 6.41 12.81 -12.52
C TRP E 124 7.77 12.19 -12.22
N ARG E 125 7.93 11.61 -11.04
CA ARG E 125 9.18 10.93 -10.71
C ARG E 125 9.05 9.99 -9.51
N LYS E 126 9.85 8.92 -9.56
CA LYS E 126 9.90 7.91 -8.50
C LYS E 126 10.93 8.35 -7.46
N GLU E 127 12.09 8.76 -7.95
CA GLU E 127 13.17 9.23 -7.09
C GLU E 127 13.49 10.72 -7.30
N ARG E 128 14.24 11.29 -6.37
CA ARG E 128 14.75 12.65 -6.49
C ARG E 128 15.86 12.86 -5.47
N VAL E 129 16.53 14.01 -5.55
CA VAL E 129 17.58 14.32 -4.59
C VAL E 129 17.03 15.11 -3.41
N LEU E 130 17.65 14.95 -2.24
CA LEU E 130 17.25 15.69 -1.04
C LEU E 130 18.46 15.96 -0.16
N ASN E 131 18.55 17.20 0.32
CA ASN E 131 19.62 17.66 1.20
C ASN E 131 21.02 17.47 0.62
N VAL E 132 21.15 17.73 -0.68
CA VAL E 132 22.45 17.77 -1.32
C VAL E 132 23.30 18.88 -0.73
N PRO E 133 24.48 18.54 -0.18
CA PRO E 133 25.41 19.48 0.43
C PRO E 133 26.02 20.42 -0.60
N LEU E 134 25.30 21.49 -0.91
CA LEU E 134 25.79 22.48 -1.86
C LEU E 134 26.88 23.31 -1.20
N CYS E 135 27.96 23.54 -1.94
CA CYS E 135 29.07 24.31 -1.43
C CYS E 135 28.63 25.72 -1.06
N LYS E 136 29.17 26.22 0.04
CA LYS E 136 28.93 27.58 0.52
C LYS E 136 28.95 28.57 -0.64
N GLU E 137 30.10 28.64 -1.31
CA GLU E 137 30.31 29.63 -2.36
C GLU E 137 29.32 29.51 -3.54
N ASP E 138 28.97 28.29 -3.93
CA ASP E 138 28.00 28.12 -5.03
C ASP E 138 26.67 28.76 -4.67
N CYS E 139 26.27 28.57 -3.43
CA CYS E 139 24.99 29.06 -2.96
C CYS E 139 24.98 30.57 -2.88
N GLU E 140 25.96 31.13 -2.17
CA GLU E 140 26.11 32.58 -1.99
C GLU E 140 26.02 33.35 -3.31
N GLN E 141 26.87 32.98 -4.27
CA GLN E 141 26.85 33.60 -5.58
C GLN E 141 25.49 33.52 -6.25
N TRP E 142 24.87 32.35 -6.23
CA TRP E 142 23.54 32.13 -6.82
C TRP E 142 22.53 33.14 -6.25
N TRP E 143 22.54 33.28 -4.94
CA TRP E 143 21.73 34.26 -4.22
C TRP E 143 22.08 35.67 -4.70
N GLU E 144 23.37 35.99 -4.65
CA GLU E 144 23.86 37.30 -5.00
C GLU E 144 23.48 37.71 -6.42
N ASP E 145 23.65 36.80 -7.37
CA ASP E 145 23.44 37.09 -8.78
C ASP E 145 21.96 37.28 -9.10
N CYS E 146 21.10 36.94 -8.14
CA CYS E 146 19.66 36.99 -8.36
C CYS E 146 18.98 38.20 -7.74
N ARG E 147 19.74 38.99 -7.01
CA ARG E 147 19.21 40.18 -6.33
C ARG E 147 18.33 41.05 -7.23
N THR E 148 18.84 41.29 -8.44
CA THR E 148 18.19 42.20 -9.38
C THR E 148 16.91 41.65 -10.01
N SER E 149 16.59 40.38 -9.77
CA SER E 149 15.42 39.75 -10.40
C SER E 149 14.23 39.64 -9.44
N TYR E 150 13.07 39.28 -9.97
CA TYR E 150 11.84 39.23 -9.17
C TYR E 150 11.15 37.88 -9.21
N THR E 151 10.36 37.59 -8.18
CA THR E 151 9.60 36.34 -8.12
C THR E 151 8.38 36.50 -7.21
N CYS E 152 7.54 35.47 -7.15
CA CYS E 152 6.31 35.56 -6.38
C CYS E 152 6.08 34.39 -5.44
N LYS E 153 7.10 33.54 -5.30
CA LYS E 153 6.99 32.36 -4.45
C LYS E 153 8.35 31.95 -3.87
N SER E 154 8.32 31.32 -2.71
CA SER E 154 9.53 30.77 -2.11
C SER E 154 9.66 29.27 -2.44
N ASN E 155 8.51 28.63 -2.65
CA ASN E 155 8.46 27.21 -3.01
C ASN E 155 8.08 27.08 -4.48
N TRP E 156 9.08 26.80 -5.33
CA TRP E 156 8.87 26.76 -6.76
C TRP E 156 8.44 25.38 -7.27
N HIS E 157 8.12 24.47 -6.35
CA HIS E 157 7.66 23.13 -6.73
C HIS E 157 6.14 23.00 -6.64
N LYS E 158 5.54 23.69 -5.67
CA LYS E 158 4.10 23.64 -5.45
C LYS E 158 3.47 25.04 -5.45
N GLY E 159 2.26 25.15 -5.99
CA GLY E 159 1.50 26.38 -5.89
C GLY E 159 1.05 27.05 -7.17
N TRP E 160 1.86 26.95 -8.23
CA TRP E 160 1.64 27.73 -9.45
C TRP E 160 0.27 27.54 -10.13
N ASN E 161 -0.07 28.48 -11.01
CA ASN E 161 -1.25 28.39 -11.88
C ASN E 161 -0.78 28.06 -13.31
N TRP E 162 -0.88 26.78 -13.69
CA TRP E 162 -0.31 26.30 -14.95
C TRP E 162 -1.27 26.38 -16.15
N THR E 163 -2.46 26.92 -15.93
CA THR E 163 -3.50 27.03 -16.95
C THR E 163 -3.01 27.55 -18.31
N SER E 164 -2.00 28.40 -18.31
CA SER E 164 -1.45 28.93 -19.56
C SER E 164 -0.57 27.92 -20.30
N GLY E 165 -0.29 26.80 -19.67
CA GLY E 165 0.59 25.80 -20.24
C GLY E 165 1.94 25.82 -19.54
N PHE E 166 2.23 26.94 -18.90
CA PHE E 166 3.44 27.11 -18.10
C PHE E 166 3.06 27.78 -16.78
N ASN E 167 3.97 27.73 -15.81
CA ASN E 167 3.66 28.29 -14.50
C ASN E 167 3.52 29.80 -14.56
N LYS E 168 2.38 30.28 -14.06
CA LYS E 168 2.13 31.70 -13.86
C LYS E 168 1.86 31.93 -12.39
N CYS E 169 2.07 33.16 -11.92
CA CYS E 169 1.99 33.45 -10.50
C CYS E 169 0.61 33.13 -9.92
N ALA E 170 0.63 32.49 -8.75
CA ALA E 170 -0.61 32.09 -8.08
C ALA E 170 -1.40 33.32 -7.68
N VAL E 171 -0.68 34.33 -7.19
CA VAL E 171 -1.28 35.61 -6.85
C VAL E 171 -0.54 36.68 -7.63
N GLY E 172 -1.25 37.33 -8.55
CA GLY E 172 -0.67 38.33 -9.42
C GLY E 172 0.12 39.40 -8.68
N ALA E 173 -0.43 39.86 -7.56
CA ALA E 173 0.14 41.00 -6.85
C ALA E 173 1.31 40.62 -5.94
N ALA E 174 1.87 39.43 -6.11
CA ALA E 174 2.89 38.95 -5.17
C ALA E 174 4.33 39.12 -5.68
N CYS E 175 4.49 39.83 -6.79
CA CYS E 175 5.81 40.02 -7.37
C CYS E 175 6.69 40.96 -6.53
N GLN E 176 7.72 40.39 -5.92
CA GLN E 176 8.67 41.13 -5.08
C GLN E 176 10.11 40.91 -5.53
N PRO E 177 11.04 41.77 -5.06
CA PRO E 177 12.46 41.47 -5.30
C PRO E 177 12.85 40.09 -4.77
N PHE E 178 13.77 39.43 -5.47
CA PHE E 178 14.14 38.03 -5.22
C PHE E 178 14.51 37.74 -3.77
N HIS E 179 15.21 38.68 -3.13
CA HIS E 179 15.66 38.46 -1.76
C HIS E 179 14.55 38.75 -0.74
N PHE E 180 13.39 39.21 -1.22
CA PHE E 180 12.22 39.38 -0.35
C PHE E 180 11.71 38.03 0.10
N TYR E 181 11.63 37.10 -0.86
CA TYR E 181 11.16 35.75 -0.60
C TYR E 181 12.28 34.85 -0.11
N PHE E 182 13.50 35.11 -0.58
CA PHE E 182 14.68 34.38 -0.11
C PHE E 182 15.70 35.30 0.57
N PRO E 183 15.47 35.59 1.86
CA PRO E 183 16.31 36.52 2.63
C PRO E 183 17.79 36.16 2.67
N THR E 184 18.13 34.89 2.81
CA THR E 184 19.55 34.49 2.84
C THR E 184 19.82 33.46 1.74
N PRO E 185 21.10 33.28 1.38
CA PRO E 185 21.51 32.23 0.43
C PRO E 185 21.00 30.86 0.84
N THR E 186 21.27 30.52 2.10
CA THR E 186 20.81 29.29 2.69
C THR E 186 19.30 29.13 2.47
N VAL E 187 18.54 30.19 2.71
CA VAL E 187 17.09 30.15 2.52
C VAL E 187 16.71 29.96 1.05
N LEU E 188 17.46 30.60 0.14
CA LEU E 188 17.23 30.40 -1.29
C LEU E 188 17.36 28.93 -1.65
N CYS E 189 18.60 28.46 -1.60
CA CYS E 189 18.96 27.12 -2.07
C CYS E 189 18.12 26.00 -1.43
N ASN E 190 17.85 26.13 -0.14
CA ASN E 190 17.14 25.08 0.58
C ASN E 190 15.63 25.06 0.34
N GLU E 191 15.03 26.22 0.12
CA GLU E 191 13.57 26.28 0.09
C GLU E 191 12.98 26.31 -1.33
N ILE E 192 13.80 26.68 -2.32
CA ILE E 192 13.28 26.94 -3.66
C ILE E 192 12.93 25.64 -4.37
N TRP E 193 13.66 24.59 -4.04
CA TRP E 193 13.45 23.30 -4.69
C TRP E 193 13.07 22.24 -3.65
N THR E 194 12.25 22.63 -2.68
CA THR E 194 11.72 21.77 -1.62
C THR E 194 12.77 20.88 -0.98
N HIS E 195 13.89 21.49 -0.59
CA HIS E 195 15.01 20.83 0.09
C HIS E 195 15.76 19.86 -0.81
N SER E 196 15.87 20.18 -2.09
CA SER E 196 16.74 19.41 -2.98
C SER E 196 18.20 19.65 -2.61
N TYR E 197 18.46 20.77 -1.93
CA TYR E 197 19.77 21.07 -1.39
C TYR E 197 19.75 21.26 0.13
N LYS E 198 20.93 21.21 0.73
CA LYS E 198 21.12 21.56 2.14
C LYS E 198 22.49 22.21 2.29
N VAL E 199 22.54 23.54 2.23
CA VAL E 199 23.80 24.25 2.06
C VAL E 199 24.82 23.89 3.12
N SER E 200 25.99 23.48 2.66
CA SER E 200 27.08 23.05 3.53
C SER E 200 27.90 24.21 4.05
N ASN E 201 28.51 24.02 5.21
CA ASN E 201 29.38 25.02 5.80
C ASN E 201 30.77 24.96 5.17
N TYR E 202 31.06 23.88 4.46
CA TYR E 202 32.36 23.68 3.81
C TYR E 202 32.45 24.46 2.50
N SER E 203 33.66 24.94 2.19
CA SER E 203 33.89 25.71 0.98
C SER E 203 34.06 24.82 -0.25
N ARG E 204 34.17 25.43 -1.42
CA ARG E 204 34.42 24.68 -2.65
C ARG E 204 35.81 24.05 -2.63
N GLY E 205 35.95 22.93 -3.32
CA GLY E 205 37.23 22.24 -3.40
C GLY E 205 37.68 21.61 -2.08
N SER E 206 36.75 21.43 -1.16
CA SER E 206 37.06 20.84 0.15
C SER E 206 36.70 19.36 0.16
N GLY E 207 36.04 18.91 -0.91
CA GLY E 207 35.68 17.52 -1.05
C GLY E 207 34.67 17.06 -0.02
N ARG E 208 33.93 18.01 0.53
CA ARG E 208 32.91 17.70 1.52
C ARG E 208 31.57 18.28 1.11
N CYS E 209 31.53 18.83 -0.10
CA CYS E 209 30.33 19.48 -0.62
C CYS E 209 30.26 19.43 -2.13
N ILE E 210 29.05 19.46 -2.66
CA ILE E 210 28.83 19.42 -4.10
C ILE E 210 29.01 20.78 -4.74
N GLN E 211 29.83 20.84 -5.77
CA GLN E 211 29.96 22.01 -6.61
C GLN E 211 29.00 21.90 -7.79
N MET E 212 28.07 22.84 -7.92
CA MET E 212 27.20 22.85 -9.08
C MET E 212 27.85 23.71 -10.17
N TRP E 213 28.99 24.31 -9.85
CA TRP E 213 29.83 24.97 -10.83
C TRP E 213 31.25 24.42 -10.74
N PHE E 214 31.83 24.08 -11.89
CA PHE E 214 33.23 23.65 -11.94
C PHE E 214 33.77 23.61 -13.36
N ASP E 215 35.09 23.54 -13.46
CA ASP E 215 35.80 23.47 -14.73
C ASP E 215 36.19 22.03 -15.03
N PRO E 216 35.66 21.47 -16.13
CA PRO E 216 35.98 20.07 -16.48
C PRO E 216 37.46 19.86 -16.69
N ALA E 217 38.17 20.93 -17.05
CA ALA E 217 39.60 20.86 -17.31
C ALA E 217 40.40 20.61 -16.04
N GLN E 218 39.75 20.75 -14.89
CA GLN E 218 40.37 20.42 -13.61
C GLN E 218 39.73 19.16 -13.03
N GLY E 219 38.60 18.77 -13.62
CA GLY E 219 37.96 17.52 -13.26
C GLY E 219 36.76 17.62 -12.33
N ASN E 220 35.80 16.71 -12.50
CA ASN E 220 34.60 16.67 -11.67
C ASN E 220 34.95 16.41 -10.21
N PRO E 221 34.76 17.43 -9.35
CA PRO E 221 35.15 17.37 -7.94
C PRO E 221 34.08 16.73 -7.07
N ASN E 222 32.97 16.31 -7.68
CA ASN E 222 31.89 15.66 -6.96
C ASN E 222 32.15 14.17 -6.75
N GLU E 223 32.99 13.60 -7.63
CA GLU E 223 33.35 12.20 -7.56
C GLU E 223 33.92 11.86 -6.20
N GLU E 224 34.80 12.74 -5.69
CA GLU E 224 35.43 12.54 -4.39
C GLU E 224 34.45 12.84 -3.25
N VAL E 225 33.48 13.71 -3.51
CA VAL E 225 32.47 14.04 -2.51
C VAL E 225 31.44 12.94 -2.39
N ALA E 226 30.96 12.47 -3.55
CA ALA E 226 30.02 11.38 -3.59
C ALA E 226 30.59 10.16 -2.87
N ARG E 227 31.87 9.90 -3.13
CA ARG E 227 32.57 8.77 -2.55
C ARG E 227 32.61 8.87 -1.02
N PHE E 228 32.98 10.04 -0.51
CA PHE E 228 33.10 10.27 0.93
C PHE E 228 31.77 10.09 1.66
N TYR E 229 30.70 10.59 1.07
CA TYR E 229 29.40 10.55 1.71
C TYR E 229 28.72 9.19 1.52
N ALA E 230 29.22 8.41 0.58
CA ALA E 230 28.72 7.05 0.37
C ALA E 230 29.23 6.12 1.46
N ALA E 231 30.51 6.27 1.81
CA ALA E 231 31.13 5.46 2.84
C ALA E 231 30.62 5.83 4.23
N ALA E 232 30.20 7.09 4.38
CA ALA E 232 29.71 7.59 5.66
C ALA E 232 28.37 6.97 6.06
N MET E 233 27.65 6.45 5.06
CA MET E 233 26.33 5.87 5.30
C MET E 233 26.43 4.34 5.39
N SER E 234 27.35 3.77 4.62
CA SER E 234 27.61 2.33 4.61
C SER E 234 26.37 1.53 4.22
N ARG F 30 10.23 22.46 24.52
CA ARG F 30 8.82 22.83 24.68
C ARG F 30 8.02 22.50 23.44
N THR F 31 8.69 22.41 22.30
CA THR F 31 8.02 22.40 21.00
C THR F 31 7.54 21.02 20.54
N GLU F 32 8.29 19.96 20.85
CA GLU F 32 7.88 18.62 20.45
C GLU F 32 7.01 17.96 21.52
N LEU F 33 5.95 17.27 21.08
CA LEU F 33 4.95 16.72 21.99
C LEU F 33 4.63 15.24 21.75
N LEU F 34 4.82 14.76 20.52
CA LEU F 34 4.56 13.35 20.21
C LEU F 34 5.82 12.49 20.33
N ASN F 35 5.65 11.29 20.88
CA ASN F 35 6.75 10.32 21.04
C ASN F 35 7.92 10.93 21.78
N VAL F 36 7.66 11.45 22.99
CA VAL F 36 8.70 12.08 23.78
C VAL F 36 8.74 11.53 25.21
N CYS F 37 9.86 11.75 25.87
CA CYS F 37 10.04 11.34 27.26
C CYS F 37 10.39 12.54 28.13
N MET F 38 9.59 12.77 29.16
CA MET F 38 9.83 13.86 30.10
C MET F 38 11.19 13.73 30.77
N ASN F 39 11.68 14.82 31.34
CA ASN F 39 12.93 14.81 32.09
C ASN F 39 12.67 14.60 33.59
N ALA F 40 12.45 13.34 33.97
CA ALA F 40 12.23 13.01 35.38
C ALA F 40 13.40 12.23 35.95
N LYS F 41 13.13 11.41 36.96
CA LYS F 41 14.19 10.72 37.66
C LYS F 41 14.69 9.48 36.93
N HIS F 42 13.78 8.74 36.30
CA HIS F 42 14.13 7.45 35.72
C HIS F 42 13.76 7.32 34.25
N HIS F 43 13.45 8.43 33.61
CA HIS F 43 13.09 8.41 32.20
C HIS F 43 14.33 8.39 31.29
N LYS F 44 14.19 7.73 30.14
CA LYS F 44 15.23 7.78 29.13
C LYS F 44 15.24 9.18 28.51
N GLU F 45 16.07 9.38 27.50
CA GLU F 45 16.09 10.65 26.80
C GLU F 45 15.04 10.65 25.71
N LYS F 46 14.92 9.53 25.00
CA LYS F 46 13.90 9.37 23.96
C LYS F 46 13.30 7.96 24.03
N PRO F 47 12.10 7.77 23.46
CA PRO F 47 11.46 6.45 23.41
C PRO F 47 12.29 5.40 22.68
N GLY F 48 11.81 4.16 22.74
CA GLY F 48 12.46 3.04 22.08
C GLY F 48 11.87 1.73 22.57
N PRO F 49 11.79 0.73 21.68
CA PRO F 49 11.26 -0.59 22.02
C PRO F 49 11.94 -1.18 23.25
N GLU F 50 11.16 -1.89 24.05
CA GLU F 50 11.70 -2.59 25.21
C GLU F 50 11.01 -3.93 25.30
N ASP F 51 11.26 -4.79 24.31
CA ASP F 51 10.66 -6.12 24.30
C ASP F 51 10.96 -6.90 25.61
N LYS F 52 11.81 -6.35 26.48
CA LYS F 52 11.86 -6.80 27.90
C LYS F 52 11.44 -5.74 28.94
N LEU F 53 10.16 -5.72 29.27
CA LEU F 53 9.63 -5.08 30.48
C LEU F 53 9.03 -6.11 31.45
N HIS F 54 8.66 -5.69 32.67
CA HIS F 54 8.00 -6.61 33.59
C HIS F 54 6.51 -6.82 33.24
N GLU F 55 5.80 -7.56 34.10
CA GLU F 55 4.50 -8.15 33.74
C GLU F 55 3.39 -7.12 33.51
N GLN F 56 3.19 -6.22 34.47
CA GLN F 56 2.14 -5.21 34.32
C GLN F 56 2.54 -4.12 33.33
N CYS F 57 3.84 -4.00 33.07
CA CYS F 57 4.33 -2.97 32.16
C CYS F 57 4.37 -3.48 30.72
N ARG F 58 3.98 -4.74 30.53
CA ARG F 58 3.97 -5.38 29.21
C ARG F 58 3.35 -4.56 28.07
N PRO F 59 2.25 -3.82 28.33
CA PRO F 59 1.68 -3.10 27.18
C PRO F 59 2.49 -1.93 26.62
N TRP F 60 3.70 -1.69 27.12
CA TRP F 60 4.54 -0.63 26.55
C TRP F 60 5.81 -1.21 25.93
N ARG F 61 5.74 -2.44 25.43
CA ARG F 61 6.90 -3.11 24.88
C ARG F 61 7.32 -2.52 23.54
N LYS F 62 6.34 -2.20 22.70
CA LYS F 62 6.63 -1.69 21.36
C LYS F 62 7.35 -0.34 21.39
N ASN F 63 7.15 0.45 22.45
CA ASN F 63 7.77 1.78 22.56
C ASN F 63 7.59 2.45 23.92
N ALA F 64 8.64 2.43 24.75
CA ALA F 64 8.54 2.97 26.10
C ALA F 64 9.67 3.92 26.48
N CYS F 65 9.52 4.57 27.63
CA CYS F 65 10.53 5.49 28.16
C CYS F 65 11.21 4.94 29.41
N CYS F 66 10.96 3.67 29.71
CA CYS F 66 11.48 3.05 30.91
C CYS F 66 12.45 1.91 30.59
N SER F 67 13.38 1.66 31.51
CA SER F 67 14.31 0.56 31.37
C SER F 67 13.70 -0.74 31.88
N THR F 68 14.37 -1.85 31.60
CA THR F 68 13.89 -3.14 32.08
C THR F 68 14.03 -3.20 33.60
N ASN F 69 14.95 -2.42 34.15
CA ASN F 69 15.10 -2.30 35.60
C ASN F 69 13.99 -1.47 36.21
N THR F 70 13.69 -0.34 35.58
CA THR F 70 12.63 0.56 36.04
C THR F 70 11.31 -0.19 36.17
N SER F 71 10.96 -0.94 35.12
CA SER F 71 9.71 -1.67 35.09
C SER F 71 9.70 -2.78 36.14
N GLN F 72 10.85 -3.40 36.36
CA GLN F 72 10.96 -4.47 37.36
C GLN F 72 10.65 -3.94 38.76
N GLU F 73 11.15 -2.76 39.06
CA GLU F 73 10.99 -2.19 40.39
C GLU F 73 9.56 -1.72 40.67
N ALA F 74 8.81 -1.37 39.62
CA ALA F 74 7.43 -0.91 39.77
C ALA F 74 6.59 -1.88 40.63
N HIS F 75 6.82 -3.18 40.43
CA HIS F 75 6.05 -4.20 41.11
C HIS F 75 6.60 -4.53 42.49
N LYS F 76 7.57 -3.77 42.96
CA LYS F 76 8.21 -4.09 44.23
C LYS F 76 7.83 -3.09 45.30
N ASP F 77 7.70 -3.57 46.53
CA ASP F 77 7.44 -2.70 47.67
C ASP F 77 8.71 -1.97 48.07
N VAL F 78 8.57 -0.67 48.35
CA VAL F 78 9.69 0.20 48.70
C VAL F 78 10.79 0.02 47.66
N SER F 79 10.42 0.14 46.39
CA SER F 79 11.31 -0.19 45.30
C SER F 79 12.47 0.79 45.15
N TYR F 80 13.45 0.39 44.34
CA TYR F 80 14.61 1.23 44.08
C TYR F 80 14.22 2.59 43.52
N LEU F 81 13.10 2.63 42.79
CA LEU F 81 12.64 3.84 42.10
C LEU F 81 12.57 5.09 42.99
N TYR F 82 11.62 5.12 43.91
CA TYR F 82 11.45 6.28 44.78
C TYR F 82 11.46 5.89 46.25
N ARG F 83 11.68 4.60 46.51
CA ARG F 83 11.64 4.02 47.85
C ARG F 83 10.28 4.26 48.51
N PHE F 84 9.20 4.05 47.75
CA PHE F 84 7.86 4.37 48.25
C PHE F 84 7.19 3.18 48.93
N ASN F 85 6.62 3.44 50.09
CA ASN F 85 5.91 2.44 50.87
C ASN F 85 4.39 2.52 50.64
N TRP F 86 3.87 1.58 49.86
CA TRP F 86 2.43 1.49 49.67
C TRP F 86 1.74 1.14 50.98
N ASN F 87 2.49 0.52 51.90
CA ASN F 87 1.92 -0.05 53.11
C ASN F 87 2.08 0.81 54.36
N HIS F 88 1.83 2.10 54.23
CA HIS F 88 2.01 3.02 55.36
C HIS F 88 0.94 2.85 56.43
N CYS F 89 -0.25 2.42 56.01
CA CYS F 89 -1.29 2.09 56.97
C CYS F 89 -1.63 0.62 56.91
N GLY F 90 -0.69 -0.21 57.37
CA GLY F 90 -0.87 -1.65 57.31
C GLY F 90 -0.72 -2.14 55.88
N GLU F 91 -1.19 -3.35 55.61
CA GLU F 91 -1.00 -3.95 54.30
C GLU F 91 -2.04 -3.46 53.30
N MET F 92 -1.58 -2.86 52.21
CA MET F 92 -2.46 -2.48 51.12
C MET F 92 -2.90 -3.70 50.31
N ALA F 93 -4.20 -3.79 50.02
CA ALA F 93 -4.74 -4.94 49.32
C ALA F 93 -4.22 -5.02 47.88
N PRO F 94 -4.09 -6.26 47.37
CA PRO F 94 -3.65 -6.57 46.00
C PRO F 94 -4.49 -5.93 44.90
N ALA F 95 -5.82 -5.99 45.05
CA ALA F 95 -6.71 -5.38 44.07
C ALA F 95 -6.50 -3.87 43.98
N CYS F 96 -5.96 -3.29 45.03
CA CYS F 96 -5.73 -1.86 45.09
C CYS F 96 -4.34 -1.48 44.59
N LYS F 97 -3.34 -2.12 45.17
CA LYS F 97 -1.93 -1.89 44.83
C LYS F 97 -1.66 -2.05 43.33
N ARG F 98 -2.45 -2.89 42.67
CA ARG F 98 -2.24 -3.19 41.25
C ARG F 98 -2.48 -1.95 40.38
N HIS F 99 -3.25 -1.00 40.88
CA HIS F 99 -3.45 0.23 40.15
C HIS F 99 -2.25 1.15 40.29
N PHE F 100 -1.70 1.22 41.50
CA PHE F 100 -0.52 2.05 41.75
C PHE F 100 0.66 1.59 40.91
N ILE F 101 0.73 0.29 40.66
CA ILE F 101 1.73 -0.24 39.75
C ILE F 101 1.44 0.24 38.33
N GLN F 102 0.23 0.01 37.85
CA GLN F 102 -0.14 0.43 36.50
C GLN F 102 -0.04 1.94 36.31
N ASP F 103 -0.26 2.70 37.39
CA ASP F 103 0.00 4.13 37.37
C ASP F 103 1.49 4.36 37.17
N THR F 104 2.29 3.58 37.90
CA THR F 104 3.75 3.70 37.81
C THR F 104 4.21 3.30 36.42
N CYS F 105 3.60 2.26 35.85
CA CYS F 105 3.96 1.84 34.51
C CYS F 105 3.60 2.92 33.48
N LEU F 106 2.47 3.60 33.70
CA LEU F 106 2.07 4.69 32.79
C LEU F 106 3.01 5.89 32.92
N TYR F 107 3.28 6.30 34.15
CA TYR F 107 4.10 7.46 34.40
C TYR F 107 5.55 7.27 33.94
N GLU F 108 6.02 6.02 33.94
CA GLU F 108 7.42 5.74 33.65
C GLU F 108 7.67 5.26 32.22
N CYS F 109 6.63 4.79 31.54
CA CYS F 109 6.83 4.17 30.23
C CYS F 109 6.18 4.94 29.07
N SER F 110 5.03 5.57 29.32
CA SER F 110 4.22 6.11 28.23
C SER F 110 4.91 7.24 27.46
N PRO F 111 5.11 7.03 26.16
CA PRO F 111 5.73 8.01 25.25
C PRO F 111 4.71 9.01 24.71
N ASN F 112 3.50 8.98 25.27
CA ASN F 112 2.40 9.76 24.73
C ASN F 112 1.79 10.69 25.78
N LEU F 113 2.59 11.06 26.77
CA LEU F 113 2.15 11.99 27.81
C LEU F 113 2.56 13.42 27.49
N GLY F 114 3.26 13.58 26.36
CA GLY F 114 3.79 14.85 25.90
C GLY F 114 2.99 16.11 26.21
N PRO F 115 1.80 16.24 25.63
CA PRO F 115 0.95 17.43 25.77
C PRO F 115 0.79 17.96 27.19
N TRP F 116 0.96 17.09 28.19
CA TRP F 116 0.68 17.47 29.56
C TRP F 116 1.94 17.66 30.38
N ILE F 117 3.09 17.48 29.73
CA ILE F 117 4.38 17.71 30.36
C ILE F 117 4.57 19.19 30.66
N GLN F 118 5.23 19.50 31.79
CA GLN F 118 5.53 20.87 32.17
C GLN F 118 6.81 20.96 33.00
N GLN F 119 7.53 22.06 32.84
CA GLN F 119 8.72 22.33 33.64
C GLN F 119 8.29 22.54 35.10
N VAL F 120 8.98 21.88 36.03
CA VAL F 120 8.71 22.10 37.45
C VAL F 120 9.99 22.44 38.22
N ASP F 121 11.10 21.80 37.83
CA ASP F 121 12.43 22.10 38.38
C ASP F 121 12.53 21.85 39.88
N GLN F 122 11.99 20.72 40.34
CA GLN F 122 12.18 20.33 41.73
C GLN F 122 13.28 19.29 41.83
N SER F 123 13.89 19.23 43.01
CA SER F 123 15.04 18.38 43.32
C SER F 123 15.20 17.10 42.49
N TRP F 124 14.15 16.31 42.40
CA TRP F 124 14.26 14.98 41.80
C TRP F 124 13.69 14.89 40.37
N ARG F 125 13.33 16.04 39.80
CA ARG F 125 12.93 16.10 38.39
C ARG F 125 12.80 17.51 37.84
N LYS F 126 13.25 17.68 36.60
CA LYS F 126 13.10 18.94 35.90
C LYS F 126 11.66 19.10 35.44
N GLU F 127 11.14 18.07 34.78
CA GLU F 127 9.79 18.08 34.25
C GLU F 127 8.90 17.03 34.93
N ARG F 128 7.58 17.19 34.76
CA ARG F 128 6.61 16.18 35.17
C ARG F 128 5.32 16.40 34.40
N VAL F 129 4.38 15.47 34.49
CA VAL F 129 3.11 15.63 33.80
C VAL F 129 2.11 16.33 34.70
N LEU F 130 1.20 17.09 34.10
CA LEU F 130 0.15 17.77 34.86
C LEU F 130 -1.21 17.66 34.18
N ASN F 131 -2.24 17.54 35.02
CA ASN F 131 -3.64 17.46 34.61
C ASN F 131 -3.89 16.54 33.40
N VAL F 132 -3.44 15.31 33.54
CA VAL F 132 -3.66 14.29 32.53
C VAL F 132 -5.11 13.82 32.57
N PRO F 133 -5.81 13.86 31.43
CA PRO F 133 -7.21 13.44 31.37
C PRO F 133 -7.37 11.93 31.53
N LEU F 134 -7.34 11.46 32.77
CA LEU F 134 -7.52 10.04 33.06
C LEU F 134 -8.96 9.65 32.78
N CYS F 135 -9.13 8.55 32.04
CA CYS F 135 -10.45 8.07 31.64
C CYS F 135 -11.35 7.82 32.84
N LYS F 136 -12.64 8.06 32.66
CA LYS F 136 -13.60 7.97 33.76
C LYS F 136 -13.52 6.62 34.43
N GLU F 137 -13.58 5.57 33.61
CA GLU F 137 -13.63 4.20 34.10
C GLU F 137 -12.34 3.78 34.82
N ASP F 138 -11.19 4.22 34.32
CA ASP F 138 -9.91 3.88 34.96
C ASP F 138 -9.87 4.46 36.35
N CYS F 139 -10.34 5.69 36.47
CA CYS F 139 -10.29 6.42 37.73
C CYS F 139 -11.28 5.85 38.73
N GLU F 140 -12.50 5.58 38.26
CA GLU F 140 -13.51 4.98 39.12
C GLU F 140 -13.08 3.63 39.66
N GLN F 141 -12.59 2.76 38.78
CA GLN F 141 -12.18 1.42 39.18
C GLN F 141 -11.01 1.45 40.14
N TRP F 142 -10.08 2.36 39.92
CA TRP F 142 -8.96 2.56 40.83
C TRP F 142 -9.50 2.95 42.21
N TRP F 143 -10.50 3.82 42.19
CA TRP F 143 -11.16 4.26 43.42
C TRP F 143 -11.86 3.09 44.10
N GLU F 144 -12.56 2.29 43.31
CA GLU F 144 -13.38 1.21 43.82
C GLU F 144 -12.58 0.09 44.47
N ASP F 145 -11.51 -0.33 43.79
CA ASP F 145 -10.72 -1.47 44.25
C ASP F 145 -9.88 -1.11 45.47
N CYS F 146 -9.78 0.19 45.76
CA CYS F 146 -8.97 0.64 46.87
C CYS F 146 -9.80 0.82 48.13
N ARG F 147 -11.11 0.69 47.98
CA ARG F 147 -12.07 0.85 49.07
C ARG F 147 -11.60 0.19 50.36
N THR F 148 -11.18 -1.06 50.24
CA THR F 148 -10.79 -1.87 51.39
C THR F 148 -9.51 -1.41 52.06
N SER F 149 -8.62 -0.80 51.30
CA SER F 149 -7.30 -0.45 51.80
C SER F 149 -7.34 0.69 52.81
N TYR F 150 -6.17 1.19 53.19
CA TYR F 150 -6.08 2.27 54.17
C TYR F 150 -4.94 3.25 53.86
N THR F 151 -5.09 4.50 54.33
CA THR F 151 -4.05 5.51 54.21
C THR F 151 -4.17 6.58 55.31
N CYS F 152 -3.24 7.52 55.30
CA CYS F 152 -3.21 8.59 56.30
C CYS F 152 -3.06 9.97 55.65
N LYS F 153 -2.87 9.98 54.35
CA LYS F 153 -2.63 11.21 53.62
C LYS F 153 -3.45 11.29 52.34
N SER F 154 -3.71 12.52 51.90
CA SER F 154 -4.39 12.78 50.63
C SER F 154 -3.36 13.26 49.61
N ASN F 155 -2.24 13.74 50.13
CA ASN F 155 -1.13 14.23 49.31
C ASN F 155 0.09 13.32 49.48
N TRP F 156 0.31 12.43 48.51
CA TRP F 156 1.38 11.44 48.61
C TRP F 156 2.68 11.90 47.96
N HIS F 157 2.76 13.19 47.67
CA HIS F 157 3.97 13.77 47.07
C HIS F 157 4.77 14.56 48.10
N LYS F 158 4.05 15.18 49.05
CA LYS F 158 4.68 15.99 50.08
C LYS F 158 4.16 15.64 51.47
N GLY F 159 5.03 15.66 52.47
CA GLY F 159 4.59 15.50 53.85
C GLY F 159 5.05 14.26 54.61
N TRP F 160 5.56 13.27 53.90
CA TRP F 160 5.97 12.01 54.54
C TRP F 160 7.21 12.16 55.42
N ASN F 161 7.32 11.33 56.44
CA ASN F 161 8.50 11.24 57.28
C ASN F 161 9.41 10.10 56.79
N TRP F 162 10.46 10.45 56.05
CA TRP F 162 11.39 9.48 55.47
C TRP F 162 12.56 9.10 56.38
N THR F 163 12.30 9.00 57.68
CA THR F 163 13.32 8.65 58.66
C THR F 163 13.94 7.29 58.36
N SER F 164 13.09 6.27 58.30
CA SER F 164 13.54 4.88 58.24
C SER F 164 14.16 4.47 56.90
N GLY F 165 14.19 5.40 55.94
CA GLY F 165 14.70 5.09 54.62
C GLY F 165 13.57 4.99 53.61
N PHE F 166 12.35 4.88 54.13
CA PHE F 166 11.16 4.93 53.29
C PHE F 166 10.13 5.82 53.98
N ASN F 167 9.02 6.10 53.29
CA ASN F 167 8.01 7.00 53.84
C ASN F 167 7.17 6.36 54.94
N LYS F 168 7.04 7.07 56.07
CA LYS F 168 6.13 6.65 57.13
C LYS F 168 5.13 7.77 57.38
N CYS F 169 4.02 7.43 58.04
CA CYS F 169 2.98 8.41 58.30
C CYS F 169 3.49 9.50 59.24
N ALA F 170 3.16 10.75 58.93
CA ALA F 170 3.57 11.89 59.75
C ALA F 170 2.86 11.88 61.10
N VAL F 171 1.61 11.43 61.09
CA VAL F 171 0.88 11.18 62.33
C VAL F 171 0.46 9.71 62.33
N GLY F 172 0.87 8.97 63.37
CA GLY F 172 0.67 7.54 63.41
C GLY F 172 -0.79 7.13 63.56
N ALA F 173 -1.59 8.04 64.11
CA ALA F 173 -3.00 7.78 64.37
C ALA F 173 -3.90 8.28 63.23
N ALA F 174 -3.29 8.80 62.17
CA ALA F 174 -4.04 9.40 61.07
C ALA F 174 -4.62 8.37 60.12
N CYS F 175 -4.47 7.09 60.46
CA CYS F 175 -4.93 6.01 59.61
C CYS F 175 -6.45 5.92 59.56
N GLN F 176 -6.99 6.01 58.35
CA GLN F 176 -8.44 5.95 58.10
C GLN F 176 -8.70 5.11 56.85
N PRO F 177 -9.97 4.76 56.59
CA PRO F 177 -10.23 4.07 55.32
C PRO F 177 -9.81 4.93 54.13
N PHE F 178 -9.54 4.29 53.00
CA PHE F 178 -9.05 4.97 51.81
C PHE F 178 -10.02 6.05 51.36
N HIS F 179 -11.31 5.76 51.46
CA HIS F 179 -12.33 6.69 50.99
C HIS F 179 -12.64 7.80 52.00
N PHE F 180 -11.86 7.85 53.07
CA PHE F 180 -11.95 8.96 54.01
C PHE F 180 -11.20 10.15 53.43
N TYR F 181 -10.02 9.88 52.90
CA TYR F 181 -9.19 10.93 52.31
C TYR F 181 -9.46 11.09 50.81
N PHE F 182 -10.21 10.18 50.22
CA PHE F 182 -10.59 10.36 48.82
C PHE F 182 -12.06 10.00 48.59
N PRO F 183 -12.97 10.83 49.14
CA PRO F 183 -14.42 10.58 49.13
C PRO F 183 -15.03 10.29 47.76
N THR F 184 -14.37 10.72 46.69
CA THR F 184 -14.86 10.47 45.33
C THR F 184 -13.71 10.01 44.43
N PRO F 185 -14.03 9.35 43.31
CA PRO F 185 -13.00 8.93 42.35
C PRO F 185 -12.15 10.09 41.85
N THR F 186 -12.83 11.21 41.59
CA THR F 186 -12.16 12.39 41.08
C THR F 186 -11.16 12.95 42.10
N VAL F 187 -11.54 12.97 43.37
CA VAL F 187 -10.63 13.42 44.42
C VAL F 187 -9.41 12.49 44.52
N LEU F 188 -9.61 11.18 44.35
CA LEU F 188 -8.49 10.25 44.38
C LEU F 188 -7.46 10.61 43.31
N CYS F 189 -7.87 10.52 42.05
CA CYS F 189 -6.92 10.66 40.97
C CYS F 189 -6.31 12.06 40.81
N ASN F 190 -7.05 13.08 41.25
CA ASN F 190 -6.59 14.46 41.12
C ASN F 190 -5.85 15.00 42.31
N GLU F 191 -5.71 14.22 43.37
CA GLU F 191 -5.10 14.78 44.58
C GLU F 191 -3.90 13.97 45.05
N ILE F 192 -3.88 12.67 44.76
CA ILE F 192 -2.87 11.77 45.30
C ILE F 192 -1.47 12.01 44.75
N TRP F 193 -1.41 12.44 43.50
CA TRP F 193 -0.17 12.82 42.87
C TRP F 193 -0.26 14.28 42.46
N THR F 194 -0.71 15.11 43.40
CA THR F 194 -0.76 16.57 43.27
C THR F 194 -1.14 17.02 41.85
N HIS F 195 -2.41 16.79 41.49
CA HIS F 195 -2.96 17.16 40.19
C HIS F 195 -2.19 16.63 38.99
N SER F 196 -1.53 15.47 39.14
CA SER F 196 -0.83 14.88 38.00
C SER F 196 -1.87 14.34 37.02
N TYR F 197 -3.02 13.96 37.56
CA TYR F 197 -4.15 13.62 36.71
C TYR F 197 -5.21 14.69 36.88
N LYS F 198 -6.09 14.80 35.88
CA LYS F 198 -7.34 15.53 36.02
C LYS F 198 -8.45 14.72 35.35
N VAL F 199 -9.23 14.01 36.16
CA VAL F 199 -10.20 13.04 35.66
C VAL F 199 -11.14 13.67 34.66
N SER F 200 -11.18 13.13 33.45
CA SER F 200 -12.09 13.66 32.45
C SER F 200 -13.42 12.94 32.56
N ASN F 201 -14.49 13.63 32.20
CA ASN F 201 -15.81 13.02 32.19
C ASN F 201 -15.97 12.13 30.96
N TYR F 202 -15.00 12.22 30.06
CA TYR F 202 -14.96 11.37 28.88
C TYR F 202 -14.65 9.93 29.26
N SER F 203 -15.15 8.99 28.47
CA SER F 203 -15.03 7.59 28.81
C SER F 203 -13.99 6.89 27.94
N ARG F 204 -13.69 5.64 28.26
CA ARG F 204 -12.76 4.86 27.46
C ARG F 204 -13.35 4.58 26.08
N GLY F 205 -12.50 4.63 25.05
CA GLY F 205 -12.94 4.42 23.69
C GLY F 205 -13.38 5.69 22.99
N SER F 206 -13.44 6.79 23.72
CA SER F 206 -13.81 8.08 23.15
C SER F 206 -12.62 8.74 22.46
N GLY F 207 -11.42 8.34 22.86
CA GLY F 207 -10.21 8.86 22.23
C GLY F 207 -9.91 10.28 22.67
N ARG F 208 -10.47 10.68 23.81
CA ARG F 208 -10.23 12.02 24.35
C ARG F 208 -9.77 11.96 25.79
N CYS F 209 -9.30 10.78 26.21
CA CYS F 209 -8.80 10.59 27.56
C CYS F 209 -7.75 9.50 27.61
N ILE F 210 -6.79 9.67 28.50
CA ILE F 210 -5.70 8.74 28.67
C ILE F 210 -6.13 7.54 29.50
N GLN F 211 -5.93 6.35 28.94
CA GLN F 211 -6.16 5.12 29.68
C GLN F 211 -4.85 4.67 30.35
N MET F 212 -4.92 4.26 31.61
CA MET F 212 -3.76 3.67 32.26
C MET F 212 -3.83 2.14 32.16
N TRP F 213 -5.03 1.63 31.93
CA TRP F 213 -5.24 0.22 31.64
C TRP F 213 -5.67 0.03 30.18
N PHE F 214 -4.94 -0.79 29.44
CA PHE F 214 -5.40 -1.16 28.10
C PHE F 214 -4.84 -2.50 27.66
N ASP F 215 -5.47 -3.09 26.64
CA ASP F 215 -4.96 -4.28 25.99
C ASP F 215 -3.99 -3.88 24.89
N PRO F 216 -2.69 -4.20 25.05
CA PRO F 216 -1.70 -3.90 24.02
C PRO F 216 -1.97 -4.67 22.73
N ALA F 217 -2.73 -5.77 22.82
CA ALA F 217 -3.06 -6.59 21.65
C ALA F 217 -4.15 -5.94 20.80
N GLN F 218 -4.41 -4.67 21.06
CA GLN F 218 -5.31 -3.88 20.24
C GLN F 218 -4.71 -2.49 20.11
N GLY F 219 -3.39 -2.43 20.28
CA GLY F 219 -2.64 -1.19 20.12
C GLY F 219 -2.85 -0.19 21.24
N ASN F 220 -1.93 0.75 21.35
CA ASN F 220 -1.98 1.76 22.40
C ASN F 220 -2.94 2.89 22.02
N PRO F 221 -4.07 3.01 22.75
CA PRO F 221 -5.07 4.02 22.41
C PRO F 221 -4.65 5.44 22.79
N ASN F 222 -3.55 5.57 23.52
CA ASN F 222 -3.09 6.89 23.96
C ASN F 222 -2.30 7.66 22.89
N GLU F 223 -1.86 6.94 21.86
CA GLU F 223 -1.15 7.58 20.75
C GLU F 223 -2.08 8.58 20.06
N GLU F 224 -3.28 8.12 19.73
CA GLU F 224 -4.30 8.96 19.10
C GLU F 224 -4.72 10.11 20.03
N VAL F 225 -4.85 9.83 21.32
CA VAL F 225 -5.24 10.84 22.30
C VAL F 225 -4.15 11.90 22.47
N ALA F 226 -2.89 11.45 22.44
CA ALA F 226 -1.76 12.37 22.50
C ALA F 226 -1.78 13.29 21.29
N ARG F 227 -2.02 12.70 20.12
CA ARG F 227 -2.07 13.42 18.85
C ARG F 227 -3.16 14.50 18.86
N PHE F 228 -4.34 14.14 19.35
CA PHE F 228 -5.45 15.07 19.46
C PHE F 228 -5.08 16.28 20.30
N TYR F 229 -4.74 16.03 21.57
CA TYR F 229 -4.45 17.11 22.51
C TYR F 229 -3.23 17.93 22.11
N ALA F 230 -2.31 17.32 21.38
CA ALA F 230 -1.13 18.02 20.88
C ALA F 230 -1.55 19.11 19.90
N ALA F 231 -2.28 18.69 18.87
CA ALA F 231 -2.76 19.61 17.84
C ALA F 231 -3.65 20.69 18.45
N ALA F 232 -4.33 20.35 19.54
CA ALA F 232 -5.19 21.30 20.23
C ALA F 232 -4.37 22.46 20.81
N MET F 233 -3.26 22.12 21.46
CA MET F 233 -2.44 23.12 22.16
C MET F 233 -1.31 23.68 21.29
N SER F 234 -1.15 23.15 20.09
CA SER F 234 -0.22 23.71 19.12
C SER F 234 -0.97 24.67 18.20
N GLY F 235 -2.30 24.61 18.26
CA GLY F 235 -3.15 25.44 17.43
C GLY F 235 -3.37 24.84 16.05
N THR F 236 -2.43 24.00 15.62
CA THR F 236 -2.37 23.46 14.26
C THR F 236 -3.64 22.71 13.82
N LEU F 237 -4.06 21.72 14.62
CA LEU F 237 -5.26 20.92 14.34
C LEU F 237 -5.22 20.28 12.94
N ARG G 30 -0.37 -55.15 39.00
CA ARG G 30 0.54 -54.57 40.00
C ARG G 30 0.69 -55.50 41.21
N THR G 31 -0.37 -56.27 41.48
CA THR G 31 -0.36 -57.25 42.55
C THR G 31 -0.22 -58.67 41.98
N GLU G 32 -0.71 -58.85 40.75
CA GLU G 32 -0.67 -60.15 40.07
C GLU G 32 -0.04 -60.02 38.68
N LEU G 33 1.28 -60.01 38.62
CA LEU G 33 2.01 -59.70 37.39
C LEU G 33 1.79 -60.68 36.22
N LEU G 34 1.21 -61.84 36.51
CA LEU G 34 0.99 -62.85 35.47
C LEU G 34 -0.46 -62.94 35.03
N ASN G 35 -0.67 -63.24 33.75
CA ASN G 35 -2.00 -63.41 33.17
C ASN G 35 -2.88 -62.17 33.40
N VAL G 36 -2.39 -61.00 33.00
CA VAL G 36 -3.12 -59.75 33.19
C VAL G 36 -3.12 -58.80 31.99
N CYS G 37 -4.20 -58.06 31.85
CA CYS G 37 -4.32 -57.05 30.80
C CYS G 37 -4.35 -55.66 31.40
N MET G 38 -3.36 -54.84 31.05
CA MET G 38 -3.25 -53.47 31.55
C MET G 38 -4.53 -52.69 31.29
N ASN G 39 -4.76 -51.65 32.09
CA ASN G 39 -5.94 -50.82 31.88
C ASN G 39 -5.70 -49.72 30.86
N ALA G 40 -5.86 -50.08 29.59
CA ALA G 40 -5.67 -49.14 28.49
C ALA G 40 -6.92 -49.05 27.62
N LYS G 41 -6.78 -48.38 26.49
CA LYS G 41 -7.92 -48.05 25.61
C LYS G 41 -8.75 -49.27 25.19
N HIS G 42 -8.23 -50.08 24.29
CA HIS G 42 -9.03 -51.11 23.64
C HIS G 42 -8.78 -52.49 24.23
N HIS G 43 -8.15 -52.51 25.40
CA HIS G 43 -7.89 -53.76 26.11
C HIS G 43 -9.19 -54.35 26.65
N LYS G 44 -9.09 -55.58 27.17
CA LYS G 44 -10.17 -56.18 27.92
C LYS G 44 -9.86 -56.05 29.40
N GLU G 45 -10.53 -56.86 30.21
CA GLU G 45 -10.29 -56.88 31.65
C GLU G 45 -9.36 -58.03 32.03
N LYS G 46 -9.69 -59.22 31.51
CA LYS G 46 -8.92 -60.42 31.82
C LYS G 46 -8.52 -61.14 30.54
N PRO G 47 -7.41 -61.90 30.59
CA PRO G 47 -7.00 -62.77 29.48
C PRO G 47 -8.06 -63.81 29.16
N GLY G 48 -8.48 -63.86 27.90
CA GLY G 48 -9.43 -64.84 27.44
C GLY G 48 -9.19 -65.24 25.99
N PRO G 49 -9.32 -66.55 25.69
CA PRO G 49 -9.13 -67.13 24.35
C PRO G 49 -9.89 -66.37 23.26
N GLU G 50 -9.30 -66.26 22.07
CA GLU G 50 -9.95 -65.61 20.95
C GLU G 50 -9.59 -66.35 19.66
N ASP G 51 -10.49 -67.23 19.24
CA ASP G 51 -10.24 -68.14 18.12
C ASP G 51 -10.32 -67.42 16.78
N LYS G 52 -10.75 -66.17 16.80
CA LYS G 52 -10.95 -65.43 15.55
C LYS G 52 -10.05 -64.21 15.38
N LEU G 53 -8.89 -64.20 16.04
CA LEU G 53 -7.92 -63.11 15.87
C LEU G 53 -7.42 -63.06 14.43
N HIS G 54 -7.11 -61.86 13.95
CA HIS G 54 -6.67 -61.69 12.57
C HIS G 54 -5.30 -62.34 12.34
N GLU G 55 -4.70 -62.12 11.17
CA GLU G 55 -3.50 -62.87 10.79
C GLU G 55 -2.27 -62.62 11.68
N GLN G 56 -1.62 -61.47 11.58
CA GLN G 56 -0.38 -61.27 12.35
C GLN G 56 -0.61 -61.40 13.86
N CYS G 57 -1.85 -61.24 14.30
CA CYS G 57 -2.18 -61.38 15.72
C CYS G 57 -2.43 -62.84 16.12
N ARG G 58 -2.43 -63.74 15.14
CA ARG G 58 -2.74 -65.15 15.36
C ARG G 58 -2.01 -65.83 16.53
N PRO G 59 -0.72 -65.52 16.75
CA PRO G 59 -0.02 -66.21 17.86
C PRO G 59 -0.66 -66.11 19.24
N TRP G 60 -1.64 -65.21 19.41
CA TRP G 60 -2.30 -65.06 20.70
C TRP G 60 -3.71 -65.63 20.71
N ARG G 61 -3.93 -66.66 19.90
CA ARG G 61 -5.27 -67.21 19.74
C ARG G 61 -5.71 -68.06 20.93
N LYS G 62 -4.76 -68.53 21.73
CA LYS G 62 -5.12 -69.36 22.89
C LYS G 62 -5.41 -68.53 24.13
N ASN G 63 -4.91 -67.28 24.14
CA ASN G 63 -5.06 -66.40 25.29
C ASN G 63 -4.65 -64.97 24.95
N ALA G 64 -5.62 -64.07 24.83
CA ALA G 64 -5.33 -62.71 24.41
C ALA G 64 -6.11 -61.65 25.21
N CYS G 65 -5.57 -60.44 25.25
CA CYS G 65 -6.25 -59.31 25.87
C CYS G 65 -6.96 -58.46 24.83
N CYS G 66 -6.86 -58.90 23.58
CA CYS G 66 -7.46 -58.17 22.48
C CYS G 66 -8.72 -58.87 21.98
N SER G 67 -9.56 -58.14 21.24
CA SER G 67 -10.76 -58.72 20.65
C SER G 67 -10.53 -58.99 19.17
N THR G 68 -11.51 -59.60 18.52
CA THR G 68 -11.40 -59.87 17.09
C THR G 68 -11.38 -58.56 16.31
N ASN G 69 -12.28 -57.63 16.68
CA ASN G 69 -12.30 -56.32 16.06
C ASN G 69 -10.99 -55.55 16.28
N THR G 70 -10.39 -55.71 17.46
CA THR G 70 -9.15 -55.02 17.75
C THR G 70 -8.01 -55.57 16.87
N SER G 71 -7.96 -56.89 16.72
CA SER G 71 -6.88 -57.51 15.97
C SER G 71 -6.99 -57.18 14.48
N GLN G 72 -8.21 -56.96 14.02
CA GLN G 72 -8.46 -56.69 12.61
C GLN G 72 -8.13 -55.25 12.25
N GLU G 73 -8.24 -54.36 13.23
CA GLU G 73 -7.94 -52.95 13.03
C GLU G 73 -6.43 -52.73 13.02
N ALA G 74 -5.71 -53.60 13.71
CA ALA G 74 -4.25 -53.54 13.78
C ALA G 74 -3.64 -53.51 12.40
N HIS G 75 -4.24 -54.26 11.47
CA HIS G 75 -3.72 -54.39 10.12
C HIS G 75 -4.23 -53.30 9.18
N LYS G 76 -4.86 -52.27 9.75
CA LYS G 76 -5.48 -51.23 8.94
C LYS G 76 -4.79 -49.88 9.08
N ASP G 77 -4.72 -49.15 7.98
CA ASP G 77 -4.21 -47.79 8.02
C ASP G 77 -5.25 -46.85 8.62
N VAL G 78 -4.78 -45.90 9.42
CA VAL G 78 -5.63 -44.91 10.09
C VAL G 78 -6.81 -45.62 10.76
N SER G 79 -6.48 -46.61 11.60
CA SER G 79 -7.46 -47.56 12.11
C SER G 79 -8.43 -46.96 13.13
N TYR G 80 -9.26 -47.82 13.69
CA TYR G 80 -10.22 -47.40 14.70
C TYR G 80 -9.49 -47.18 16.04
N LEU G 81 -8.41 -47.95 16.20
CA LEU G 81 -7.68 -48.11 17.46
C LEU G 81 -7.12 -46.80 18.00
N TYR G 82 -6.07 -46.27 17.39
CA TYR G 82 -5.57 -44.95 17.79
C TYR G 82 -5.64 -43.98 16.62
N ARG G 83 -6.21 -44.46 15.50
CA ARG G 83 -6.32 -43.68 14.24
C ARG G 83 -4.94 -43.23 13.79
N PHE G 84 -3.99 -44.16 13.90
CA PHE G 84 -2.61 -43.82 13.62
C PHE G 84 -2.29 -43.96 12.15
N ASN G 85 -1.50 -43.00 11.64
CA ASN G 85 -1.09 -42.99 10.25
C ASN G 85 0.38 -43.36 10.09
N TRP G 86 0.64 -44.59 9.65
CA TRP G 86 2.02 -45.03 9.42
C TRP G 86 2.61 -44.31 8.21
N ASN G 87 1.76 -43.85 7.31
CA ASN G 87 2.22 -43.22 6.08
C ASN G 87 2.29 -41.70 6.15
N HIS G 88 2.91 -41.17 7.19
CA HIS G 88 3.00 -39.72 7.35
C HIS G 88 4.05 -39.10 6.45
N CYS G 89 5.06 -39.88 6.11
CA CYS G 89 6.08 -39.41 5.18
C CYS G 89 6.11 -40.22 3.88
N GLY G 90 4.96 -40.33 3.23
CA GLY G 90 4.82 -41.19 2.07
C GLY G 90 4.49 -42.60 2.50
N GLU G 91 4.29 -43.51 1.55
CA GLU G 91 3.96 -44.89 1.91
C GLU G 91 5.12 -45.57 2.62
N MET G 92 4.86 -46.02 3.84
CA MET G 92 5.82 -46.83 4.59
C MET G 92 5.88 -48.22 4.00
N ALA G 93 7.08 -48.70 3.72
CA ALA G 93 7.28 -50.00 3.08
C ALA G 93 6.65 -51.13 3.88
N PRO G 94 6.11 -52.14 3.17
CA PRO G 94 5.49 -53.33 3.76
C PRO G 94 6.40 -54.06 4.74
N ALA G 95 7.66 -54.25 4.36
CA ALA G 95 8.61 -54.93 5.24
C ALA G 95 8.86 -54.12 6.53
N CYS G 96 8.44 -52.86 6.52
CA CYS G 96 8.55 -52.00 7.68
C CYS G 96 7.25 -52.01 8.48
N LYS G 97 6.14 -51.82 7.78
CA LYS G 97 4.81 -51.73 8.37
C LYS G 97 4.41 -52.98 9.14
N ARG G 98 4.88 -54.14 8.66
CA ARG G 98 4.54 -55.42 9.26
C ARG G 98 5.03 -55.50 10.71
N HIS G 99 6.08 -54.74 11.01
CA HIS G 99 6.67 -54.75 12.34
C HIS G 99 5.84 -53.91 13.29
N PHE G 100 5.34 -52.79 12.81
CA PHE G 100 4.47 -51.94 13.62
C PHE G 100 3.13 -52.63 13.88
N ILE G 101 2.72 -53.48 12.94
CA ILE G 101 1.53 -54.28 13.16
C ILE G 101 1.79 -55.30 14.25
N GLN G 102 2.94 -55.95 14.20
CA GLN G 102 3.27 -56.97 15.19
C GLN G 102 3.46 -56.33 16.56
N ASP G 103 4.11 -55.18 16.60
CA ASP G 103 4.17 -54.39 17.83
C ASP G 103 2.76 -54.20 18.37
N THR G 104 1.86 -53.73 17.50
CA THR G 104 0.46 -53.53 17.87
C THR G 104 -0.15 -54.78 18.48
N CYS G 105 0.03 -55.90 17.81
CA CYS G 105 -0.51 -57.18 18.29
C CYS G 105 0.04 -57.56 19.65
N LEU G 106 1.29 -57.21 19.92
CA LEU G 106 1.89 -57.51 21.22
C LEU G 106 1.26 -56.64 22.29
N TYR G 107 1.23 -55.34 22.03
CA TYR G 107 0.77 -54.35 22.98
C TYR G 107 -0.70 -54.55 23.35
N GLU G 108 -1.49 -55.02 22.39
CA GLU G 108 -2.93 -55.16 22.58
C GLU G 108 -3.38 -56.55 23.04
N CYS G 109 -2.52 -57.55 22.90
CA CYS G 109 -2.96 -58.93 23.12
C CYS G 109 -2.16 -59.71 24.16
N SER G 110 -0.89 -59.38 24.34
CA SER G 110 -0.03 -60.19 25.20
C SER G 110 -0.42 -60.14 26.68
N PRO G 111 -0.85 -61.29 27.21
CA PRO G 111 -1.26 -61.38 28.62
C PRO G 111 -0.06 -61.41 29.55
N ASN G 112 1.14 -61.31 28.97
CA ASN G 112 2.36 -61.54 29.73
C ASN G 112 3.25 -60.31 29.79
N LEU G 113 2.63 -59.15 29.98
CA LEU G 113 3.36 -57.89 30.07
C LEU G 113 3.23 -57.24 31.45
N GLY G 114 2.63 -57.98 32.37
CA GLY G 114 2.43 -57.52 33.73
C GLY G 114 3.61 -56.83 34.41
N PRO G 115 4.74 -57.54 34.54
CA PRO G 115 5.96 -57.03 35.19
C PRO G 115 6.44 -55.65 34.69
N TRP G 116 5.79 -55.09 33.69
CA TRP G 116 6.20 -53.79 33.16
C TRP G 116 5.03 -52.83 33.04
N ILE G 117 3.91 -53.15 33.68
CA ILE G 117 2.74 -52.27 33.70
C ILE G 117 2.85 -51.24 34.82
N GLN G 118 2.57 -49.98 34.50
CA GLN G 118 2.55 -48.88 35.46
C GLN G 118 1.40 -47.92 35.17
N GLN G 119 0.97 -47.18 36.20
CA GLN G 119 -0.13 -46.24 36.06
C GLN G 119 0.38 -44.87 35.60
N VAL G 120 -0.26 -44.29 34.58
CA VAL G 120 0.15 -42.98 34.06
C VAL G 120 -0.93 -41.93 34.13
N ASP G 121 -2.20 -42.36 34.12
CA ASP G 121 -3.34 -41.46 34.19
C ASP G 121 -3.28 -40.37 33.11
N GLN G 122 -3.49 -40.78 31.87
CA GLN G 122 -3.59 -39.82 30.77
C GLN G 122 -4.84 -40.06 29.97
N SER G 123 -5.17 -39.07 29.14
CA SER G 123 -6.41 -39.00 28.36
C SER G 123 -7.02 -40.32 27.89
N TRP G 124 -6.18 -41.28 27.51
CA TRP G 124 -6.66 -42.45 26.79
C TRP G 124 -6.34 -43.78 27.48
N ARG G 125 -5.51 -43.75 28.51
CA ARG G 125 -5.21 -44.96 29.26
C ARG G 125 -4.75 -44.67 30.67
N LYS G 126 -5.23 -45.48 31.61
CA LYS G 126 -4.80 -45.38 33.00
C LYS G 126 -3.42 -45.98 33.13
N GLU G 127 -3.18 -47.07 32.40
CA GLU G 127 -1.94 -47.81 32.48
C GLU G 127 -1.27 -48.03 31.12
N ARG G 128 0.01 -48.39 31.15
CA ARG G 128 0.74 -48.79 29.95
C ARG G 128 1.91 -49.71 30.31
N VAL G 129 2.76 -50.01 29.34
CA VAL G 129 3.96 -50.81 29.61
C VAL G 129 5.21 -49.94 29.50
N LEU G 130 6.24 -50.29 30.26
CA LEU G 130 7.49 -49.53 30.30
C LEU G 130 8.72 -50.42 30.41
N ASN G 131 9.74 -50.11 29.60
CA ASN G 131 11.02 -50.80 29.63
C ASN G 131 10.93 -52.29 29.36
N VAL G 132 9.99 -52.70 28.51
CA VAL G 132 9.84 -54.09 28.14
C VAL G 132 11.10 -54.59 27.46
N PRO G 133 11.70 -55.68 27.98
CA PRO G 133 12.98 -56.21 27.50
C PRO G 133 12.86 -56.88 26.13
N LEU G 134 12.71 -56.07 25.09
CA LEU G 134 12.60 -56.58 23.73
C LEU G 134 13.89 -57.29 23.36
N CYS G 135 13.76 -58.46 22.76
CA CYS G 135 14.92 -59.26 22.36
C CYS G 135 15.77 -58.52 21.34
N LYS G 136 17.08 -58.73 21.46
CA LYS G 136 18.08 -58.10 20.61
C LYS G 136 17.74 -58.21 19.12
N GLU G 137 17.45 -59.43 18.68
CA GLU G 137 17.22 -59.70 17.27
C GLU G 137 15.92 -59.08 16.74
N ASP G 138 14.86 -59.18 17.53
CA ASP G 138 13.57 -58.57 17.17
C ASP G 138 13.78 -57.10 16.86
N CYS G 139 14.63 -56.46 17.67
CA CYS G 139 14.90 -55.05 17.54
C CYS G 139 15.74 -54.74 16.31
N GLU G 140 16.91 -55.37 16.23
CA GLU G 140 17.83 -55.13 15.13
C GLU G 140 17.13 -55.36 13.79
N GLN G 141 16.33 -56.42 13.72
CA GLN G 141 15.61 -56.78 12.51
C GLN G 141 14.54 -55.75 12.16
N TRP G 142 13.82 -55.29 13.17
CA TRP G 142 12.80 -54.25 12.98
C TRP G 142 13.48 -53.01 12.44
N TRP G 143 14.53 -52.57 13.13
CA TRP G 143 15.33 -51.44 12.71
C TRP G 143 15.82 -51.62 11.28
N GLU G 144 16.25 -52.83 10.96
CA GLU G 144 16.80 -53.11 9.65
C GLU G 144 15.78 -52.89 8.56
N ASP G 145 14.65 -53.60 8.67
CA ASP G 145 13.65 -53.62 7.60
C ASP G 145 13.07 -52.24 7.29
N CYS G 146 13.24 -51.30 8.22
CA CYS G 146 12.62 -49.98 8.08
C CYS G 146 13.52 -48.98 7.37
N ARG G 147 14.73 -49.39 7.02
CA ARG G 147 15.70 -48.54 6.33
C ARG G 147 15.11 -47.79 5.13
N THR G 148 14.27 -48.49 4.36
CA THR G 148 13.73 -47.95 3.12
C THR G 148 12.58 -46.98 3.35
N SER G 149 12.17 -46.83 4.59
CA SER G 149 11.00 -46.03 4.92
C SER G 149 11.36 -44.62 5.42
N TYR G 150 10.35 -43.82 5.72
CA TYR G 150 10.55 -42.43 6.09
C TYR G 150 9.72 -42.03 7.30
N THR G 151 10.11 -40.92 7.94
CA THR G 151 9.35 -40.35 9.06
C THR G 151 9.88 -38.94 9.36
N CYS G 152 9.26 -38.28 10.33
CA CYS G 152 9.60 -36.90 10.64
C CYS G 152 9.87 -36.66 12.12
N LYS G 153 9.69 -37.69 12.94
CA LYS G 153 9.84 -37.57 14.38
C LYS G 153 10.49 -38.81 14.98
N SER G 154 11.12 -38.65 16.15
CA SER G 154 11.72 -39.79 16.85
C SER G 154 10.86 -40.18 18.04
N ASN G 155 9.95 -39.28 18.42
CA ASN G 155 8.95 -39.56 19.44
C ASN G 155 7.59 -39.61 18.78
N TRP G 156 6.96 -40.78 18.75
CA TRP G 156 5.70 -40.96 18.01
C TRP G 156 4.48 -40.86 18.90
N HIS G 157 4.69 -40.57 20.18
CA HIS G 157 3.59 -40.49 21.13
C HIS G 157 3.08 -39.05 21.32
N LYS G 158 3.98 -38.07 21.32
CA LYS G 158 3.62 -36.65 21.48
C LYS G 158 4.19 -35.76 20.35
N GLY G 159 3.42 -34.76 19.92
CA GLY G 159 3.91 -33.77 18.97
C GLY G 159 3.35 -33.85 17.57
N TRP G 160 2.34 -34.69 17.39
CA TRP G 160 1.68 -34.85 16.10
C TRP G 160 0.59 -33.79 15.89
N ASN G 161 0.37 -33.43 14.63
CA ASN G 161 -0.69 -32.50 14.24
C ASN G 161 -1.93 -33.26 13.75
N TRP G 162 -2.90 -33.46 14.64
CA TRP G 162 -4.09 -34.24 14.31
C TRP G 162 -5.23 -33.39 13.76
N THR G 163 -4.89 -32.37 12.97
CA THR G 163 -5.89 -31.47 12.38
C THR G 163 -6.85 -32.21 11.49
N SER G 164 -6.31 -32.99 10.56
CA SER G 164 -7.12 -33.71 9.58
C SER G 164 -7.86 -34.92 10.17
N GLY G 165 -7.69 -35.15 11.47
CA GLY G 165 -8.34 -36.27 12.13
C GLY G 165 -7.39 -37.44 12.38
N PHE G 166 -6.25 -37.41 11.72
CA PHE G 166 -5.20 -38.40 11.93
C PHE G 166 -3.84 -37.69 11.95
N ASN G 167 -2.85 -38.30 12.60
CA ASN G 167 -1.56 -37.64 12.80
C ASN G 167 -0.89 -37.27 11.48
N LYS G 168 -0.45 -36.02 11.41
CA LYS G 168 0.34 -35.53 10.29
C LYS G 168 1.63 -34.95 10.82
N CYS G 169 2.54 -34.60 9.93
CA CYS G 169 3.83 -34.10 10.38
C CYS G 169 3.71 -32.66 10.89
N ALA G 170 4.22 -32.44 12.10
CA ALA G 170 4.21 -31.12 12.72
C ALA G 170 5.10 -30.13 11.96
N VAL G 171 6.09 -30.68 11.25
CA VAL G 171 6.91 -29.89 10.33
C VAL G 171 7.00 -30.63 9.00
N GLY G 172 6.20 -30.18 8.03
CA GLY G 172 6.09 -30.85 6.74
C GLY G 172 7.40 -31.17 6.04
N ALA G 173 8.44 -30.40 6.36
CA ALA G 173 9.74 -30.55 5.71
C ALA G 173 10.70 -31.45 6.51
N ALA G 174 10.20 -32.12 7.54
CA ALA G 174 11.03 -32.96 8.40
C ALA G 174 11.09 -34.40 7.91
N CYS G 175 10.60 -34.64 6.70
CA CYS G 175 10.54 -35.98 6.14
C CYS G 175 11.87 -36.48 5.63
N GLN G 176 12.58 -37.21 6.49
CA GLN G 176 13.90 -37.77 6.19
C GLN G 176 13.84 -39.31 6.30
N PRO G 177 14.84 -40.01 5.72
CA PRO G 177 14.93 -41.48 5.85
C PRO G 177 14.73 -41.97 7.28
N PHE G 178 14.22 -43.20 7.43
CA PHE G 178 13.85 -43.74 8.73
C PHE G 178 15.02 -43.78 9.70
N HIS G 179 16.21 -44.06 9.18
CA HIS G 179 17.40 -44.18 10.01
C HIS G 179 18.00 -42.81 10.37
N PHE G 180 17.50 -41.76 9.71
CA PHE G 180 17.92 -40.41 10.01
C PHE G 180 17.48 -40.06 11.42
N TYR G 181 16.24 -40.40 11.77
CA TYR G 181 15.75 -40.12 13.12
C TYR G 181 15.97 -41.30 14.05
N PHE G 182 16.43 -42.43 13.50
CA PHE G 182 16.81 -43.56 14.33
C PHE G 182 18.14 -44.14 13.89
N PRO G 183 19.24 -43.53 14.34
CA PRO G 183 20.59 -43.90 13.92
C PRO G 183 21.02 -45.32 14.30
N THR G 184 20.49 -45.86 15.40
CA THR G 184 20.79 -47.24 15.80
C THR G 184 19.50 -47.97 16.17
N PRO G 185 19.51 -49.32 16.16
CA PRO G 185 18.33 -50.08 16.57
C PRO G 185 17.84 -49.74 17.96
N THR G 186 18.76 -49.44 18.86
CA THR G 186 18.43 -49.15 20.24
C THR G 186 17.67 -47.82 20.36
N VAL G 187 18.02 -46.86 19.49
CA VAL G 187 17.29 -45.61 19.41
C VAL G 187 15.85 -45.86 18.98
N LEU G 188 15.69 -46.72 17.98
CA LEU G 188 14.38 -47.04 17.43
C LEU G 188 13.43 -47.66 18.45
N CYS G 189 13.74 -48.89 18.86
CA CYS G 189 12.84 -49.68 19.70
C CYS G 189 12.51 -49.02 21.02
N ASN G 190 13.38 -48.14 21.50
CA ASN G 190 13.18 -47.45 22.77
C ASN G 190 12.39 -46.16 22.64
N GLU G 191 12.92 -45.21 21.87
CA GLU G 191 12.40 -43.85 21.82
C GLU G 191 11.15 -43.66 20.96
N ILE G 192 10.76 -44.68 20.21
CA ILE G 192 9.61 -44.51 19.32
C ILE G 192 8.30 -44.59 20.10
N TRP G 193 8.29 -45.40 21.14
CA TRP G 193 7.10 -45.54 21.98
C TRP G 193 7.39 -45.10 23.42
N THR G 194 8.16 -44.02 23.55
CA THR G 194 8.52 -43.43 24.84
C THR G 194 8.88 -44.47 25.90
N HIS G 195 9.93 -45.25 25.62
CA HIS G 195 10.49 -46.22 26.56
C HIS G 195 9.51 -47.35 26.91
N SER G 196 8.61 -47.66 25.99
CA SER G 196 7.73 -48.82 26.16
C SER G 196 8.57 -50.09 26.07
N TYR G 197 9.61 -50.03 25.26
CA TYR G 197 10.59 -51.10 25.19
C TYR G 197 11.92 -50.67 25.80
N LYS G 198 12.68 -51.66 26.25
CA LYS G 198 14.08 -51.47 26.58
C LYS G 198 14.86 -52.62 25.94
N VAL G 199 15.65 -52.29 24.92
CA VAL G 199 16.31 -53.32 24.12
C VAL G 199 17.24 -54.16 24.96
N SER G 200 16.84 -55.40 25.23
CA SER G 200 17.67 -56.30 26.03
C SER G 200 18.96 -56.65 25.32
N ASN G 201 20.00 -56.97 26.10
CA ASN G 201 21.25 -57.48 25.55
C ASN G 201 21.06 -58.94 25.16
N TYR G 202 20.16 -59.61 25.88
CA TYR G 202 19.86 -61.02 25.68
C TYR G 202 19.25 -61.25 24.30
N SER G 203 19.54 -62.42 23.73
CA SER G 203 19.01 -62.79 22.41
C SER G 203 17.72 -63.60 22.51
N ARG G 204 17.13 -63.89 21.36
CA ARG G 204 15.88 -64.66 21.31
C ARG G 204 16.05 -66.06 21.89
N GLY G 205 15.08 -66.48 22.69
CA GLY G 205 15.09 -67.81 23.27
C GLY G 205 15.90 -67.93 24.55
N SER G 206 16.25 -66.79 25.13
CA SER G 206 17.08 -66.78 26.33
C SER G 206 16.24 -66.77 27.61
N GLY G 207 14.93 -66.60 27.48
CA GLY G 207 14.04 -66.60 28.63
C GLY G 207 14.26 -65.39 29.52
N ARG G 208 14.95 -64.40 28.96
CA ARG G 208 15.31 -63.20 29.70
C ARG G 208 14.88 -61.97 28.92
N CYS G 209 14.26 -62.21 27.77
CA CYS G 209 13.74 -61.12 26.96
C CYS G 209 12.43 -61.49 26.27
N ILE G 210 11.68 -60.46 25.88
CA ILE G 210 10.37 -60.61 25.30
C ILE G 210 10.46 -60.49 23.78
N GLN G 211 9.93 -61.49 23.09
CA GLN G 211 9.89 -61.47 21.63
C GLN G 211 8.53 -60.98 21.15
N MET G 212 8.52 -60.07 20.17
CA MET G 212 7.26 -59.66 19.57
C MET G 212 6.93 -60.59 18.39
N TRP G 213 7.96 -61.21 17.83
CA TRP G 213 7.77 -62.24 16.81
C TRP G 213 8.03 -63.64 17.35
N PHE G 214 7.07 -64.55 17.14
CA PHE G 214 7.28 -65.95 17.47
C PHE G 214 6.24 -66.83 16.78
N ASP G 215 6.59 -68.11 16.60
CA ASP G 215 5.68 -69.10 16.04
C ASP G 215 4.85 -69.75 17.16
N PRO G 216 3.51 -69.64 17.07
CA PRO G 216 2.61 -70.26 18.03
C PRO G 216 2.66 -71.78 17.99
N ALA G 217 3.03 -72.34 16.84
CA ALA G 217 3.16 -73.78 16.70
C ALA G 217 4.20 -74.33 17.66
N GLN G 218 5.08 -73.46 18.14
CA GLN G 218 6.12 -73.86 19.06
C GLN G 218 5.83 -73.40 20.48
N GLY G 219 4.79 -72.60 20.64
CA GLY G 219 4.37 -72.12 21.95
C GLY G 219 4.85 -70.71 22.26
N ASN G 220 4.14 -70.03 23.16
CA ASN G 220 4.48 -68.66 23.51
C ASN G 220 5.67 -68.59 24.47
N PRO G 221 6.80 -68.04 23.99
CA PRO G 221 8.03 -67.99 24.79
C PRO G 221 8.02 -66.90 25.84
N ASN G 222 7.09 -65.95 25.74
CA ASN G 222 7.02 -64.83 26.67
C ASN G 222 6.47 -65.20 28.05
N GLU G 223 5.81 -66.35 28.13
CA GLU G 223 5.21 -66.81 29.40
C GLU G 223 6.29 -67.09 30.44
N GLU G 224 7.32 -67.80 30.02
CA GLU G 224 8.46 -68.12 30.88
C GLU G 224 9.19 -66.86 31.29
N VAL G 225 9.19 -65.87 30.40
CA VAL G 225 9.90 -64.62 30.62
C VAL G 225 9.14 -63.70 31.58
N ALA G 226 7.82 -63.74 31.53
CA ALA G 226 7.01 -62.95 32.46
C ALA G 226 7.13 -63.51 33.88
N ARG G 227 7.24 -64.83 33.97
CA ARG G 227 7.33 -65.53 35.25
C ARG G 227 8.68 -65.30 35.94
N PHE G 228 9.75 -65.32 35.15
CA PHE G 228 11.10 -65.07 35.65
C PHE G 228 11.21 -63.66 36.23
N TYR G 229 10.51 -62.71 35.63
CA TYR G 229 10.61 -61.32 36.06
C TYR G 229 9.60 -60.95 37.14
N ALA G 230 8.67 -61.86 37.43
CA ALA G 230 7.75 -61.64 38.54
C ALA G 230 8.39 -62.13 39.84
N ALA G 231 9.31 -63.07 39.72
CA ALA G 231 10.00 -63.64 40.88
C ALA G 231 11.19 -62.78 41.32
N ALA G 232 11.58 -61.82 40.49
CA ALA G 232 12.68 -60.91 40.82
C ALA G 232 12.17 -59.69 41.58
N MET G 233 10.87 -59.71 41.90
CA MET G 233 10.22 -58.62 42.60
C MET G 233 9.55 -59.14 43.87
N SER G 234 9.76 -60.43 44.14
CA SER G 234 9.17 -61.11 45.30
C SER G 234 7.65 -60.96 45.32
N THR H 31 -7.90 34.38 26.64
CA THR H 31 -7.00 33.26 26.40
C THR H 31 -7.81 32.00 26.02
N GLU H 32 -7.23 31.06 25.28
CA GLU H 32 -5.85 31.16 24.81
C GLU H 32 -5.67 31.93 23.52
N LEU H 33 -4.51 31.76 22.92
CA LEU H 33 -3.96 32.70 21.96
C LEU H 33 -3.90 32.08 20.56
N LEU H 34 -3.25 30.93 20.42
CA LEU H 34 -3.05 30.36 19.09
C LEU H 34 -4.34 29.92 18.40
N ASN H 35 -4.44 30.20 17.10
CA ASN H 35 -5.62 29.85 16.31
C ASN H 35 -6.90 30.42 16.95
N VAL H 36 -6.96 31.75 17.08
CA VAL H 36 -8.20 32.45 17.49
C VAL H 36 -8.46 33.73 16.70
N CYS H 37 -9.67 34.25 16.89
CA CYS H 37 -10.13 35.41 16.16
C CYS H 37 -10.54 36.54 17.09
N MET H 38 -9.95 37.71 16.87
CA MET H 38 -10.26 38.91 17.62
C MET H 38 -11.69 39.33 17.36
N ASN H 39 -12.24 40.14 18.25
CA ASN H 39 -13.62 40.60 18.10
C ASN H 39 -13.72 41.98 17.46
N ALA H 40 -13.37 42.04 16.16
CA ALA H 40 -13.47 43.30 15.41
C ALA H 40 -14.79 43.40 14.65
N LYS H 41 -14.77 44.20 13.59
CA LYS H 41 -15.99 44.53 12.85
C LYS H 41 -16.48 43.35 12.04
N HIS H 42 -15.56 42.71 11.32
CA HIS H 42 -15.96 41.72 10.34
C HIS H 42 -15.38 40.32 10.58
N HIS H 43 -14.83 40.11 11.77
CA HIS H 43 -14.24 38.81 12.06
C HIS H 43 -15.30 37.75 12.36
N LYS H 44 -14.92 36.48 12.22
CA LYS H 44 -15.74 35.37 12.69
C LYS H 44 -15.52 35.21 14.18
N GLU H 45 -16.31 34.36 14.83
CA GLU H 45 -16.09 34.10 16.25
C GLU H 45 -14.78 33.33 16.44
N LYS H 46 -14.63 32.26 15.67
CA LYS H 46 -13.45 31.41 15.73
C LYS H 46 -13.00 31.06 14.31
N PRO H 47 -11.73 30.65 14.14
CA PRO H 47 -11.18 30.27 12.84
C PRO H 47 -11.94 29.15 12.13
N GLY H 48 -11.46 28.75 10.95
CA GLY H 48 -12.09 27.70 10.17
C GLY H 48 -11.76 27.82 8.69
N PRO H 49 -11.64 26.68 7.99
CA PRO H 49 -11.24 26.63 6.58
C PRO H 49 -12.17 27.45 5.69
N GLU H 50 -11.60 28.09 4.67
CA GLU H 50 -12.37 28.83 3.68
C GLU H 50 -11.67 28.70 2.33
N ASP H 51 -12.07 27.71 1.54
CA ASP H 51 -11.42 27.46 0.27
C ASP H 51 -11.85 28.49 -0.77
N LYS H 52 -12.93 29.21 -0.50
CA LYS H 52 -13.27 30.35 -1.34
C LYS H 52 -12.84 31.69 -0.70
N LEU H 53 -11.54 31.91 -0.64
CA LEU H 53 -11.00 33.22 -0.26
C LEU H 53 -10.41 33.91 -1.49
N HIS H 54 -10.48 35.25 -1.52
CA HIS H 54 -10.10 35.98 -2.73
C HIS H 54 -8.59 36.23 -2.91
N GLU H 55 -8.26 36.84 -4.05
CA GLU H 55 -6.95 36.76 -4.69
C GLU H 55 -5.80 36.80 -3.70
N GLN H 56 -5.62 37.92 -3.01
CA GLN H 56 -4.50 38.05 -2.09
C GLN H 56 -4.77 37.41 -0.74
N CYS H 57 -6.03 37.20 -0.39
CA CYS H 57 -6.34 36.52 0.87
C CYS H 57 -6.11 35.03 0.73
N ARG H 58 -5.81 34.59 -0.49
CA ARG H 58 -5.65 33.17 -0.81
C ARG H 58 -4.83 32.36 0.22
N PRO H 59 -3.67 32.87 0.66
CA PRO H 59 -2.87 32.01 1.55
C PRO H 59 -3.52 31.62 2.89
N TRP H 60 -4.64 32.24 3.25
CA TRP H 60 -5.29 31.87 4.51
C TRP H 60 -6.46 30.92 4.30
N ARG H 61 -6.48 30.25 3.15
CA ARG H 61 -7.57 29.34 2.83
C ARG H 61 -7.64 28.16 3.80
N LYS H 62 -6.48 27.69 4.27
CA LYS H 62 -6.41 26.59 5.22
C LYS H 62 -7.18 26.89 6.50
N ASN H 63 -6.99 28.09 7.03
CA ASN H 63 -7.61 28.47 8.28
C ASN H 63 -7.65 29.97 8.43
N ALA H 64 -8.85 30.54 8.36
CA ALA H 64 -9.03 31.97 8.31
C ALA H 64 -10.03 32.46 9.33
N CYS H 65 -9.98 33.76 9.61
CA CYS H 65 -10.93 34.38 10.51
C CYS H 65 -11.93 35.21 9.71
N CYS H 66 -11.69 35.29 8.39
CA CYS H 66 -12.48 36.14 7.52
C CYS H 66 -13.38 35.34 6.58
N SER H 67 -14.49 35.95 6.18
CA SER H 67 -15.45 35.30 5.28
C SER H 67 -15.06 35.44 3.83
N THR H 68 -15.82 34.76 2.98
CA THR H 68 -15.66 34.85 1.54
C THR H 68 -15.92 36.27 1.07
N ASN H 69 -17.02 36.85 1.58
CA ASN H 69 -17.39 38.22 1.22
C ASN H 69 -16.30 39.19 1.67
N THR H 70 -15.89 39.10 2.94
CA THR H 70 -14.90 40.01 3.49
C THR H 70 -13.62 40.04 2.64
N SER H 71 -13.09 38.87 2.34
CA SER H 71 -11.83 38.78 1.62
C SER H 71 -11.94 39.34 0.21
N GLN H 72 -13.15 39.37 -0.33
CA GLN H 72 -13.36 39.97 -1.65
C GLN H 72 -13.32 41.49 -1.54
N GLU H 73 -13.98 42.00 -0.50
CA GLU H 73 -14.00 43.43 -0.23
C GLU H 73 -12.60 43.97 0.04
N ALA H 74 -11.71 43.11 0.53
CA ALA H 74 -10.33 43.48 0.80
C ALA H 74 -9.67 44.15 -0.39
N HIS H 75 -10.06 43.71 -1.59
CA HIS H 75 -9.41 44.16 -2.82
C HIS H 75 -10.08 45.38 -3.44
N LYS H 76 -11.24 45.76 -2.93
CA LYS H 76 -12.07 46.76 -3.58
C LYS H 76 -11.84 48.18 -3.02
N ASP H 77 -11.97 49.18 -3.90
CA ASP H 77 -11.83 50.58 -3.50
C ASP H 77 -13.08 51.09 -2.79
N VAL H 78 -12.90 51.72 -1.63
CA VAL H 78 -14.02 52.16 -0.80
C VAL H 78 -14.89 50.95 -0.50
N SER H 79 -14.25 49.91 0.02
CA SER H 79 -14.87 48.61 0.22
C SER H 79 -16.06 48.62 1.16
N TYR H 80 -16.79 47.50 1.20
CA TYR H 80 -17.93 47.35 2.09
C TYR H 80 -17.48 47.30 3.55
N LEU H 81 -16.21 46.92 3.74
CA LEU H 81 -15.66 46.73 5.08
C LEU H 81 -15.69 48.00 5.92
N TYR H 82 -15.09 49.07 5.41
CA TYR H 82 -15.01 50.31 6.18
C TYR H 82 -15.25 51.53 5.30
N ARG H 83 -15.49 51.27 4.02
CA ARG H 83 -15.63 52.31 3.00
C ARG H 83 -14.43 53.21 3.01
N PHE H 84 -13.25 52.61 3.19
CA PHE H 84 -12.03 53.38 3.27
C PHE H 84 -11.49 53.72 1.88
N ASN H 85 -11.15 54.99 1.69
CA ASN H 85 -10.66 55.49 0.42
C ASN H 85 -9.13 55.48 0.32
N TRP H 86 -8.59 54.52 -0.42
CA TRP H 86 -7.15 54.47 -0.68
C TRP H 86 -6.73 55.62 -1.57
N ASN H 87 -7.70 56.19 -2.27
CA ASN H 87 -7.42 57.21 -3.26
C ASN H 87 -7.81 58.59 -2.75
N HIS H 88 -7.41 58.91 -1.52
CA HIS H 88 -7.75 60.20 -0.92
C HIS H 88 -6.88 61.31 -1.45
N CYS H 89 -5.80 60.93 -2.13
CA CYS H 89 -4.93 61.89 -2.77
C CYS H 89 -4.61 61.45 -4.18
N GLY H 90 -5.61 61.49 -5.05
CA GLY H 90 -5.46 60.94 -6.39
C GLY H 90 -5.36 59.42 -6.37
N GLU H 91 -5.17 58.82 -7.53
CA GLU H 91 -5.15 57.36 -7.61
C GLU H 91 -3.88 56.79 -6.98
N MET H 92 -4.04 56.08 -5.87
CA MET H 92 -2.89 55.40 -5.26
C MET H 92 -2.38 54.28 -6.16
N ALA H 93 -1.09 54.33 -6.45
CA ALA H 93 -0.43 53.32 -7.29
C ALA H 93 -0.72 51.89 -6.85
N PRO H 94 -1.11 51.03 -7.80
CA PRO H 94 -1.46 49.65 -7.48
C PRO H 94 -0.31 48.88 -6.84
N ALA H 95 0.92 49.20 -7.23
CA ALA H 95 2.09 48.57 -6.62
C ALA H 95 2.16 48.91 -5.14
N CYS H 96 1.43 49.96 -4.73
CA CYS H 96 1.32 50.33 -3.34
C CYS H 96 0.04 49.76 -2.75
N LYS H 97 -1.08 49.97 -3.43
CA LYS H 97 -2.38 49.53 -2.94
C LYS H 97 -2.39 48.03 -2.61
N ARG H 98 -1.58 47.24 -3.33
CA ARG H 98 -1.49 45.80 -3.07
C ARG H 98 -1.11 45.53 -1.62
N HIS H 99 -0.19 46.32 -1.09
CA HIS H 99 0.24 46.14 0.29
C HIS H 99 -0.87 46.42 1.29
N PHE H 100 -1.71 47.39 0.97
CA PHE H 100 -2.82 47.72 1.87
C PHE H 100 -3.87 46.62 1.85
N ILE H 101 -4.06 46.03 0.66
CA ILE H 101 -4.93 44.87 0.53
C ILE H 101 -4.42 43.77 1.44
N GLN H 102 -3.13 43.43 1.26
CA GLN H 102 -2.51 42.36 2.01
C GLN H 102 -2.66 42.58 3.49
N ASP H 103 -2.47 43.82 3.91
CA ASP H 103 -2.65 44.15 5.30
C ASP H 103 -4.08 43.82 5.72
N THR H 104 -5.06 44.26 4.94
CA THR H 104 -6.46 43.93 5.22
C THR H 104 -6.59 42.43 5.43
N CYS H 105 -6.05 41.66 4.50
CA CYS H 105 -6.08 40.20 4.61
C CYS H 105 -5.51 39.74 5.94
N LEU H 106 -4.26 40.09 6.23
CA LEU H 106 -3.59 39.64 7.45
C LEU H 106 -4.34 40.06 8.71
N TYR H 107 -4.95 41.24 8.68
CA TYR H 107 -5.69 41.73 9.85
C TYR H 107 -7.02 41.00 9.98
N GLU H 108 -7.67 40.78 8.85
CA GLU H 108 -9.02 40.23 8.84
C GLU H 108 -9.03 38.71 8.87
N CYS H 109 -7.95 38.10 8.39
CA CYS H 109 -7.96 36.65 8.19
C CYS H 109 -7.09 35.86 9.17
N SER H 110 -5.96 36.42 9.59
CA SER H 110 -5.01 35.64 10.37
C SER H 110 -5.57 35.27 11.73
N PRO H 111 -5.49 33.97 12.06
CA PRO H 111 -5.88 33.42 13.35
C PRO H 111 -4.74 33.46 14.34
N ASN H 112 -3.55 33.79 13.83
CA ASN H 112 -2.33 33.70 14.60
C ASN H 112 -1.91 35.02 15.22
N LEU H 113 -2.83 35.96 15.33
CA LEU H 113 -2.49 37.26 15.88
C LEU H 113 -2.84 37.36 17.36
N GLY H 114 -3.41 36.28 17.91
CA GLY H 114 -3.76 36.19 19.32
C GLY H 114 -2.95 36.96 20.35
N PRO H 115 -1.63 36.67 20.45
CA PRO H 115 -0.74 37.23 21.47
C PRO H 115 -0.74 38.76 21.58
N TRP H 116 -1.31 39.44 20.58
CA TRP H 116 -1.26 40.89 20.54
C TRP H 116 -2.64 41.51 20.60
N ILE H 117 -3.66 40.66 20.71
CA ILE H 117 -5.04 41.12 20.77
C ILE H 117 -5.31 41.80 22.12
N GLN H 118 -5.97 42.95 22.09
CA GLN H 118 -6.31 43.66 23.32
C GLN H 118 -7.69 44.29 23.30
N GLN H 119 -8.30 44.32 24.48
CA GLN H 119 -9.63 44.89 24.60
C GLN H 119 -9.61 46.40 24.43
N VAL H 120 -10.10 46.89 23.29
CA VAL H 120 -10.47 48.31 23.19
C VAL H 120 -11.97 48.45 22.91
N ASP H 121 -12.68 49.21 23.74
CA ASP H 121 -14.13 49.23 23.55
C ASP H 121 -14.59 50.49 22.85
N GLN H 122 -14.50 50.43 21.53
CA GLN H 122 -14.98 51.48 20.62
C GLN H 122 -16.13 51.02 19.75
N SER H 123 -16.64 51.96 18.95
CA SER H 123 -17.90 51.82 18.24
C SER H 123 -17.95 50.64 17.29
N TRP H 124 -16.83 50.31 16.66
CA TRP H 124 -16.87 49.30 15.61
C TRP H 124 -16.05 48.05 15.95
N ARG H 125 -15.28 48.08 17.03
CA ARG H 125 -14.61 46.86 17.46
C ARG H 125 -14.42 46.82 18.97
N LYS H 126 -14.61 45.62 19.55
CA LYS H 126 -14.49 45.41 20.98
C LYS H 126 -13.07 44.97 21.26
N GLU H 127 -12.34 44.67 20.18
CA GLU H 127 -10.96 44.24 20.28
C GLU H 127 -10.14 44.72 19.08
N ARG H 128 -8.82 44.72 19.22
CA ARG H 128 -7.90 44.98 18.11
C ARG H 128 -6.51 44.45 18.43
N VAL H 129 -5.63 44.44 17.43
CA VAL H 129 -4.25 44.01 17.65
C VAL H 129 -3.36 45.22 17.86
N LEU H 130 -2.29 45.03 18.63
CA LEU H 130 -1.39 46.12 19.01
C LEU H 130 0.03 45.62 19.07
N ASN H 131 0.91 46.29 18.33
CA ASN H 131 2.33 46.02 18.33
C ASN H 131 2.67 44.64 17.78
N VAL H 132 2.03 44.30 16.65
CA VAL H 132 2.35 43.09 15.92
C VAL H 132 3.74 43.23 15.29
N PRO H 133 4.65 42.30 15.60
CA PRO H 133 6.05 42.36 15.15
C PRO H 133 6.20 42.07 13.65
N LEU H 134 5.81 43.04 12.82
CA LEU H 134 5.87 42.88 11.37
C LEU H 134 7.30 42.72 10.91
N CYS H 135 7.54 41.74 10.04
CA CYS H 135 8.90 41.48 9.56
C CYS H 135 9.47 42.67 8.81
N LYS H 136 10.77 42.88 8.97
CA LYS H 136 11.46 44.05 8.44
C LYS H 136 11.22 44.23 6.95
N GLU H 137 11.40 43.17 6.18
CA GLU H 137 11.29 43.24 4.74
C GLU H 137 9.86 43.51 4.30
N ASP H 138 8.90 43.05 5.10
CA ASP H 138 7.50 43.32 4.80
C ASP H 138 7.29 44.81 4.90
N CYS H 139 7.82 45.36 5.98
CA CYS H 139 7.67 46.78 6.25
C CYS H 139 8.41 47.61 5.21
N GLU H 140 9.65 47.22 4.94
CA GLU H 140 10.49 47.99 4.02
C GLU H 140 9.91 48.05 2.61
N GLN H 141 9.44 46.91 2.11
CA GLN H 141 8.86 46.86 0.77
C GLN H 141 7.60 47.71 0.68
N TRP H 142 6.75 47.58 1.70
CA TRP H 142 5.52 48.35 1.79
C TRP H 142 5.82 49.82 1.60
N TRP H 143 6.76 50.29 2.40
CA TRP H 143 7.25 51.66 2.34
C TRP H 143 7.77 51.98 0.95
N GLU H 144 8.71 51.16 0.48
CA GLU H 144 9.35 51.38 -0.80
C GLU H 144 8.37 51.42 -1.98
N ASP H 145 7.33 50.60 -1.93
CA ASP H 145 6.41 50.54 -3.05
C ASP H 145 5.46 51.75 -3.02
N CYS H 146 5.35 52.38 -1.88
CA CYS H 146 4.44 53.51 -1.76
C CYS H 146 5.11 54.85 -2.07
N ARG H 147 6.41 54.81 -2.35
CA ARG H 147 7.20 56.00 -2.71
C ARG H 147 6.54 56.89 -3.76
N THR H 148 5.86 56.28 -4.72
CA THR H 148 5.23 57.01 -5.82
C THR H 148 3.84 57.55 -5.49
N SER H 149 3.20 56.96 -4.49
CA SER H 149 1.83 57.35 -4.16
C SER H 149 1.76 58.60 -3.30
N TYR H 150 0.56 58.99 -2.91
CA TYR H 150 0.34 60.23 -2.19
C TYR H 150 -0.63 60.05 -1.05
N THR H 151 -0.45 60.83 0.01
CA THR H 151 -1.38 60.84 1.14
C THR H 151 -1.35 62.18 1.87
N CYS H 152 -2.28 62.37 2.79
CA CYS H 152 -2.42 63.66 3.42
C CYS H 152 -2.49 63.55 4.94
N LYS H 153 -2.27 62.35 5.45
CA LYS H 153 -2.30 62.12 6.89
C LYS H 153 -1.25 61.09 7.27
N SER H 154 -0.94 61.00 8.55
CA SER H 154 0.05 60.04 9.00
C SER H 154 -0.57 59.10 10.02
N ASN H 155 -1.75 59.47 10.50
CA ASN H 155 -2.58 58.59 11.32
C ASN H 155 -3.87 58.37 10.56
N TRP H 156 -4.06 57.16 10.05
CA TRP H 156 -5.18 56.85 9.16
C TRP H 156 -6.44 56.36 9.91
N HIS H 157 -6.32 56.15 11.21
CA HIS H 157 -7.44 55.65 12.01
C HIS H 157 -8.36 56.74 12.52
N LYS H 158 -7.81 57.94 12.74
CA LYS H 158 -8.60 59.06 13.21
C LYS H 158 -8.28 60.34 12.41
N GLY H 159 -9.30 61.12 12.10
CA GLY H 159 -9.09 62.45 11.53
C GLY H 159 -9.75 62.77 10.20
N TRP H 160 -10.33 61.77 9.54
CA TRP H 160 -10.87 62.01 8.21
C TRP H 160 -12.26 62.66 8.20
N ASN H 161 -12.57 63.38 7.13
CA ASN H 161 -13.92 63.91 6.88
C ASN H 161 -14.80 62.88 6.19
N TRP H 162 -15.72 62.30 6.94
CA TRP H 162 -16.57 61.21 6.46
C TRP H 162 -17.95 61.63 5.92
N THR H 163 -18.14 62.93 5.73
CA THR H 163 -19.43 63.44 5.30
C THR H 163 -19.86 62.89 3.96
N SER H 164 -18.90 62.79 3.05
CA SER H 164 -19.18 62.28 1.72
C SER H 164 -19.52 60.79 1.71
N GLY H 165 -19.55 60.17 2.89
CA GLY H 165 -19.85 58.77 3.00
C GLY H 165 -18.58 57.94 3.11
N PHE H 166 -17.51 58.46 2.55
CA PHE H 166 -16.21 57.83 2.70
C PHE H 166 -15.20 58.85 3.20
N ASN H 167 -14.05 58.39 3.67
CA ASN H 167 -13.05 59.31 4.22
C ASN H 167 -12.47 60.20 3.13
N LYS H 168 -12.55 61.51 3.35
CA LYS H 168 -11.87 62.48 2.51
C LYS H 168 -10.87 63.22 3.38
N CYS H 169 -10.00 64.00 2.76
CA CYS H 169 -8.92 64.64 3.52
C CYS H 169 -9.43 65.66 4.53
N ALA H 170 -8.77 65.68 5.69
CA ALA H 170 -9.13 66.65 6.72
C ALA H 170 -8.74 68.07 6.31
N VAL H 171 -7.54 68.19 5.74
CA VAL H 171 -7.09 69.48 5.21
C VAL H 171 -6.79 69.36 3.72
N GLY H 172 -7.62 70.01 2.91
CA GLY H 172 -7.52 69.88 1.46
C GLY H 172 -6.12 69.89 0.90
N ALA H 173 -5.33 70.91 1.25
CA ALA H 173 -4.04 71.10 0.61
C ALA H 173 -2.92 70.38 1.33
N ALA H 174 -3.27 69.38 2.14
CA ALA H 174 -2.25 68.65 2.91
C ALA H 174 -1.62 67.48 2.14
N CYS H 175 -1.85 67.41 0.83
CA CYS H 175 -1.49 66.22 0.06
C CYS H 175 -0.06 66.20 -0.48
N GLN H 176 0.76 65.38 0.15
CA GLN H 176 2.19 65.29 -0.16
C GLN H 176 2.57 63.87 -0.58
N PRO H 177 3.80 63.69 -1.08
CA PRO H 177 4.22 62.31 -1.35
C PRO H 177 4.24 61.45 -0.09
N PHE H 178 4.10 60.15 -0.27
CA PHE H 178 3.88 59.21 0.82
C PHE H 178 5.01 59.22 1.84
N HIS H 179 6.21 59.51 1.36
CA HIS H 179 7.37 59.49 2.25
C HIS H 179 7.48 60.77 3.04
N PHE H 180 6.61 61.73 2.73
CA PHE H 180 6.59 62.99 3.46
C PHE H 180 5.93 62.79 4.81
N TYR H 181 4.86 62.01 4.87
CA TYR H 181 4.21 61.70 6.13
C TYR H 181 4.82 60.45 6.76
N PHE H 182 5.49 59.66 5.94
CA PHE H 182 6.14 58.47 6.46
C PHE H 182 7.60 58.44 6.01
N PRO H 183 8.48 59.08 6.80
CA PRO H 183 9.89 59.35 6.47
C PRO H 183 10.75 58.08 6.47
N THR H 184 10.41 57.12 7.32
CA THR H 184 11.08 55.83 7.32
C THR H 184 10.05 54.72 7.12
N PRO H 185 10.51 53.51 6.81
CA PRO H 185 9.58 52.39 6.78
C PRO H 185 8.89 52.21 8.13
N THR H 186 9.68 52.29 9.19
CA THR H 186 9.16 52.02 10.52
C THR H 186 8.12 53.04 11.01
N VAL H 187 8.15 54.24 10.45
CA VAL H 187 7.11 55.22 10.75
C VAL H 187 5.83 54.82 10.05
N LEU H 188 5.96 54.42 8.78
CA LEU H 188 4.83 53.92 8.00
C LEU H 188 4.09 52.85 8.78
N CYS H 189 4.73 51.69 8.94
CA CYS H 189 4.09 50.52 9.50
C CYS H 189 3.55 50.75 10.91
N ASN H 190 4.32 51.45 11.75
CA ASN H 190 3.91 51.65 13.14
C ASN H 190 2.77 52.67 13.31
N GLU H 191 2.90 53.83 12.65
CA GLU H 191 1.96 54.93 12.86
C GLU H 191 0.67 54.85 12.05
N ILE H 192 0.73 54.26 10.86
CA ILE H 192 -0.39 54.38 9.92
C ILE H 192 -1.69 53.79 10.48
N TRP H 193 -1.56 52.76 11.30
CA TRP H 193 -2.72 52.16 11.94
C TRP H 193 -2.56 52.18 13.45
N THR H 194 -2.11 53.32 13.98
CA THR H 194 -2.05 53.56 15.42
C THR H 194 -1.43 52.43 16.23
N HIS H 195 -0.21 52.05 15.86
CA HIS H 195 0.57 51.04 16.56
C HIS H 195 -0.06 49.65 16.51
N SER H 196 -0.76 49.34 15.42
CA SER H 196 -1.22 47.97 15.21
C SER H 196 -0.02 47.11 14.86
N TYR H 197 0.99 47.75 14.27
CA TYR H 197 2.29 47.12 14.10
C TYR H 197 3.34 47.74 15.01
N LYS H 198 4.37 46.95 15.28
CA LYS H 198 5.60 47.42 15.91
C LYS H 198 6.73 46.72 15.19
N VAL H 199 7.28 47.38 14.18
CA VAL H 199 8.21 46.76 13.25
C VAL H 199 9.38 46.13 13.99
N SER H 200 9.48 44.81 13.92
CA SER H 200 10.63 44.13 14.51
C SER H 200 11.79 44.12 13.51
N ASN H 201 13.00 44.34 14.00
CA ASN H 201 14.19 44.38 13.15
C ASN H 201 14.68 42.98 12.81
N TYR H 202 13.90 41.97 13.22
CA TYR H 202 14.07 40.60 12.75
C TYR H 202 13.66 40.51 11.29
N SER H 203 14.15 39.50 10.59
CA SER H 203 13.86 39.38 9.17
C SER H 203 12.96 38.20 8.89
N ARG H 204 12.47 38.13 7.65
CA ARG H 204 11.57 37.06 7.24
C ARG H 204 12.20 35.67 7.41
N GLY H 205 11.39 34.70 7.85
CA GLY H 205 11.87 33.35 8.07
C GLY H 205 12.77 33.20 9.28
N SER H 206 12.56 34.06 10.27
CA SER H 206 13.32 33.95 11.52
C SER H 206 12.41 33.37 12.58
N GLY H 207 11.14 33.15 12.23
CA GLY H 207 10.15 32.66 13.17
C GLY H 207 10.03 33.56 14.39
N ARG H 208 10.40 34.82 14.22
CA ARG H 208 10.43 35.78 15.31
C ARG H 208 9.66 37.05 14.96
N CYS H 209 9.12 37.08 13.75
CA CYS H 209 8.35 38.23 13.29
C CYS H 209 7.24 37.80 12.34
N ILE H 210 6.14 38.52 12.36
CA ILE H 210 4.97 38.19 11.56
C ILE H 210 5.18 38.58 10.11
N GLN H 211 4.91 37.64 9.20
CA GLN H 211 4.98 37.92 7.77
C GLN H 211 3.61 38.35 7.24
N MET H 212 3.62 39.35 6.37
CA MET H 212 2.40 39.90 5.80
C MET H 212 2.13 39.23 4.46
N TRP H 213 3.21 38.96 3.74
CA TRP H 213 3.18 38.13 2.54
C TRP H 213 3.82 36.78 2.83
N PHE H 214 3.24 35.71 2.33
CA PHE H 214 3.91 34.42 2.36
C PHE H 214 3.34 33.50 1.28
N ASP H 215 4.19 32.60 0.80
CA ASP H 215 3.77 31.57 -0.13
C ASP H 215 3.13 30.42 0.66
N PRO H 216 1.81 30.25 0.49
CA PRO H 216 1.03 29.26 1.24
C PRO H 216 1.50 27.84 1.00
N ALA H 217 2.13 27.60 -0.14
CA ALA H 217 2.64 26.28 -0.48
C ALA H 217 3.86 25.93 0.38
N GLN H 218 4.32 26.87 1.18
CA GLN H 218 5.41 26.62 2.12
C GLN H 218 4.88 26.72 3.56
N GLY H 219 3.56 26.73 3.70
CA GLY H 219 2.91 26.77 5.00
C GLY H 219 2.92 28.13 5.69
N ASN H 220 1.99 28.32 6.63
CA ASN H 220 1.84 29.59 7.34
C ASN H 220 2.95 29.82 8.36
N PRO H 221 3.89 30.73 8.06
CA PRO H 221 5.07 30.91 8.88
C PRO H 221 4.77 31.59 10.21
N ASN H 222 3.55 32.10 10.35
CA ASN H 222 3.15 32.86 11.54
C ASN H 222 2.64 32.00 12.70
N GLU H 223 2.28 30.75 12.41
CA GLU H 223 1.73 29.85 13.42
C GLU H 223 2.79 29.58 14.48
N GLU H 224 4.03 29.42 14.02
CA GLU H 224 5.17 29.22 14.89
C GLU H 224 5.50 30.50 15.66
N VAL H 225 5.37 31.64 14.97
CA VAL H 225 5.65 32.94 15.58
C VAL H 225 4.72 33.21 16.74
N ALA H 226 3.42 33.12 16.47
CA ALA H 226 2.40 33.26 17.50
C ALA H 226 2.70 32.38 18.70
N ARG H 227 2.98 31.10 18.43
CA ARG H 227 3.28 30.14 19.48
C ARG H 227 4.41 30.62 20.37
N PHE H 228 5.50 31.06 19.75
CA PHE H 228 6.67 31.53 20.47
C PHE H 228 6.34 32.70 21.41
N TYR H 229 5.69 33.72 20.87
CA TYR H 229 5.36 34.90 21.68
C TYR H 229 4.26 34.60 22.69
N ALA H 230 3.41 33.63 22.37
CA ALA H 230 2.30 33.26 23.25
C ALA H 230 2.81 32.62 24.54
N ALA H 231 3.82 31.76 24.40
CA ALA H 231 4.42 31.12 25.56
C ALA H 231 5.13 32.14 26.44
N ALA H 232 5.88 33.04 25.79
CA ALA H 232 6.73 34.00 26.47
C ALA H 232 5.96 35.06 27.28
N MET H 233 4.63 35.08 27.14
CA MET H 233 3.79 36.00 27.90
C MET H 233 2.74 35.25 28.70
#